data_2MSS
# 
_entry.id   2MSS 
# 
_audit_conform.dict_name       mmcif_pdbx.dic 
_audit_conform.dict_version    5.383 
_audit_conform.dict_location   http://mmcif.pdb.org/dictionaries/ascii/mmcif_pdbx.dic 
# 
loop_
_database_2.database_id 
_database_2.database_code 
_database_2.pdbx_database_accession 
_database_2.pdbx_DOI 
PDB   2MSS         pdb_00002mss 10.2210/pdb2mss/pdb 
RCSB  RCSB001088   ?            ?                   
WWPDB D_1000001088 ?            ?                   
# 
loop_
_pdbx_audit_revision_history.ordinal 
_pdbx_audit_revision_history.data_content_type 
_pdbx_audit_revision_history.major_revision 
_pdbx_audit_revision_history.minor_revision 
_pdbx_audit_revision_history.revision_date 
1 'Structure model' 1 0 2000-05-19 
2 'Structure model' 1 1 2008-04-26 
3 'Structure model' 1 2 2011-07-13 
4 'Structure model' 1 3 2022-03-16 
5 'Structure model' 1 4 2023-12-27 
# 
_pdbx_audit_revision_details.ordinal             1 
_pdbx_audit_revision_details.revision_ordinal    1 
_pdbx_audit_revision_details.data_content_type   'Structure model' 
_pdbx_audit_revision_details.provider            repository 
_pdbx_audit_revision_details.type                'Initial release' 
_pdbx_audit_revision_details.description         ? 
_pdbx_audit_revision_details.details             ? 
# 
loop_
_pdbx_audit_revision_group.ordinal 
_pdbx_audit_revision_group.revision_ordinal 
_pdbx_audit_revision_group.data_content_type 
_pdbx_audit_revision_group.group 
1 2 'Structure model' 'Version format compliance' 
2 3 'Structure model' 'Version format compliance' 
3 4 'Structure model' 'Database references'       
4 4 'Structure model' 'Derived calculations'      
5 5 'Structure model' 'Data collection'           
# 
loop_
_pdbx_audit_revision_category.ordinal 
_pdbx_audit_revision_category.revision_ordinal 
_pdbx_audit_revision_category.data_content_type 
_pdbx_audit_revision_category.category 
1 4 'Structure model' database_2            
2 4 'Structure model' pdbx_struct_assembly  
3 4 'Structure model' pdbx_struct_oper_list 
4 5 'Structure model' chem_comp_atom        
5 5 'Structure model' chem_comp_bond        
# 
loop_
_pdbx_audit_revision_item.ordinal 
_pdbx_audit_revision_item.revision_ordinal 
_pdbx_audit_revision_item.data_content_type 
_pdbx_audit_revision_item.item 
1 4 'Structure model' '_database_2.pdbx_DOI'                
2 4 'Structure model' '_database_2.pdbx_database_accession' 
# 
_pdbx_database_status.status_code                     REL 
_pdbx_database_status.entry_id                        2MSS 
_pdbx_database_status.recvd_initial_deposition_date   1999-05-19 
_pdbx_database_status.deposit_site                    BNL 
_pdbx_database_status.process_site                    RCSB 
_pdbx_database_status.SG_entry                        . 
_pdbx_database_status.pdb_format_compatible           Y 
_pdbx_database_status.status_code_mr                  ? 
_pdbx_database_status.status_code_sf                  ? 
_pdbx_database_status.status_code_cs                  ? 
_pdbx_database_status.status_code_nmr_data            ? 
_pdbx_database_status.methods_development_category    ? 
# 
_pdbx_database_related.db_name        PDB 
_pdbx_database_related.db_id          2MST 
_pdbx_database_related.details        . 
_pdbx_database_related.content_type   unspecified 
# 
loop_
_audit_author.name 
_audit_author.pdbx_ordinal 
'Nagata, T.'     1 
'Kanno, R.'      2 
'Kurihara, Y.'   3 
'Uesugi, S.'     4 
'Imai, T.'       5 
'Sakakibara, S.' 6 
'Okano, H.'      7 
'Katahira, M.'   8 
# 
loop_
_citation.id 
_citation.title 
_citation.journal_abbrev 
_citation.journal_volume 
_citation.page_first 
_citation.page_last 
_citation.year 
_citation.journal_id_ASTM 
_citation.country 
_citation.journal_id_ISSN 
_citation.journal_id_CSD 
_citation.book_publisher 
_citation.pdbx_database_id_PubMed 
_citation.pdbx_database_id_DOI 
primary 
;Structure, backbone dynamics and interactions with RNA of the C-terminal RNA-binding domain of a mouse neural RNA-binding protein, Musashi1.
;
J.Mol.Biol. 287 315 330 1999 JMOBAK UK 0022-2836 0070 ? 10080895 10.1006/jmbi.1999.2596          
1       
;Structural Properties and RNA-Binding Activities of Two RNA Recognition Motifs of a Mouse Neural RNA-Binding Protein, Mouse-Musashi-1
;
Gene        186 21  27  1997 GENED6 NE 0378-1119 0861 ? ?        '10.1016/S0378-1119(96)00673-7' 
# 
loop_
_citation_author.citation_id 
_citation_author.name 
_citation_author.ordinal 
_citation_author.identifier_ORCID 
primary 'Nagata, T.'     1  ? 
primary 'Kanno, R.'      2  ? 
primary 'Kurihara, Y.'   3  ? 
primary 'Uesugi, S.'     4  ? 
primary 'Imai, T.'       5  ? 
primary 'Sakakibara, S.' 6  ? 
primary 'Okano, H.'      7  ? 
primary 'Katahira, M.'   8  ? 
1       'Kurihara, Y.'   9  ? 
1       'Nagata, T.'     10 ? 
1       'Imai, T.'       11 ? 
1       'Hiwatashi, A.'  12 ? 
1       'Horiuchi, M.'   13 ? 
1       'Sakakibara, S.' 14 ? 
1       'Katahira, M.'   15 ? 
1       'Okano, H.'      16 ? 
1       'Uesugi, S.'     17 ? 
# 
_entity.id                         1 
_entity.type                       polymer 
_entity.src_method                 man 
_entity.pdbx_description           'PROTEIN (MUSASHI1)' 
_entity.formula_weight             8729.970 
_entity.pdbx_number_of_molecules   1 
_entity.pdbx_ec                    ? 
_entity.pdbx_mutation              ? 
_entity.pdbx_fragment              'RNA-BINDING DOMAIN' 
_entity.details                    ? 
# 
_entity_poly.entity_id                      1 
_entity_poly.type                           'polypeptide(L)' 
_entity_poly.nstd_linkage                   no 
_entity_poly.nstd_monomer                   no 
_entity_poly.pdbx_seq_one_letter_code       KIFVGGLSVNTTVEDVKHYFEQFGKVDDAMLMFDKTTNRHRGFGFVTFESEDIVEKVCEIHFHEINNKMVECKKA 
_entity_poly.pdbx_seq_one_letter_code_can   KIFVGGLSVNTTVEDVKHYFEQFGKVDDAMLMFDKTTNRHRGFGFVTFESEDIVEKVCEIHFHEINNKMVECKKA 
_entity_poly.pdbx_strand_id                 A 
_entity_poly.pdbx_target_identifier         ? 
# 
loop_
_entity_poly_seq.entity_id 
_entity_poly_seq.num 
_entity_poly_seq.mon_id 
_entity_poly_seq.hetero 
1 1  LYS n 
1 2  ILE n 
1 3  PHE n 
1 4  VAL n 
1 5  GLY n 
1 6  GLY n 
1 7  LEU n 
1 8  SER n 
1 9  VAL n 
1 10 ASN n 
1 11 THR n 
1 12 THR n 
1 13 VAL n 
1 14 GLU n 
1 15 ASP n 
1 16 VAL n 
1 17 LYS n 
1 18 HIS n 
1 19 TYR n 
1 20 PHE n 
1 21 GLU n 
1 22 GLN n 
1 23 PHE n 
1 24 GLY n 
1 25 LYS n 
1 26 VAL n 
1 27 ASP n 
1 28 ASP n 
1 29 ALA n 
1 30 MET n 
1 31 LEU n 
1 32 MET n 
1 33 PHE n 
1 34 ASP n 
1 35 LYS n 
1 36 THR n 
1 37 THR n 
1 38 ASN n 
1 39 ARG n 
1 40 HIS n 
1 41 ARG n 
1 42 GLY n 
1 43 PHE n 
1 44 GLY n 
1 45 PHE n 
1 46 VAL n 
1 47 THR n 
1 48 PHE n 
1 49 GLU n 
1 50 SER n 
1 51 GLU n 
1 52 ASP n 
1 53 ILE n 
1 54 VAL n 
1 55 GLU n 
1 56 LYS n 
1 57 VAL n 
1 58 CYS n 
1 59 GLU n 
1 60 ILE n 
1 61 HIS n 
1 62 PHE n 
1 63 HIS n 
1 64 GLU n 
1 65 ILE n 
1 66 ASN n 
1 67 ASN n 
1 68 LYS n 
1 69 MET n 
1 70 VAL n 
1 71 GLU n 
1 72 CYS n 
1 73 LYS n 
1 74 LYS n 
1 75 ALA n 
# 
_entity_src_gen.entity_id                          1 
_entity_src_gen.pdbx_src_id                        1 
_entity_src_gen.pdbx_alt_source_flag               sample 
_entity_src_gen.pdbx_seq_type                      ? 
_entity_src_gen.pdbx_beg_seq_num                   ? 
_entity_src_gen.pdbx_end_seq_num                   ? 
_entity_src_gen.gene_src_common_name               'house mouse' 
_entity_src_gen.gene_src_genus                     Mus 
_entity_src_gen.pdbx_gene_src_gene                 ? 
_entity_src_gen.gene_src_species                   ? 
_entity_src_gen.gene_src_strain                    ? 
_entity_src_gen.gene_src_tissue                    ? 
_entity_src_gen.gene_src_tissue_fraction           ? 
_entity_src_gen.gene_src_details                   ? 
_entity_src_gen.pdbx_gene_src_fragment             ? 
_entity_src_gen.pdbx_gene_src_scientific_name      'Mus musculus' 
_entity_src_gen.pdbx_gene_src_ncbi_taxonomy_id     10090 
_entity_src_gen.pdbx_gene_src_variant              ? 
_entity_src_gen.pdbx_gene_src_cell_line            ? 
_entity_src_gen.pdbx_gene_src_atcc                 ? 
_entity_src_gen.pdbx_gene_src_organ                ? 
_entity_src_gen.pdbx_gene_src_organelle            ? 
_entity_src_gen.pdbx_gene_src_cell                 ? 
_entity_src_gen.pdbx_gene_src_cellular_location    ? 
_entity_src_gen.host_org_common_name               ? 
_entity_src_gen.pdbx_host_org_scientific_name      'Escherichia coli BL21(DE3)' 
_entity_src_gen.pdbx_host_org_ncbi_taxonomy_id     469008 
_entity_src_gen.host_org_genus                     Escherichia 
_entity_src_gen.pdbx_host_org_gene                 PET3A 
_entity_src_gen.pdbx_host_org_organ                ? 
_entity_src_gen.host_org_species                   'Escherichia coli' 
_entity_src_gen.pdbx_host_org_tissue               ? 
_entity_src_gen.pdbx_host_org_tissue_fraction      ? 
_entity_src_gen.pdbx_host_org_strain               'BL21(DE3)' 
_entity_src_gen.pdbx_host_org_variant              ? 
_entity_src_gen.pdbx_host_org_cell_line            ? 
_entity_src_gen.pdbx_host_org_atcc                 ? 
_entity_src_gen.pdbx_host_org_culture_collection   ? 
_entity_src_gen.pdbx_host_org_cell                 'BL21(DE3)' 
_entity_src_gen.pdbx_host_org_organelle            ? 
_entity_src_gen.pdbx_host_org_cellular_location    ? 
_entity_src_gen.pdbx_host_org_vector_type          ? 
_entity_src_gen.pdbx_host_org_vector               PET3A 
_entity_src_gen.host_org_details                   ? 
_entity_src_gen.expression_system_id               ? 
_entity_src_gen.plasmid_name                       ? 
_entity_src_gen.plasmid_details                    ? 
_entity_src_gen.pdbx_description                   PCR 
# 
loop_
_chem_comp.id 
_chem_comp.type 
_chem_comp.mon_nstd_flag 
_chem_comp.name 
_chem_comp.pdbx_synonyms 
_chem_comp.formula 
_chem_comp.formula_weight 
ALA 'L-peptide linking' y ALANINE         ? 'C3 H7 N O2'     89.093  
ARG 'L-peptide linking' y ARGININE        ? 'C6 H15 N4 O2 1' 175.209 
ASN 'L-peptide linking' y ASPARAGINE      ? 'C4 H8 N2 O3'    132.118 
ASP 'L-peptide linking' y 'ASPARTIC ACID' ? 'C4 H7 N O4'     133.103 
CYS 'L-peptide linking' y CYSTEINE        ? 'C3 H7 N O2 S'   121.158 
GLN 'L-peptide linking' y GLUTAMINE       ? 'C5 H10 N2 O3'   146.144 
GLU 'L-peptide linking' y 'GLUTAMIC ACID' ? 'C5 H9 N O4'     147.129 
GLY 'peptide linking'   y GLYCINE         ? 'C2 H5 N O2'     75.067  
HIS 'L-peptide linking' y HISTIDINE       ? 'C6 H10 N3 O2 1' 156.162 
ILE 'L-peptide linking' y ISOLEUCINE      ? 'C6 H13 N O2'    131.173 
LEU 'L-peptide linking' y LEUCINE         ? 'C6 H13 N O2'    131.173 
LYS 'L-peptide linking' y LYSINE          ? 'C6 H15 N2 O2 1' 147.195 
MET 'L-peptide linking' y METHIONINE      ? 'C5 H11 N O2 S'  149.211 
PHE 'L-peptide linking' y PHENYLALANINE   ? 'C9 H11 N O2'    165.189 
SER 'L-peptide linking' y SERINE          ? 'C3 H7 N O3'     105.093 
THR 'L-peptide linking' y THREONINE       ? 'C4 H9 N O3'     119.119 
TYR 'L-peptide linking' y TYROSINE        ? 'C9 H11 N O3'    181.189 
VAL 'L-peptide linking' y VALINE          ? 'C5 H11 N O2'    117.146 
# 
loop_
_pdbx_poly_seq_scheme.asym_id 
_pdbx_poly_seq_scheme.entity_id 
_pdbx_poly_seq_scheme.seq_id 
_pdbx_poly_seq_scheme.mon_id 
_pdbx_poly_seq_scheme.ndb_seq_num 
_pdbx_poly_seq_scheme.pdb_seq_num 
_pdbx_poly_seq_scheme.auth_seq_num 
_pdbx_poly_seq_scheme.pdb_mon_id 
_pdbx_poly_seq_scheme.auth_mon_id 
_pdbx_poly_seq_scheme.pdb_strand_id 
_pdbx_poly_seq_scheme.pdb_ins_code 
_pdbx_poly_seq_scheme.hetero 
A 1 1  LYS 1  110 110 LYS LYS A . n 
A 1 2  ILE 2  111 111 ILE ILE A . n 
A 1 3  PHE 3  112 112 PHE PHE A . n 
A 1 4  VAL 4  113 113 VAL VAL A . n 
A 1 5  GLY 5  114 114 GLY GLY A . n 
A 1 6  GLY 6  115 115 GLY GLY A . n 
A 1 7  LEU 7  116 116 LEU LEU A . n 
A 1 8  SER 8  117 117 SER SER A . n 
A 1 9  VAL 9  118 118 VAL VAL A . n 
A 1 10 ASN 10 119 119 ASN ASN A . n 
A 1 11 THR 11 120 120 THR THR A . n 
A 1 12 THR 12 121 121 THR THR A . n 
A 1 13 VAL 13 122 122 VAL VAL A . n 
A 1 14 GLU 14 123 123 GLU GLU A . n 
A 1 15 ASP 15 124 124 ASP ASP A . n 
A 1 16 VAL 16 125 125 VAL VAL A . n 
A 1 17 LYS 17 126 126 LYS LYS A . n 
A 1 18 HIS 18 127 127 HIS HIS A . n 
A 1 19 TYR 19 128 128 TYR TYR A . n 
A 1 20 PHE 20 129 129 PHE PHE A . n 
A 1 21 GLU 21 130 130 GLU GLU A . n 
A 1 22 GLN 22 131 131 GLN GLN A . n 
A 1 23 PHE 23 132 132 PHE PHE A . n 
A 1 24 GLY 24 133 133 GLY GLY A . n 
A 1 25 LYS 25 134 134 LYS LYS A . n 
A 1 26 VAL 26 135 135 VAL VAL A . n 
A 1 27 ASP 27 136 136 ASP ASP A . n 
A 1 28 ASP 28 137 137 ASP ASP A . n 
A 1 29 ALA 29 138 138 ALA ALA A . n 
A 1 30 MET 30 139 139 MET MET A . n 
A 1 31 LEU 31 140 140 LEU LEU A . n 
A 1 32 MET 32 141 141 MET MET A . n 
A 1 33 PHE 33 142 142 PHE PHE A . n 
A 1 34 ASP 34 143 143 ASP ASP A . n 
A 1 35 LYS 35 144 144 LYS LYS A . n 
A 1 36 THR 36 145 145 THR THR A . n 
A 1 37 THR 37 146 146 THR THR A . n 
A 1 38 ASN 38 147 147 ASN ASN A . n 
A 1 39 ARG 39 148 148 ARG ARG A . n 
A 1 40 HIS 40 149 149 HIS HIS A . n 
A 1 41 ARG 41 150 150 ARG ARG A . n 
A 1 42 GLY 42 151 151 GLY GLY A . n 
A 1 43 PHE 43 152 152 PHE PHE A . n 
A 1 44 GLY 44 153 153 GLY GLY A . n 
A 1 45 PHE 45 154 154 PHE PHE A . n 
A 1 46 VAL 46 155 155 VAL VAL A . n 
A 1 47 THR 47 156 156 THR THR A . n 
A 1 48 PHE 48 157 157 PHE PHE A . n 
A 1 49 GLU 49 158 158 GLU GLU A . n 
A 1 50 SER 50 159 159 SER SER A . n 
A 1 51 GLU 51 160 160 GLU GLU A . n 
A 1 52 ASP 52 161 161 ASP ASP A . n 
A 1 53 ILE 53 162 162 ILE ILE A . n 
A 1 54 VAL 54 163 163 VAL VAL A . n 
A 1 55 GLU 55 164 164 GLU GLU A . n 
A 1 56 LYS 56 165 165 LYS LYS A . n 
A 1 57 VAL 57 166 166 VAL VAL A . n 
A 1 58 CYS 58 167 167 CYS CYS A . n 
A 1 59 GLU 59 168 168 GLU GLU A . n 
A 1 60 ILE 60 169 169 ILE ILE A . n 
A 1 61 HIS 61 170 170 HIS HIS A . n 
A 1 62 PHE 62 171 171 PHE PHE A . n 
A 1 63 HIS 63 172 172 HIS HIS A . n 
A 1 64 GLU 64 173 173 GLU GLU A . n 
A 1 65 ILE 65 174 174 ILE ILE A . n 
A 1 66 ASN 66 175 175 ASN ASN A . n 
A 1 67 ASN 67 176 176 ASN ASN A . n 
A 1 68 LYS 68 177 177 LYS LYS A . n 
A 1 69 MET 69 178 178 MET MET A . n 
A 1 70 VAL 70 179 179 VAL VAL A . n 
A 1 71 GLU 71 180 180 GLU GLU A . n 
A 1 72 CYS 72 181 181 CYS CYS A . n 
A 1 73 LYS 73 182 182 LYS LYS A . n 
A 1 74 LYS 74 183 183 LYS LYS A . n 
A 1 75 ALA 75 184 184 ALA ALA A . n 
# 
_cell.entry_id           2MSS 
_cell.length_a           1.000 
_cell.length_b           1.000 
_cell.length_c           1.000 
_cell.angle_alpha        90.00 
_cell.angle_beta         90.00 
_cell.angle_gamma        90.00 
_cell.Z_PDB              1 
_cell.pdbx_unique_axis   ? 
# 
_symmetry.entry_id                         2MSS 
_symmetry.space_group_name_H-M             'P 1' 
_symmetry.pdbx_full_space_group_name_H-M   ? 
_symmetry.cell_setting                     ? 
_symmetry.Int_Tables_number                1 
# 
_exptl.entry_id          2MSS 
_exptl.method            'SOLUTION NMR' 
_exptl.crystals_number   ? 
# 
_struct.entry_id                  2MSS 
_struct.title                     'MUSASHI1 RBD2, NMR' 
_struct.pdbx_model_details        ? 
_struct.pdbx_CASP_flag            ? 
_struct.pdbx_model_type_details   ? 
# 
_struct_keywords.entry_id        2MSS 
_struct_keywords.pdbx_keywords   'RNA BINDING PROTEIN' 
_struct_keywords.text            'RNA-BINDING DOMAIN, RNA BINDING PROTEIN' 
# 
_struct_asym.id                            A 
_struct_asym.pdbx_blank_PDB_chainid_flag   N 
_struct_asym.pdbx_modified                 N 
_struct_asym.entity_id                     1 
_struct_asym.details                       ? 
# 
_struct_ref.id                         1 
_struct_ref.db_name                    UNP 
_struct_ref.db_code                    MSI1H_MOUSE 
_struct_ref.entity_id                  1 
_struct_ref.pdbx_db_accession          Q61474 
_struct_ref.pdbx_align_begin           ? 
_struct_ref.pdbx_seq_one_letter_code   ? 
_struct_ref.pdbx_db_isoform            ? 
# 
_struct_ref_seq.align_id                      1 
_struct_ref_seq.ref_id                        1 
_struct_ref_seq.pdbx_PDB_id_code              2MSS 
_struct_ref_seq.pdbx_strand_id                A 
_struct_ref_seq.seq_align_beg                 1 
_struct_ref_seq.pdbx_seq_align_beg_ins_code   ? 
_struct_ref_seq.seq_align_end                 75 
_struct_ref_seq.pdbx_seq_align_end_ins_code   ? 
_struct_ref_seq.pdbx_db_accession             Q61474 
_struct_ref_seq.db_align_beg                  110 
_struct_ref_seq.pdbx_db_align_beg_ins_code    ? 
_struct_ref_seq.db_align_end                  184 
_struct_ref_seq.pdbx_db_align_end_ins_code    ? 
_struct_ref_seq.pdbx_auth_seq_align_beg       110 
_struct_ref_seq.pdbx_auth_seq_align_end       184 
# 
_pdbx_struct_assembly.id                   1 
_pdbx_struct_assembly.details              author_defined_assembly 
_pdbx_struct_assembly.method_details       ? 
_pdbx_struct_assembly.oligomeric_details   monomeric 
_pdbx_struct_assembly.oligomeric_count     1 
# 
_pdbx_struct_assembly_gen.assembly_id       1 
_pdbx_struct_assembly_gen.oper_expression   1 
_pdbx_struct_assembly_gen.asym_id_list      A 
# 
_pdbx_struct_oper_list.id                   1 
_pdbx_struct_oper_list.type                 'identity operation' 
_pdbx_struct_oper_list.name                 1_555 
_pdbx_struct_oper_list.symmetry_operation   x,y,z 
_pdbx_struct_oper_list.matrix[1][1]         1.0000000000 
_pdbx_struct_oper_list.matrix[1][2]         0.0000000000 
_pdbx_struct_oper_list.matrix[1][3]         0.0000000000 
_pdbx_struct_oper_list.vector[1]            0.0000000000 
_pdbx_struct_oper_list.matrix[2][1]         0.0000000000 
_pdbx_struct_oper_list.matrix[2][2]         1.0000000000 
_pdbx_struct_oper_list.matrix[2][3]         0.0000000000 
_pdbx_struct_oper_list.vector[2]            0.0000000000 
_pdbx_struct_oper_list.matrix[3][1]         0.0000000000 
_pdbx_struct_oper_list.matrix[3][2]         0.0000000000 
_pdbx_struct_oper_list.matrix[3][3]         1.0000000000 
_pdbx_struct_oper_list.vector[3]            0.0000000000 
# 
_struct_biol.id   1 
# 
loop_
_struct_conf.conf_type_id 
_struct_conf.id 
_struct_conf.pdbx_PDB_helix_id 
_struct_conf.beg_label_comp_id 
_struct_conf.beg_label_asym_id 
_struct_conf.beg_label_seq_id 
_struct_conf.pdbx_beg_PDB_ins_code 
_struct_conf.end_label_comp_id 
_struct_conf.end_label_asym_id 
_struct_conf.end_label_seq_id 
_struct_conf.pdbx_end_PDB_ins_code 
_struct_conf.beg_auth_comp_id 
_struct_conf.beg_auth_asym_id 
_struct_conf.beg_auth_seq_id 
_struct_conf.end_auth_comp_id 
_struct_conf.end_auth_asym_id 
_struct_conf.end_auth_seq_id 
_struct_conf.pdbx_PDB_helix_class 
_struct_conf.details 
_struct_conf.pdbx_PDB_helix_length 
HELX_P HELX_P1 H1 VAL A 13 ? PHE A 23 ? VAL A 122 PHE A 132 5 ? 11 
HELX_P HELX_P2 H2 GLU A 51 ? CYS A 58 ? GLU A 160 CYS A 167 5 ? 8  
# 
_struct_conf_type.id          HELX_P 
_struct_conf_type.criteria    ? 
_struct_conf_type.reference   ? 
# 
loop_
_struct_sheet.id 
_struct_sheet.type 
_struct_sheet.number_strands 
_struct_sheet.details 
S1 ? 1 ? 
S2 ? 1 ? 
S3 ? 1 ? 
S4 ? 1 ? 
# 
loop_
_struct_sheet_range.sheet_id 
_struct_sheet_range.id 
_struct_sheet_range.beg_label_comp_id 
_struct_sheet_range.beg_label_asym_id 
_struct_sheet_range.beg_label_seq_id 
_struct_sheet_range.pdbx_beg_PDB_ins_code 
_struct_sheet_range.end_label_comp_id 
_struct_sheet_range.end_label_asym_id 
_struct_sheet_range.end_label_seq_id 
_struct_sheet_range.pdbx_end_PDB_ins_code 
_struct_sheet_range.beg_auth_comp_id 
_struct_sheet_range.beg_auth_asym_id 
_struct_sheet_range.beg_auth_seq_id 
_struct_sheet_range.end_auth_comp_id 
_struct_sheet_range.end_auth_asym_id 
_struct_sheet_range.end_auth_seq_id 
S1 1 LYS A 1  ? GLY A 5  ? LYS A 110 GLY A 114 
S2 1 VAL A 26 ? MET A 32 ? VAL A 135 MET A 141 
S3 1 PHE A 43 ? PHE A 48 ? PHE A 152 PHE A 157 
S4 1 GLU A 71 ? ALA A 75 ? GLU A 180 ALA A 184 
# 
loop_
_pdbx_validate_close_contact.id 
_pdbx_validate_close_contact.PDB_model_num 
_pdbx_validate_close_contact.auth_atom_id_1 
_pdbx_validate_close_contact.auth_asym_id_1 
_pdbx_validate_close_contact.auth_comp_id_1 
_pdbx_validate_close_contact.auth_seq_id_1 
_pdbx_validate_close_contact.PDB_ins_code_1 
_pdbx_validate_close_contact.label_alt_id_1 
_pdbx_validate_close_contact.auth_atom_id_2 
_pdbx_validate_close_contact.auth_asym_id_2 
_pdbx_validate_close_contact.auth_comp_id_2 
_pdbx_validate_close_contact.auth_seq_id_2 
_pdbx_validate_close_contact.PDB_ins_code_2 
_pdbx_validate_close_contact.label_alt_id_2 
_pdbx_validate_close_contact.dist 
1  1 O    A VAL 118 ? ? H    A THR 120 ? ? 0.83 
2  1 HB2  A ASP 143 ? ? O    A ASN 147 ? ? 0.97 
3  1 O    A THR 146 ? ? HH21 A ARG 148 ? ? 1.07 
4  1 HG11 A VAL 118 ? ? H    A ASN 119 ? ? 1.11 
5  1 HB2  A SER 117 ? ? HE3  A LYS 177 ? ? 1.15 
6  1 HE2  A PHE 157 ? ? HG21 A VAL 163 ? ? 1.15 
7  1 HG21 A VAL 118 ? ? HB3  A ARG 148 ? ? 1.17 
8  1 CB   A ASP 143 ? ? HB3  A ASN 147 ? ? 1.17 
9  1 OD1  A ASP 124 ? ? HD22 A ASN 175 ? ? 1.18 
10 1 O    A ILE 174 ? ? H    A ASN 176 ? ? 1.21 
11 1 CG   A ASP 143 ? ? HB3  A ASN 147 ? ? 1.23 
12 1 HG23 A ILE 111 ? ? HG11 A VAL 163 ? ? 1.23 
13 1 HB3  A LYS 144 ? ? HD21 A ASN 147 ? ? 1.24 
14 1 HG13 A VAL 163 ? ? HB2  A LYS 183 ? ? 1.24 
15 1 HG23 A ILE 169 ? ? H    A HIS 170 ? ? 1.26 
16 1 HG21 A ILE 169 ? ? H    A HIS 170 ? ? 1.28 
17 1 HG21 A VAL 135 ? ? HD1  A PHE 157 ? ? 1.32 
18 1 HB3  A ASP 143 ? ? HB3  A ASN 147 ? ? 1.33 
19 1 HD12 A ILE 111 ? ? HE1  A PHE 157 ? ? 1.33 
20 1 O    A VAL 163 ? ? HB3  A CYS 167 ? ? 1.34 
21 1 O    A THR 121 ? ? H    A ASP 124 ? ? 1.37 
22 1 HB3  A ASP 143 ? ? CB   A ASN 147 ? ? 1.38 
23 1 O    A THR 146 ? ? H    A ARG 148 ? ? 1.40 
24 1 HB3  A ASP 143 ? ? C    A ASN 147 ? ? 1.40 
25 1 CB   A ASP 143 ? ? O    A ASN 147 ? ? 1.40 
26 1 HB3  A ASP 143 ? ? O    A ASN 147 ? ? 1.40 
27 1 HB2  A MET 141 ? ? O    A PHE 152 ? ? 1.43 
28 1 HB3  A ASP 143 ? ? CA   A ASN 147 ? ? 1.44 
29 1 H    A HIS 172 ? ? O    A VAL 179 ? ? 1.46 
30 1 O    A TYR 128 ? ? HG2  A GLN 131 ? ? 1.48 
31 1 O    A PHE 129 ? ? H    A GLY 133 ? ? 1.49 
32 1 CG2  A ILE 169 ? ? H    A HIS 170 ? ? 1.49 
33 1 C    A VAL 118 ? ? H    A THR 120 ? ? 1.50 
34 1 HG22 A ILE 111 ? ? CZ   A PHE 157 ? ? 1.50 
35 1 O    A THR 120 ? ? HE2  A PHE 142 ? ? 1.52 
36 1 O    A GLU 160 ? ? H    A GLU 164 ? ? 1.56 
37 1 O    A VAL 118 ? ? N    A THR 120 ? ? 1.62 
38 1 O    A THR 146 ? ? NH2  A ARG 148 ? ? 1.71 
39 1 O    A MET 178 ? ? O    A VAL 179 ? ? 1.72 
40 1 O    A GLY 133 ? ? N    A VAL 135 ? ? 1.85 
41 1 O    A LYS 110 ? ? O    A ALA 184 ? ? 1.87 
42 1 CB   A ASP 143 ? ? CB   A ASN 147 ? ? 1.94 
43 1 O    A THR 146 ? ? NE   A ARG 148 ? ? 1.95 
44 1 CG   A ASP 124 ? ? ND2  A ASN 175 ? ? 2.06 
45 1 OD1  A ASP 124 ? ? ND2  A ASN 175 ? ? 2.06 
46 1 CB   A ASP 143 ? ? C    A ASN 147 ? ? 2.07 
47 1 O    A THR 146 ? ? CZ   A ARG 148 ? ? 2.07 
48 1 O    A ILE 174 ? ? N    A ASN 176 ? ? 2.14 
49 1 CB   A LYS 110 ? ? OG1  A THR 156 ? ? 2.14 
50 1 CG   A ASP 143 ? ? CB   A ASN 147 ? ? 2.14 
51 1 O    A THR 120 ? ? CE2  A PHE 142 ? ? 2.16 
52 1 O    A VAL 163 ? ? CB   A CYS 167 ? ? 2.17 
# 
loop_
_pdbx_validate_torsion.id 
_pdbx_validate_torsion.PDB_model_num 
_pdbx_validate_torsion.auth_comp_id 
_pdbx_validate_torsion.auth_asym_id 
_pdbx_validate_torsion.auth_seq_id 
_pdbx_validate_torsion.PDB_ins_code 
_pdbx_validate_torsion.label_alt_id 
_pdbx_validate_torsion.phi 
_pdbx_validate_torsion.psi 
1  1 LEU A 116 ? ? -45.70  91.74   
2  1 SER A 117 ? ? -45.47  -168.00 
3  1 VAL A 118 ? ? -82.75  -152.59 
4  1 ASN A 119 ? ? 32.93   -14.21  
5  1 TYR A 128 ? ? -70.09  -70.16  
6  1 LYS A 134 ? ? -15.29  -31.79  
7  1 VAL A 135 ? ? 34.96   66.44   
8  1 LYS A 144 ? ? -45.48  -136.38 
9  1 THR A 145 ? ? -44.84  -91.98  
10 1 ASN A 147 ? ? -63.28  53.60   
11 1 ARG A 150 ? ? -138.32 -148.07 
12 1 VAL A 155 ? ? -103.22 -168.78 
13 1 THR A 156 ? ? -176.10 114.94  
14 1 GLU A 158 ? ? -38.97  -18.14  
15 1 GLU A 168 ? ? -73.28  -114.77 
16 1 ILE A 169 ? ? 17.15   -151.16 
17 1 HIS A 170 ? ? -170.74 -39.28  
18 1 ASN A 175 ? ? 57.19   -40.91  
19 1 ASN A 176 ? ? 174.36  35.34   
20 1 VAL A 179 ? ? -17.72  164.39  
21 1 LYS A 183 ? ? -65.26  82.56   
# 
loop_
_pdbx_validate_planes.id 
_pdbx_validate_planes.PDB_model_num 
_pdbx_validate_planes.auth_comp_id 
_pdbx_validate_planes.auth_asym_id 
_pdbx_validate_planes.auth_seq_id 
_pdbx_validate_planes.PDB_ins_code 
_pdbx_validate_planes.label_alt_id 
_pdbx_validate_planes.rmsd 
_pdbx_validate_planes.type 
1 1 ARG A 148 ? ? 0.240 'SIDE CHAIN' 
2 1 ARG A 150 ? ? 0.154 'SIDE CHAIN' 
# 
_pdbx_nmr_ensemble.entry_id                                      2MSS 
_pdbx_nmr_ensemble.conformers_calculated_total_number            200 
_pdbx_nmr_ensemble.conformers_submitted_total_number             1 
_pdbx_nmr_ensemble.conformer_selection_criteria                  'LOWER ENERGIES' 
_pdbx_nmr_ensemble.average_constraints_per_residue               ? 
_pdbx_nmr_ensemble.average_constraint_violations_per_residue     ? 
_pdbx_nmr_ensemble.maximum_distance_constraint_violation         ? 
_pdbx_nmr_ensemble.average_distance_constraint_violation         ? 
_pdbx_nmr_ensemble.maximum_upper_distance_constraint_violation   ? 
_pdbx_nmr_ensemble.maximum_lower_distance_constraint_violation   ? 
_pdbx_nmr_ensemble.distance_constraint_violation_method          ? 
_pdbx_nmr_ensemble.maximum_torsion_angle_constraint_violation    ? 
_pdbx_nmr_ensemble.average_torsion_angle_constraint_violation    ? 
_pdbx_nmr_ensemble.torsion_angle_constraint_violation_method     ? 
# 
_pdbx_nmr_sample_details.solution_id      1 
_pdbx_nmr_sample_details.contents         '90% H2O/10% D2O' 
_pdbx_nmr_sample_details.solvent_system   ? 
# 
_pdbx_nmr_exptl_sample_conditions.conditions_id       1 
_pdbx_nmr_exptl_sample_conditions.temperature         298 
_pdbx_nmr_exptl_sample_conditions.pressure            1 
_pdbx_nmr_exptl_sample_conditions.pH                  6.0 
_pdbx_nmr_exptl_sample_conditions.ionic_strength      '0 mM' 
_pdbx_nmr_exptl_sample_conditions.pressure_units      atm 
_pdbx_nmr_exptl_sample_conditions.temperature_units   K 
# 
loop_
_pdbx_nmr_exptl.experiment_id 
_pdbx_nmr_exptl.conditions_id 
_pdbx_nmr_exptl.type 
_pdbx_nmr_exptl.solution_id 
1 1 NOESY                   1 
2 1 TOCSY                   1 
3 1 DQF-COSY                1 
4 1 '1H-15N 2D HSQC'        1 
5 1 '15N-EDITED NOESY-HSQC' 1 
6 1 '15N-EDITED TOCSY-HSQC' 1 
7 1 HNHA                    1 
# 
_pdbx_nmr_details.entry_id   2MSS 
_pdbx_nmr_details.text       'RESTRAINED ENERGY MINIMIZED MEAN STRUCTURE.' 
# 
_pdbx_nmr_refine.entry_id           2MSS 
_pdbx_nmr_refine.method             'simulated annealing' 
_pdbx_nmr_refine.details            ? 
_pdbx_nmr_refine.software_ordinal   1 
# 
loop_
_pdbx_nmr_software.classification 
_pdbx_nmr_software.name 
_pdbx_nmr_software.version 
_pdbx_nmr_software.authors 
_pdbx_nmr_software.ordinal 
refinement           X-PLOR 3.1 BRUNGER 1 
refinement           X-PLOR 3.8 BRUNGER 2 
'structure solution' X-PLOR 3.1 ?       3 
'structure solution' X-PLOR 3.8 ?       4 
# 
loop_
_chem_comp_atom.comp_id 
_chem_comp_atom.atom_id 
_chem_comp_atom.type_symbol 
_chem_comp_atom.pdbx_aromatic_flag 
_chem_comp_atom.pdbx_stereo_config 
_chem_comp_atom.pdbx_ordinal 
ALA N    N N N 1   
ALA CA   C N S 2   
ALA C    C N N 3   
ALA O    O N N 4   
ALA CB   C N N 5   
ALA OXT  O N N 6   
ALA H    H N N 7   
ALA H2   H N N 8   
ALA HA   H N N 9   
ALA HB1  H N N 10  
ALA HB2  H N N 11  
ALA HB3  H N N 12  
ALA HXT  H N N 13  
ARG N    N N N 14  
ARG CA   C N S 15  
ARG C    C N N 16  
ARG O    O N N 17  
ARG CB   C N N 18  
ARG CG   C N N 19  
ARG CD   C N N 20  
ARG NE   N N N 21  
ARG CZ   C N N 22  
ARG NH1  N N N 23  
ARG NH2  N N N 24  
ARG OXT  O N N 25  
ARG H    H N N 26  
ARG H2   H N N 27  
ARG HA   H N N 28  
ARG HB2  H N N 29  
ARG HB3  H N N 30  
ARG HG2  H N N 31  
ARG HG3  H N N 32  
ARG HD2  H N N 33  
ARG HD3  H N N 34  
ARG HE   H N N 35  
ARG HH11 H N N 36  
ARG HH12 H N N 37  
ARG HH21 H N N 38  
ARG HH22 H N N 39  
ARG HXT  H N N 40  
ASN N    N N N 41  
ASN CA   C N S 42  
ASN C    C N N 43  
ASN O    O N N 44  
ASN CB   C N N 45  
ASN CG   C N N 46  
ASN OD1  O N N 47  
ASN ND2  N N N 48  
ASN OXT  O N N 49  
ASN H    H N N 50  
ASN H2   H N N 51  
ASN HA   H N N 52  
ASN HB2  H N N 53  
ASN HB3  H N N 54  
ASN HD21 H N N 55  
ASN HD22 H N N 56  
ASN HXT  H N N 57  
ASP N    N N N 58  
ASP CA   C N S 59  
ASP C    C N N 60  
ASP O    O N N 61  
ASP CB   C N N 62  
ASP CG   C N N 63  
ASP OD1  O N N 64  
ASP OD2  O N N 65  
ASP OXT  O N N 66  
ASP H    H N N 67  
ASP H2   H N N 68  
ASP HA   H N N 69  
ASP HB2  H N N 70  
ASP HB3  H N N 71  
ASP HD2  H N N 72  
ASP HXT  H N N 73  
CYS N    N N N 74  
CYS CA   C N R 75  
CYS C    C N N 76  
CYS O    O N N 77  
CYS CB   C N N 78  
CYS SG   S N N 79  
CYS OXT  O N N 80  
CYS H    H N N 81  
CYS H2   H N N 82  
CYS HA   H N N 83  
CYS HB2  H N N 84  
CYS HB3  H N N 85  
CYS HG   H N N 86  
CYS HXT  H N N 87  
GLN N    N N N 88  
GLN CA   C N S 89  
GLN C    C N N 90  
GLN O    O N N 91  
GLN CB   C N N 92  
GLN CG   C N N 93  
GLN CD   C N N 94  
GLN OE1  O N N 95  
GLN NE2  N N N 96  
GLN OXT  O N N 97  
GLN H    H N N 98  
GLN H2   H N N 99  
GLN HA   H N N 100 
GLN HB2  H N N 101 
GLN HB3  H N N 102 
GLN HG2  H N N 103 
GLN HG3  H N N 104 
GLN HE21 H N N 105 
GLN HE22 H N N 106 
GLN HXT  H N N 107 
GLU N    N N N 108 
GLU CA   C N S 109 
GLU C    C N N 110 
GLU O    O N N 111 
GLU CB   C N N 112 
GLU CG   C N N 113 
GLU CD   C N N 114 
GLU OE1  O N N 115 
GLU OE2  O N N 116 
GLU OXT  O N N 117 
GLU H    H N N 118 
GLU H2   H N N 119 
GLU HA   H N N 120 
GLU HB2  H N N 121 
GLU HB3  H N N 122 
GLU HG2  H N N 123 
GLU HG3  H N N 124 
GLU HE2  H N N 125 
GLU HXT  H N N 126 
GLY N    N N N 127 
GLY CA   C N N 128 
GLY C    C N N 129 
GLY O    O N N 130 
GLY OXT  O N N 131 
GLY H    H N N 132 
GLY H2   H N N 133 
GLY HA2  H N N 134 
GLY HA3  H N N 135 
GLY HXT  H N N 136 
HIS N    N N N 137 
HIS CA   C N S 138 
HIS C    C N N 139 
HIS O    O N N 140 
HIS CB   C N N 141 
HIS CG   C Y N 142 
HIS ND1  N Y N 143 
HIS CD2  C Y N 144 
HIS CE1  C Y N 145 
HIS NE2  N Y N 146 
HIS OXT  O N N 147 
HIS H    H N N 148 
HIS H2   H N N 149 
HIS HA   H N N 150 
HIS HB2  H N N 151 
HIS HB3  H N N 152 
HIS HD1  H N N 153 
HIS HD2  H N N 154 
HIS HE1  H N N 155 
HIS HE2  H N N 156 
HIS HXT  H N N 157 
ILE N    N N N 158 
ILE CA   C N S 159 
ILE C    C N N 160 
ILE O    O N N 161 
ILE CB   C N S 162 
ILE CG1  C N N 163 
ILE CG2  C N N 164 
ILE CD1  C N N 165 
ILE OXT  O N N 166 
ILE H    H N N 167 
ILE H2   H N N 168 
ILE HA   H N N 169 
ILE HB   H N N 170 
ILE HG12 H N N 171 
ILE HG13 H N N 172 
ILE HG21 H N N 173 
ILE HG22 H N N 174 
ILE HG23 H N N 175 
ILE HD11 H N N 176 
ILE HD12 H N N 177 
ILE HD13 H N N 178 
ILE HXT  H N N 179 
LEU N    N N N 180 
LEU CA   C N S 181 
LEU C    C N N 182 
LEU O    O N N 183 
LEU CB   C N N 184 
LEU CG   C N N 185 
LEU CD1  C N N 186 
LEU CD2  C N N 187 
LEU OXT  O N N 188 
LEU H    H N N 189 
LEU H2   H N N 190 
LEU HA   H N N 191 
LEU HB2  H N N 192 
LEU HB3  H N N 193 
LEU HG   H N N 194 
LEU HD11 H N N 195 
LEU HD12 H N N 196 
LEU HD13 H N N 197 
LEU HD21 H N N 198 
LEU HD22 H N N 199 
LEU HD23 H N N 200 
LEU HXT  H N N 201 
LYS N    N N N 202 
LYS CA   C N S 203 
LYS C    C N N 204 
LYS O    O N N 205 
LYS CB   C N N 206 
LYS CG   C N N 207 
LYS CD   C N N 208 
LYS CE   C N N 209 
LYS NZ   N N N 210 
LYS OXT  O N N 211 
LYS H    H N N 212 
LYS H2   H N N 213 
LYS HA   H N N 214 
LYS HB2  H N N 215 
LYS HB3  H N N 216 
LYS HG2  H N N 217 
LYS HG3  H N N 218 
LYS HD2  H N N 219 
LYS HD3  H N N 220 
LYS HE2  H N N 221 
LYS HE3  H N N 222 
LYS HZ1  H N N 223 
LYS HZ2  H N N 224 
LYS HZ3  H N N 225 
LYS HXT  H N N 226 
MET N    N N N 227 
MET CA   C N S 228 
MET C    C N N 229 
MET O    O N N 230 
MET CB   C N N 231 
MET CG   C N N 232 
MET SD   S N N 233 
MET CE   C N N 234 
MET OXT  O N N 235 
MET H    H N N 236 
MET H2   H N N 237 
MET HA   H N N 238 
MET HB2  H N N 239 
MET HB3  H N N 240 
MET HG2  H N N 241 
MET HG3  H N N 242 
MET HE1  H N N 243 
MET HE2  H N N 244 
MET HE3  H N N 245 
MET HXT  H N N 246 
PHE N    N N N 247 
PHE CA   C N S 248 
PHE C    C N N 249 
PHE O    O N N 250 
PHE CB   C N N 251 
PHE CG   C Y N 252 
PHE CD1  C Y N 253 
PHE CD2  C Y N 254 
PHE CE1  C Y N 255 
PHE CE2  C Y N 256 
PHE CZ   C Y N 257 
PHE OXT  O N N 258 
PHE H    H N N 259 
PHE H2   H N N 260 
PHE HA   H N N 261 
PHE HB2  H N N 262 
PHE HB3  H N N 263 
PHE HD1  H N N 264 
PHE HD2  H N N 265 
PHE HE1  H N N 266 
PHE HE2  H N N 267 
PHE HZ   H N N 268 
PHE HXT  H N N 269 
SER N    N N N 270 
SER CA   C N S 271 
SER C    C N N 272 
SER O    O N N 273 
SER CB   C N N 274 
SER OG   O N N 275 
SER OXT  O N N 276 
SER H    H N N 277 
SER H2   H N N 278 
SER HA   H N N 279 
SER HB2  H N N 280 
SER HB3  H N N 281 
SER HG   H N N 282 
SER HXT  H N N 283 
THR N    N N N 284 
THR CA   C N S 285 
THR C    C N N 286 
THR O    O N N 287 
THR CB   C N R 288 
THR OG1  O N N 289 
THR CG2  C N N 290 
THR OXT  O N N 291 
THR H    H N N 292 
THR H2   H N N 293 
THR HA   H N N 294 
THR HB   H N N 295 
THR HG1  H N N 296 
THR HG21 H N N 297 
THR HG22 H N N 298 
THR HG23 H N N 299 
THR HXT  H N N 300 
TYR N    N N N 301 
TYR CA   C N S 302 
TYR C    C N N 303 
TYR O    O N N 304 
TYR CB   C N N 305 
TYR CG   C Y N 306 
TYR CD1  C Y N 307 
TYR CD2  C Y N 308 
TYR CE1  C Y N 309 
TYR CE2  C Y N 310 
TYR CZ   C Y N 311 
TYR OH   O N N 312 
TYR OXT  O N N 313 
TYR H    H N N 314 
TYR H2   H N N 315 
TYR HA   H N N 316 
TYR HB2  H N N 317 
TYR HB3  H N N 318 
TYR HD1  H N N 319 
TYR HD2  H N N 320 
TYR HE1  H N N 321 
TYR HE2  H N N 322 
TYR HH   H N N 323 
TYR HXT  H N N 324 
VAL N    N N N 325 
VAL CA   C N S 326 
VAL C    C N N 327 
VAL O    O N N 328 
VAL CB   C N N 329 
VAL CG1  C N N 330 
VAL CG2  C N N 331 
VAL OXT  O N N 332 
VAL H    H N N 333 
VAL H2   H N N 334 
VAL HA   H N N 335 
VAL HB   H N N 336 
VAL HG11 H N N 337 
VAL HG12 H N N 338 
VAL HG13 H N N 339 
VAL HG21 H N N 340 
VAL HG22 H N N 341 
VAL HG23 H N N 342 
VAL HXT  H N N 343 
# 
loop_
_chem_comp_bond.comp_id 
_chem_comp_bond.atom_id_1 
_chem_comp_bond.atom_id_2 
_chem_comp_bond.value_order 
_chem_comp_bond.pdbx_aromatic_flag 
_chem_comp_bond.pdbx_stereo_config 
_chem_comp_bond.pdbx_ordinal 
ALA N   CA   sing N N 1   
ALA N   H    sing N N 2   
ALA N   H2   sing N N 3   
ALA CA  C    sing N N 4   
ALA CA  CB   sing N N 5   
ALA CA  HA   sing N N 6   
ALA C   O    doub N N 7   
ALA C   OXT  sing N N 8   
ALA CB  HB1  sing N N 9   
ALA CB  HB2  sing N N 10  
ALA CB  HB3  sing N N 11  
ALA OXT HXT  sing N N 12  
ARG N   CA   sing N N 13  
ARG N   H    sing N N 14  
ARG N   H2   sing N N 15  
ARG CA  C    sing N N 16  
ARG CA  CB   sing N N 17  
ARG CA  HA   sing N N 18  
ARG C   O    doub N N 19  
ARG C   OXT  sing N N 20  
ARG CB  CG   sing N N 21  
ARG CB  HB2  sing N N 22  
ARG CB  HB3  sing N N 23  
ARG CG  CD   sing N N 24  
ARG CG  HG2  sing N N 25  
ARG CG  HG3  sing N N 26  
ARG CD  NE   sing N N 27  
ARG CD  HD2  sing N N 28  
ARG CD  HD3  sing N N 29  
ARG NE  CZ   sing N N 30  
ARG NE  HE   sing N N 31  
ARG CZ  NH1  sing N N 32  
ARG CZ  NH2  doub N N 33  
ARG NH1 HH11 sing N N 34  
ARG NH1 HH12 sing N N 35  
ARG NH2 HH21 sing N N 36  
ARG NH2 HH22 sing N N 37  
ARG OXT HXT  sing N N 38  
ASN N   CA   sing N N 39  
ASN N   H    sing N N 40  
ASN N   H2   sing N N 41  
ASN CA  C    sing N N 42  
ASN CA  CB   sing N N 43  
ASN CA  HA   sing N N 44  
ASN C   O    doub N N 45  
ASN C   OXT  sing N N 46  
ASN CB  CG   sing N N 47  
ASN CB  HB2  sing N N 48  
ASN CB  HB3  sing N N 49  
ASN CG  OD1  doub N N 50  
ASN CG  ND2  sing N N 51  
ASN ND2 HD21 sing N N 52  
ASN ND2 HD22 sing N N 53  
ASN OXT HXT  sing N N 54  
ASP N   CA   sing N N 55  
ASP N   H    sing N N 56  
ASP N   H2   sing N N 57  
ASP CA  C    sing N N 58  
ASP CA  CB   sing N N 59  
ASP CA  HA   sing N N 60  
ASP C   O    doub N N 61  
ASP C   OXT  sing N N 62  
ASP CB  CG   sing N N 63  
ASP CB  HB2  sing N N 64  
ASP CB  HB3  sing N N 65  
ASP CG  OD1  doub N N 66  
ASP CG  OD2  sing N N 67  
ASP OD2 HD2  sing N N 68  
ASP OXT HXT  sing N N 69  
CYS N   CA   sing N N 70  
CYS N   H    sing N N 71  
CYS N   H2   sing N N 72  
CYS CA  C    sing N N 73  
CYS CA  CB   sing N N 74  
CYS CA  HA   sing N N 75  
CYS C   O    doub N N 76  
CYS C   OXT  sing N N 77  
CYS CB  SG   sing N N 78  
CYS CB  HB2  sing N N 79  
CYS CB  HB3  sing N N 80  
CYS SG  HG   sing N N 81  
CYS OXT HXT  sing N N 82  
GLN N   CA   sing N N 83  
GLN N   H    sing N N 84  
GLN N   H2   sing N N 85  
GLN CA  C    sing N N 86  
GLN CA  CB   sing N N 87  
GLN CA  HA   sing N N 88  
GLN C   O    doub N N 89  
GLN C   OXT  sing N N 90  
GLN CB  CG   sing N N 91  
GLN CB  HB2  sing N N 92  
GLN CB  HB3  sing N N 93  
GLN CG  CD   sing N N 94  
GLN CG  HG2  sing N N 95  
GLN CG  HG3  sing N N 96  
GLN CD  OE1  doub N N 97  
GLN CD  NE2  sing N N 98  
GLN NE2 HE21 sing N N 99  
GLN NE2 HE22 sing N N 100 
GLN OXT HXT  sing N N 101 
GLU N   CA   sing N N 102 
GLU N   H    sing N N 103 
GLU N   H2   sing N N 104 
GLU CA  C    sing N N 105 
GLU CA  CB   sing N N 106 
GLU CA  HA   sing N N 107 
GLU C   O    doub N N 108 
GLU C   OXT  sing N N 109 
GLU CB  CG   sing N N 110 
GLU CB  HB2  sing N N 111 
GLU CB  HB3  sing N N 112 
GLU CG  CD   sing N N 113 
GLU CG  HG2  sing N N 114 
GLU CG  HG3  sing N N 115 
GLU CD  OE1  doub N N 116 
GLU CD  OE2  sing N N 117 
GLU OE2 HE2  sing N N 118 
GLU OXT HXT  sing N N 119 
GLY N   CA   sing N N 120 
GLY N   H    sing N N 121 
GLY N   H2   sing N N 122 
GLY CA  C    sing N N 123 
GLY CA  HA2  sing N N 124 
GLY CA  HA3  sing N N 125 
GLY C   O    doub N N 126 
GLY C   OXT  sing N N 127 
GLY OXT HXT  sing N N 128 
HIS N   CA   sing N N 129 
HIS N   H    sing N N 130 
HIS N   H2   sing N N 131 
HIS CA  C    sing N N 132 
HIS CA  CB   sing N N 133 
HIS CA  HA   sing N N 134 
HIS C   O    doub N N 135 
HIS C   OXT  sing N N 136 
HIS CB  CG   sing N N 137 
HIS CB  HB2  sing N N 138 
HIS CB  HB3  sing N N 139 
HIS CG  ND1  sing Y N 140 
HIS CG  CD2  doub Y N 141 
HIS ND1 CE1  doub Y N 142 
HIS ND1 HD1  sing N N 143 
HIS CD2 NE2  sing Y N 144 
HIS CD2 HD2  sing N N 145 
HIS CE1 NE2  sing Y N 146 
HIS CE1 HE1  sing N N 147 
HIS NE2 HE2  sing N N 148 
HIS OXT HXT  sing N N 149 
ILE N   CA   sing N N 150 
ILE N   H    sing N N 151 
ILE N   H2   sing N N 152 
ILE CA  C    sing N N 153 
ILE CA  CB   sing N N 154 
ILE CA  HA   sing N N 155 
ILE C   O    doub N N 156 
ILE C   OXT  sing N N 157 
ILE CB  CG1  sing N N 158 
ILE CB  CG2  sing N N 159 
ILE CB  HB   sing N N 160 
ILE CG1 CD1  sing N N 161 
ILE CG1 HG12 sing N N 162 
ILE CG1 HG13 sing N N 163 
ILE CG2 HG21 sing N N 164 
ILE CG2 HG22 sing N N 165 
ILE CG2 HG23 sing N N 166 
ILE CD1 HD11 sing N N 167 
ILE CD1 HD12 sing N N 168 
ILE CD1 HD13 sing N N 169 
ILE OXT HXT  sing N N 170 
LEU N   CA   sing N N 171 
LEU N   H    sing N N 172 
LEU N   H2   sing N N 173 
LEU CA  C    sing N N 174 
LEU CA  CB   sing N N 175 
LEU CA  HA   sing N N 176 
LEU C   O    doub N N 177 
LEU C   OXT  sing N N 178 
LEU CB  CG   sing N N 179 
LEU CB  HB2  sing N N 180 
LEU CB  HB3  sing N N 181 
LEU CG  CD1  sing N N 182 
LEU CG  CD2  sing N N 183 
LEU CG  HG   sing N N 184 
LEU CD1 HD11 sing N N 185 
LEU CD1 HD12 sing N N 186 
LEU CD1 HD13 sing N N 187 
LEU CD2 HD21 sing N N 188 
LEU CD2 HD22 sing N N 189 
LEU CD2 HD23 sing N N 190 
LEU OXT HXT  sing N N 191 
LYS N   CA   sing N N 192 
LYS N   H    sing N N 193 
LYS N   H2   sing N N 194 
LYS CA  C    sing N N 195 
LYS CA  CB   sing N N 196 
LYS CA  HA   sing N N 197 
LYS C   O    doub N N 198 
LYS C   OXT  sing N N 199 
LYS CB  CG   sing N N 200 
LYS CB  HB2  sing N N 201 
LYS CB  HB3  sing N N 202 
LYS CG  CD   sing N N 203 
LYS CG  HG2  sing N N 204 
LYS CG  HG3  sing N N 205 
LYS CD  CE   sing N N 206 
LYS CD  HD2  sing N N 207 
LYS CD  HD3  sing N N 208 
LYS CE  NZ   sing N N 209 
LYS CE  HE2  sing N N 210 
LYS CE  HE3  sing N N 211 
LYS NZ  HZ1  sing N N 212 
LYS NZ  HZ2  sing N N 213 
LYS NZ  HZ3  sing N N 214 
LYS OXT HXT  sing N N 215 
MET N   CA   sing N N 216 
MET N   H    sing N N 217 
MET N   H2   sing N N 218 
MET CA  C    sing N N 219 
MET CA  CB   sing N N 220 
MET CA  HA   sing N N 221 
MET C   O    doub N N 222 
MET C   OXT  sing N N 223 
MET CB  CG   sing N N 224 
MET CB  HB2  sing N N 225 
MET CB  HB3  sing N N 226 
MET CG  SD   sing N N 227 
MET CG  HG2  sing N N 228 
MET CG  HG3  sing N N 229 
MET SD  CE   sing N N 230 
MET CE  HE1  sing N N 231 
MET CE  HE2  sing N N 232 
MET CE  HE3  sing N N 233 
MET OXT HXT  sing N N 234 
PHE N   CA   sing N N 235 
PHE N   H    sing N N 236 
PHE N   H2   sing N N 237 
PHE CA  C    sing N N 238 
PHE CA  CB   sing N N 239 
PHE CA  HA   sing N N 240 
PHE C   O    doub N N 241 
PHE C   OXT  sing N N 242 
PHE CB  CG   sing N N 243 
PHE CB  HB2  sing N N 244 
PHE CB  HB3  sing N N 245 
PHE CG  CD1  doub Y N 246 
PHE CG  CD2  sing Y N 247 
PHE CD1 CE1  sing Y N 248 
PHE CD1 HD1  sing N N 249 
PHE CD2 CE2  doub Y N 250 
PHE CD2 HD2  sing N N 251 
PHE CE1 CZ   doub Y N 252 
PHE CE1 HE1  sing N N 253 
PHE CE2 CZ   sing Y N 254 
PHE CE2 HE2  sing N N 255 
PHE CZ  HZ   sing N N 256 
PHE OXT HXT  sing N N 257 
SER N   CA   sing N N 258 
SER N   H    sing N N 259 
SER N   H2   sing N N 260 
SER CA  C    sing N N 261 
SER CA  CB   sing N N 262 
SER CA  HA   sing N N 263 
SER C   O    doub N N 264 
SER C   OXT  sing N N 265 
SER CB  OG   sing N N 266 
SER CB  HB2  sing N N 267 
SER CB  HB3  sing N N 268 
SER OG  HG   sing N N 269 
SER OXT HXT  sing N N 270 
THR N   CA   sing N N 271 
THR N   H    sing N N 272 
THR N   H2   sing N N 273 
THR CA  C    sing N N 274 
THR CA  CB   sing N N 275 
THR CA  HA   sing N N 276 
THR C   O    doub N N 277 
THR C   OXT  sing N N 278 
THR CB  OG1  sing N N 279 
THR CB  CG2  sing N N 280 
THR CB  HB   sing N N 281 
THR OG1 HG1  sing N N 282 
THR CG2 HG21 sing N N 283 
THR CG2 HG22 sing N N 284 
THR CG2 HG23 sing N N 285 
THR OXT HXT  sing N N 286 
TYR N   CA   sing N N 287 
TYR N   H    sing N N 288 
TYR N   H2   sing N N 289 
TYR CA  C    sing N N 290 
TYR CA  CB   sing N N 291 
TYR CA  HA   sing N N 292 
TYR C   O    doub N N 293 
TYR C   OXT  sing N N 294 
TYR CB  CG   sing N N 295 
TYR CB  HB2  sing N N 296 
TYR CB  HB3  sing N N 297 
TYR CG  CD1  doub Y N 298 
TYR CG  CD2  sing Y N 299 
TYR CD1 CE1  sing Y N 300 
TYR CD1 HD1  sing N N 301 
TYR CD2 CE2  doub Y N 302 
TYR CD2 HD2  sing N N 303 
TYR CE1 CZ   doub Y N 304 
TYR CE1 HE1  sing N N 305 
TYR CE2 CZ   sing Y N 306 
TYR CE2 HE2  sing N N 307 
TYR CZ  OH   sing N N 308 
TYR OH  HH   sing N N 309 
TYR OXT HXT  sing N N 310 
VAL N   CA   sing N N 311 
VAL N   H    sing N N 312 
VAL N   H2   sing N N 313 
VAL CA  C    sing N N 314 
VAL CA  CB   sing N N 315 
VAL CA  HA   sing N N 316 
VAL C   O    doub N N 317 
VAL C   OXT  sing N N 318 
VAL CB  CG1  sing N N 319 
VAL CB  CG2  sing N N 320 
VAL CB  HB   sing N N 321 
VAL CG1 HG11 sing N N 322 
VAL CG1 HG12 sing N N 323 
VAL CG1 HG13 sing N N 324 
VAL CG2 HG21 sing N N 325 
VAL CG2 HG22 sing N N 326 
VAL CG2 HG23 sing N N 327 
VAL OXT HXT  sing N N 328 
# 
_pdbx_nmr_spectrometer.spectrometer_id   1 
_pdbx_nmr_spectrometer.model             DRX600 
_pdbx_nmr_spectrometer.manufacturer      Bruker 
_pdbx_nmr_spectrometer.field_strength    600 
_pdbx_nmr_spectrometer.type              ? 
# 
_atom_sites.entry_id                    2MSS 
_atom_sites.fract_transf_matrix[1][1]   1.000000 
_atom_sites.fract_transf_matrix[1][2]   0.000000 
_atom_sites.fract_transf_matrix[1][3]   0.000000 
_atom_sites.fract_transf_matrix[2][1]   0.000000 
_atom_sites.fract_transf_matrix[2][2]   1.000000 
_atom_sites.fract_transf_matrix[2][3]   0.000000 
_atom_sites.fract_transf_matrix[3][1]   0.000000 
_atom_sites.fract_transf_matrix[3][2]   0.000000 
_atom_sites.fract_transf_matrix[3][3]   1.000000 
_atom_sites.fract_transf_vector[1]      0.00000 
_atom_sites.fract_transf_vector[2]      0.00000 
_atom_sites.fract_transf_vector[3]      0.00000 
# 
loop_
_atom_type.symbol 
C 
H 
N 
O 
S 
# 
loop_
_atom_site.group_PDB 
_atom_site.id 
_atom_site.type_symbol 
_atom_site.label_atom_id 
_atom_site.label_alt_id 
_atom_site.label_comp_id 
_atom_site.label_asym_id 
_atom_site.label_entity_id 
_atom_site.label_seq_id 
_atom_site.pdbx_PDB_ins_code 
_atom_site.Cartn_x 
_atom_site.Cartn_y 
_atom_site.Cartn_z 
_atom_site.occupancy 
_atom_site.B_iso_or_equiv 
_atom_site.pdbx_formal_charge 
_atom_site.auth_seq_id 
_atom_site.auth_comp_id 
_atom_site.auth_asym_id 
_atom_site.auth_atom_id 
_atom_site.pdbx_PDB_model_num 
ATOM 1    N N    . LYS A 1 1  ? -3.139  11.527  -0.796  1.00 0.73 ? 110 LYS A N    1 
ATOM 2    C CA   . LYS A 1 1  ? -3.133  10.037  -0.889  1.00 0.58 ? 110 LYS A CA   1 
ATOM 3    C C    . LYS A 1 1  ? -1.719  9.497   -0.646  1.00 0.53 ? 110 LYS A C    1 
ATOM 4    O O    . LYS A 1 1  ? -0.743  10.205  -0.800  1.00 0.67 ? 110 LYS A O    1 
ATOM 5    C CB   . LYS A 1 1  ? -3.584  9.733   -2.319  1.00 0.57 ? 110 LYS A CB   1 
ATOM 6    C CG   . LYS A 1 1  ? -2.563  10.300  -3.306  1.00 0.67 ? 110 LYS A CG   1 
ATOM 7    C CD   . LYS A 1 1  ? -3.291  10.892  -4.515  1.00 1.12 ? 110 LYS A CD   1 
ATOM 8    C CE   . LYS A 1 1  ? -2.328  10.975  -5.700  1.00 1.37 ? 110 LYS A CE   1 
ATOM 9    N NZ   . LYS A 1 1  ? -3.202  11.010  -6.904  1.00 1.61 ? 110 LYS A NZ   1 
ATOM 10   H H    . LYS A 1 1  ? -2.490  12.053  -1.308  1.00 0.82 ? 110 LYS A H    1 
ATOM 11   H HA   . LYS A 1 1  ? -3.828  9.612   -0.186  1.00 0.57 ? 110 LYS A HA   1 
ATOM 12   H HB2  . LYS A 1 1  ? -3.661  8.663   -2.454  1.00 0.51 ? 110 LYS A HB2  1 
ATOM 13   H HB3  . LYS A 1 1  ? -4.546  10.188  -2.499  1.00 0.64 ? 110 LYS A HB3  1 
ATOM 14   H HG2  . LYS A 1 1  ? -1.984  11.072  -2.820  1.00 0.96 ? 110 LYS A HG2  1 
ATOM 15   H HG3  . LYS A 1 1  ? -1.905  9.511   -3.637  1.00 0.77 ? 110 LYS A HG3  1 
ATOM 16   H HD2  . LYS A 1 1  ? -4.129  10.261  -4.773  1.00 1.61 ? 110 LYS A HD2  1 
ATOM 17   H HD3  . LYS A 1 1  ? -3.646  11.882  -4.272  1.00 1.62 ? 110 LYS A HD3  1 
ATOM 18   H HE2  . LYS A 1 1  ? -1.733  11.876  -5.636  1.00 1.72 ? 110 LYS A HE2  1 
ATOM 19   H HE3  . LYS A 1 1  ? -1.691  10.104  -5.730  1.00 1.97 ? 110 LYS A HE3  1 
ATOM 20   H HZ1  . LYS A 1 1  ? -3.971  11.695  -6.754  1.00 2.06 ? 110 LYS A HZ1  1 
ATOM 21   H HZ2  . LYS A 1 1  ? -2.643  11.294  -7.733  1.00 1.81 ? 110 LYS A HZ2  1 
ATOM 22   H HZ3  . LYS A 1 1  ? -3.606  10.066  -7.069  1.00 2.10 ? 110 LYS A HZ3  1 
ATOM 23   N N    . ILE A 1 2  ? -1.598  8.251   -0.269  1.00 0.39 ? 111 ILE A N    1 
ATOM 24   C CA   . ILE A 1 2  ? -0.243  7.682   -0.021  1.00 0.36 ? 111 ILE A CA   1 
ATOM 25   C C    . ILE A 1 2  ? 0.168   6.757   -1.174  1.00 0.32 ? 111 ILE A C    1 
ATOM 26   O O    . ILE A 1 2  ? -0.615  6.464   -2.057  1.00 0.31 ? 111 ILE A O    1 
ATOM 27   C CB   . ILE A 1 2  ? -0.369  6.901   1.285   1.00 0.40 ? 111 ILE A CB   1 
ATOM 28   C CG1  . ILE A 1 2  ? -1.286  5.693   1.071   1.00 0.54 ? 111 ILE A CG1  1 
ATOM 29   C CG2  . ILE A 1 2  ? -0.959  7.810   2.364   1.00 0.48 ? 111 ILE A CG2  1 
ATOM 30   C CD1  . ILE A 1 2  ? -0.881  4.573   2.030   1.00 1.42 ? 111 ILE A CD1  1 
ATOM 31   H H    . ILE A 1 2  ? -2.396  7.693   -0.149  1.00 0.37 ? 111 ILE A H    1 
ATOM 32   H HA   . ILE A 1 2  ? 0.477   8.477   0.099   1.00 0.37 ? 111 ILE A HA   1 
ATOM 33   H HB   . ILE A 1 2  ? 0.609   6.562   1.597   1.00 0.45 ? 111 ILE A HB   1 
ATOM 34   H HG12 . ILE A 1 2  ? -2.309  5.980   1.261   1.00 0.98 ? 111 ILE A HG12 1 
ATOM 35   H HG13 . ILE A 1 2  ? -1.191  5.344   0.054   1.00 0.93 ? 111 ILE A HG13 1 
ATOM 36   H HG21 . ILE A 1 2  ? -1.652  8.503   1.912   1.00 1.12 ? 111 ILE A HG21 1 
ATOM 37   H HG22 . ILE A 1 2  ? -1.477  7.211   3.097   1.00 1.03 ? 111 ILE A HG22 1 
ATOM 38   H HG23 . ILE A 1 2  ? -0.164  8.360   2.845   1.00 1.09 ? 111 ILE A HG23 1 
ATOM 39   H HD11 . ILE A 1 2  ? -0.227  4.972   2.793   1.00 1.83 ? 111 ILE A HD11 1 
ATOM 40   H HD12 . ILE A 1 2  ? -1.765  4.159   2.494   1.00 2.11 ? 111 ILE A HD12 1 
ATOM 41   H HD13 . ILE A 1 2  ? -0.365  3.799   1.483   1.00 1.86 ? 111 ILE A HD13 1 
ATOM 42   N N    . PHE A 1 3  ? 1.393   6.299   -1.172  1.00 0.33 ? 112 PHE A N    1 
ATOM 43   C CA   . PHE A 1 3  ? 1.864   5.400   -2.268  1.00 0.31 ? 112 PHE A CA   1 
ATOM 44   C C    . PHE A 1 3  ? 2.483   4.128   -1.680  1.00 0.32 ? 112 PHE A C    1 
ATOM 45   O O    . PHE A 1 3  ? 2.924   4.108   -0.548  1.00 0.43 ? 112 PHE A O    1 
ATOM 46   C CB   . PHE A 1 3  ? 2.919   6.220   -3.015  1.00 0.33 ? 112 PHE A CB   1 
ATOM 47   C CG   . PHE A 1 3  ? 3.661   5.339   -3.994  1.00 0.41 ? 112 PHE A CG   1 
ATOM 48   C CD1  . PHE A 1 3  ? 4.594   4.403   -3.530  1.00 1.20 ? 112 PHE A CD1  1 
ATOM 49   C CD2  . PHE A 1 3  ? 3.420   5.464   -5.368  1.00 1.39 ? 112 PHE A CD2  1 
ATOM 50   C CE1  . PHE A 1 3  ? 5.285   3.593   -4.439  1.00 1.24 ? 112 PHE A CE1  1 
ATOM 51   C CE2  . PHE A 1 3  ? 4.112   4.654   -6.277  1.00 1.46 ? 112 PHE A CE2  1 
ATOM 52   C CZ   . PHE A 1 3  ? 5.045   3.718   -5.812  1.00 0.69 ? 112 PHE A CZ   1 
ATOM 53   H H    . PHE A 1 3  ? 2.006   6.549   -0.450  1.00 0.37 ? 112 PHE A H    1 
ATOM 54   H HA   . PHE A 1 3  ? 1.051   5.154   -2.931  1.00 0.32 ? 112 PHE A HA   1 
ATOM 55   H HB2  . PHE A 1 3  ? 2.436   7.023   -3.551  1.00 0.37 ? 112 PHE A HB2  1 
ATOM 56   H HB3  . PHE A 1 3  ? 3.619   6.634   -2.304  1.00 0.38 ? 112 PHE A HB3  1 
ATOM 57   H HD1  . PHE A 1 3  ? 4.780   4.305   -2.470  1.00 2.10 ? 112 PHE A HD1  1 
ATOM 58   H HD2  . PHE A 1 3  ? 2.702   6.186   -5.727  1.00 2.27 ? 112 PHE A HD2  1 
ATOM 59   H HE1  . PHE A 1 3  ? 6.005   2.872   -4.080  1.00 2.12 ? 112 PHE A HE1  1 
ATOM 60   H HE2  . PHE A 1 3  ? 3.926   4.749   -7.337  1.00 2.37 ? 112 PHE A HE2  1 
ATOM 61   H HZ   . PHE A 1 3  ? 5.579   3.095   -6.513  1.00 0.82 ? 112 PHE A HZ   1 
ATOM 62   N N    . VAL A 1 4  ? 2.518   3.068   -2.438  1.00 0.28 ? 113 VAL A N    1 
ATOM 63   C CA   . VAL A 1 4  ? 3.107   1.801   -1.917  1.00 0.30 ? 113 VAL A CA   1 
ATOM 64   C C    . VAL A 1 4  ? 3.721   0.986   -3.060  1.00 0.28 ? 113 VAL A C    1 
ATOM 65   O O    . VAL A 1 4  ? 3.309   1.086   -4.198  1.00 0.33 ? 113 VAL A O    1 
ATOM 66   C CB   . VAL A 1 4  ? 1.928   1.054   -1.296  1.00 0.35 ? 113 VAL A CB   1 
ATOM 67   C CG1  . VAL A 1 4  ? 1.715   1.542   0.138   1.00 0.45 ? 113 VAL A CG1  1 
ATOM 68   C CG2  . VAL A 1 4  ? 0.666   1.328   -2.117  1.00 0.35 ? 113 VAL A CG2  1 
ATOM 69   H H    . VAL A 1 4  ? 2.156   3.103   -3.349  1.00 0.31 ? 113 VAL A H    1 
ATOM 70   H HA   . VAL A 1 4  ? 3.847   2.012   -1.162  1.00 0.35 ? 113 VAL A HA   1 
ATOM 71   H HB   . VAL A 1 4  ? 2.134   -0.005  -1.291  1.00 0.37 ? 113 VAL A HB   1 
ATOM 72   H HG11 . VAL A 1 4  ? 2.441   2.308   0.368   1.00 1.12 ? 113 VAL A HG11 1 
ATOM 73   H HG12 . VAL A 1 4  ? 0.720   1.950   0.236   1.00 1.11 ? 113 VAL A HG12 1 
ATOM 74   H HG13 . VAL A 1 4  ? 1.836   0.714   0.821   1.00 1.01 ? 113 VAL A HG13 1 
ATOM 75   H HG21 . VAL A 1 4  ? 0.519   2.394   -2.208  1.00 1.12 ? 113 VAL A HG21 1 
ATOM 76   H HG22 . VAL A 1 4  ? 0.776   0.896   -3.102  1.00 1.07 ? 113 VAL A HG22 1 
ATOM 77   H HG23 . VAL A 1 4  ? -0.188  0.887   -1.625  1.00 1.01 ? 113 VAL A HG23 1 
ATOM 78   N N    . GLY A 1 5  ? 4.705   0.179   -2.764  1.00 0.35 ? 114 GLY A N    1 
ATOM 79   C CA   . GLY A 1 5  ? 5.345   -0.642  -3.833  1.00 0.37 ? 114 GLY A CA   1 
ATOM 80   C C    . GLY A 1 5  ? 5.764   -1.995  -3.256  1.00 0.47 ? 114 GLY A C    1 
ATOM 81   O O    . GLY A 1 5  ? 5.886   -2.159  -2.058  1.00 0.61 ? 114 GLY A O    1 
ATOM 82   H H    . GLY A 1 5  ? 5.023   0.112   -1.840  1.00 0.45 ? 114 GLY A H    1 
ATOM 83   H HA2  . GLY A 1 5  ? 4.639   -0.795  -4.638  1.00 0.32 ? 114 GLY A HA2  1 
ATOM 84   H HA3  . GLY A 1 5  ? 6.216   -0.128  -4.210  1.00 0.43 ? 114 GLY A HA3  1 
ATOM 85   N N    . GLY A 1 6  ? 5.985   -2.968  -4.098  1.00 0.53 ? 115 GLY A N    1 
ATOM 86   C CA   . GLY A 1 6  ? 6.394   -4.309  -3.595  1.00 0.64 ? 115 GLY A CA   1 
ATOM 87   C C    . GLY A 1 6  ? 5.161   -5.204  -3.465  1.00 0.64 ? 115 GLY A C    1 
ATOM 88   O O    . GLY A 1 6  ? 5.261   -6.377  -3.163  1.00 0.79 ? 115 GLY A O    1 
ATOM 89   H H    . GLY A 1 6  ? 5.881   -2.816  -5.061  1.00 0.57 ? 115 GLY A H    1 
ATOM 90   H HA2  . GLY A 1 6  ? 7.095   -4.755  -4.289  1.00 0.68 ? 115 GLY A HA2  1 
ATOM 91   H HA3  . GLY A 1 6  ? 6.863   -4.205  -2.628  1.00 0.76 ? 115 GLY A HA3  1 
ATOM 92   N N    . LEU A 1 7  ? 3.996   -4.660  -3.690  1.00 0.67 ? 116 LEU A N    1 
ATOM 93   C CA   . LEU A 1 7  ? 2.754   -5.479  -3.578  1.00 0.76 ? 116 LEU A CA   1 
ATOM 94   C C    . LEU A 1 7  ? 2.936   -6.822  -4.288  1.00 0.61 ? 116 LEU A C    1 
ATOM 95   O O    . LEU A 1 7  ? 2.684   -6.949  -5.470  1.00 0.69 ? 116 LEU A O    1 
ATOM 96   C CB   . LEU A 1 7  ? 1.669   -4.652  -4.267  1.00 1.05 ? 116 LEU A CB   1 
ATOM 97   C CG   . LEU A 1 7  ? 2.201   -3.248  -4.560  1.00 1.20 ? 116 LEU A CG   1 
ATOM 98   C CD1  . LEU A 1 7  ? 1.397   -2.624  -5.701  1.00 1.72 ? 116 LEU A CD1  1 
ATOM 99   C CD2  . LEU A 1 7  ? 2.065   -2.381  -3.307  1.00 1.56 ? 116 LEU A CD2  1 
ATOM 100  H H    . LEU A 1 7  ? 3.937   -3.712  -3.932  1.00 0.77 ? 116 LEU A H    1 
ATOM 101  H HA   . LEU A 1 7  ? 2.497   -5.633  -2.541  1.00 1.02 ? 116 LEU A HA   1 
ATOM 102  H HB2  . LEU A 1 7  ? 1.385   -5.131  -5.193  1.00 1.45 ? 116 LEU A HB2  1 
ATOM 103  H HB3  . LEU A 1 7  ? 0.806   -4.578  -3.621  1.00 1.64 ? 116 LEU A HB3  1 
ATOM 104  H HG   . LEU A 1 7  ? 3.242   -3.311  -4.846  1.00 1.85 ? 116 LEU A HG   1 
ATOM 105  H HD11 . LEU A 1 7  ? 0.361   -2.916  -5.613  1.00 1.97 ? 116 LEU A HD11 1 
ATOM 106  H HD12 . LEU A 1 7  ? 1.473   -1.548  -5.648  1.00 2.31 ? 116 LEU A HD12 1 
ATOM 107  H HD13 . LEU A 1 7  ? 1.788   -2.966  -6.647  1.00 2.23 ? 116 LEU A HD13 1 
ATOM 108  H HD21 . LEU A 1 7  ? 1.188   -2.684  -2.754  1.00 2.02 ? 116 LEU A HD21 1 
ATOM 109  H HD22 . LEU A 1 7  ? 2.940   -2.504  -2.687  1.00 1.97 ? 116 LEU A HD22 1 
ATOM 110  H HD23 . LEU A 1 7  ? 1.969   -1.345  -3.595  1.00 2.02 ? 116 LEU A HD23 1 
ATOM 111  N N    . SER A 1 8  ? 3.370   -7.826  -3.578  1.00 0.83 ? 117 SER A N    1 
ATOM 112  C CA   . SER A 1 8  ? 3.566   -9.160  -4.214  1.00 1.03 ? 117 SER A CA   1 
ATOM 113  C C    . SER A 1 8  ? 2.360   -9.510  -5.089  1.00 0.84 ? 117 SER A C    1 
ATOM 114  O O    . SER A 1 8  ? 1.520   -8.678  -5.369  1.00 0.76 ? 117 SER A O    1 
ATOM 115  C CB   . SER A 1 8  ? 3.683   -10.140 -3.048  1.00 1.46 ? 117 SER A CB   1 
ATOM 116  O OG   . SER A 1 8  ? 3.292   -11.437 -3.484  1.00 1.94 ? 117 SER A OG   1 
ATOM 117  H H    . SER A 1 8  ? 3.568   -7.704  -2.626  1.00 1.05 ? 117 SER A H    1 
ATOM 118  H HA   . SER A 1 8  ? 4.473   -9.171  -4.798  1.00 1.28 ? 117 SER A HA   1 
ATOM 119  H HB2  . SER A 1 8  ? 4.703   -10.175 -2.705  1.00 1.88 ? 117 SER A HB2  1 
ATOM 120  H HB3  . SER A 1 8  ? 3.044   -9.814  -2.239  1.00 1.89 ? 117 SER A HB3  1 
ATOM 121  H HG   . SER A 1 8  ? 4.074   -11.887 -3.813  1.00 2.22 ? 117 SER A HG   1 
ATOM 122  N N    . VAL A 1 9  ? 2.269   -10.738 -5.519  1.00 1.05 ? 118 VAL A N    1 
ATOM 123  C CA   . VAL A 1 9  ? 1.118   -11.148 -6.374  1.00 1.12 ? 118 VAL A CA   1 
ATOM 124  C C    . VAL A 1 9  ? -0.097  -11.479 -5.504  1.00 0.90 ? 118 VAL A C    1 
ATOM 125  O O    . VAL A 1 9  ? -0.252  -10.965 -4.415  1.00 1.28 ? 118 VAL A O    1 
ATOM 126  C CB   . VAL A 1 9  ? 1.600   -12.394 -7.114  1.00 1.60 ? 118 VAL A CB   1 
ATOM 127  C CG1  . VAL A 1 9  ? 0.546   -12.814 -8.139  1.00 2.23 ? 118 VAL A CG1  1 
ATOM 128  C CG2  . VAL A 1 9  ? 2.915   -12.084 -7.831  1.00 2.31 ? 118 VAL A CG2  1 
ATOM 129  H H    . VAL A 1 9  ? 2.956   -11.392 -5.279  1.00 1.30 ? 118 VAL A H    1 
ATOM 130  H HA   . VAL A 1 9  ? 0.875   -10.369 -7.081  1.00 1.25 ? 118 VAL A HA   1 
ATOM 131  H HB   . VAL A 1 9  ? 1.752   -13.195 -6.405  1.00 1.72 ? 118 VAL A HB   1 
ATOM 132  H HG11 . VAL A 1 9  ? -0.418  -12.427 -7.841  1.00 2.76 ? 118 VAL A HG11 1 
ATOM 133  H HG12 . VAL A 1 9  ? 0.809   -12.421 -9.109  1.00 2.54 ? 118 VAL A HG12 1 
ATOM 134  H HG13 . VAL A 1 9  ? 0.501   -13.893 -8.187  1.00 2.61 ? 118 VAL A HG13 1 
ATOM 135  H HG21 . VAL A 1 9  ? 2.910   -11.058 -8.166  1.00 2.53 ? 118 VAL A HG21 1 
ATOM 136  H HG22 . VAL A 1 9  ? 3.740   -12.237 -7.150  1.00 2.81 ? 118 VAL A HG22 1 
ATOM 137  H HG23 . VAL A 1 9  ? 3.024   -12.741 -8.681  1.00 2.84 ? 118 VAL A HG23 1 
ATOM 138  N N    . ASN A 1 10 ? -0.961  -12.337 -5.977  1.00 0.64 ? 119 ASN A N    1 
ATOM 139  C CA   . ASN A 1 10 ? -2.164  -12.700 -5.175  1.00 0.73 ? 119 ASN A CA   1 
ATOM 140  C C    . ASN A 1 10 ? -2.624  -11.499 -4.349  1.00 0.57 ? 119 ASN A C    1 
ATOM 141  O O    . ASN A 1 10 ? -3.720  -11.476 -3.822  1.00 0.90 ? 119 ASN A O    1 
ATOM 142  C CB   . ASN A 1 10 ? -1.701  -13.833 -4.259  1.00 1.01 ? 119 ASN A CB   1 
ATOM 143  C CG   . ASN A 1 10 ? -2.621  -13.906 -3.039  1.00 1.27 ? 119 ASN A CG   1 
ATOM 144  O OD1  . ASN A 1 10 ? -3.167  -14.949 -2.737  1.00 1.85 ? 119 ASN A OD1  1 
ATOM 145  N ND2  . ASN A 1 10 ? -2.816  -12.836 -2.318  1.00 1.13 ? 119 ASN A ND2  1 
ATOM 146  H H    . ASN A 1 10 ? -0.818  -12.742 -6.857  1.00 0.82 ? 119 ASN A H    1 
ATOM 147  H HA   . ASN A 1 10 ? -2.957  -13.045 -5.818  1.00 0.92 ? 119 ASN A HA   1 
ATOM 148  H HB2  . ASN A 1 10 ? -1.737  -14.769 -4.797  1.00 1.23 ? 119 ASN A HB2  1 
ATOM 149  H HB3  . ASN A 1 10 ? -0.689  -13.642 -3.933  1.00 1.06 ? 119 ASN A HB3  1 
ATOM 150  H HD21 . ASN A 1 10 ? -2.375  -11.995 -2.561  1.00 1.10 ? 119 ASN A HD21 1 
ATOM 151  H HD22 . ASN A 1 10 ? -3.403  -12.872 -1.535  1.00 1.32 ? 119 ASN A HD22 1 
ATOM 152  N N    . THR A 1 11 ? -1.796  -10.499 -4.233  1.00 0.43 ? 120 THR A N    1 
ATOM 153  C CA   . THR A 1 11 ? -2.185  -9.298  -3.441  1.00 0.40 ? 120 THR A CA   1 
ATOM 154  C C    . THR A 1 11 ? -3.238  -8.485  -4.200  1.00 0.42 ? 120 THR A C    1 
ATOM 155  O O    . THR A 1 11 ? -3.197  -8.374  -5.409  1.00 0.67 ? 120 THR A O    1 
ATOM 156  C CB   . THR A 1 11 ? -0.891  -8.498  -3.280  1.00 0.52 ? 120 THR A CB   1 
ATOM 157  O OG1  . THR A 1 11 ? 0.102   -9.321  -2.682  1.00 0.80 ? 120 THR A OG1  1 
ATOM 158  C CG2  . THR A 1 11 ? -1.146  -7.281  -2.390  1.00 0.56 ? 120 THR A CG2  1 
ATOM 159  H H    . THR A 1 11 ? -0.917  -10.539 -4.667  1.00 0.67 ? 120 THR A H    1 
ATOM 160  H HA   . THR A 1 11 ? -2.560  -9.591  -2.473  1.00 0.49 ? 120 THR A HA   1 
ATOM 161  H HB   . THR A 1 11 ? -0.549  -8.166  -4.248  1.00 0.69 ? 120 THR A HB   1 
ATOM 162  H HG1  . THR A 1 11 ? -0.113  -9.418  -1.751  1.00 0.74 ? 120 THR A HG1  1 
ATOM 163  H HG21 . THR A 1 11 ? -1.808  -7.557  -1.583  1.00 1.24 ? 120 THR A HG21 1 
ATOM 164  H HG22 . THR A 1 11 ? -0.209  -6.930  -1.984  1.00 1.06 ? 120 THR A HG22 1 
ATOM 165  H HG23 . THR A 1 11 ? -1.600  -6.496  -2.976  1.00 1.25 ? 120 THR A HG23 1 
ATOM 166  N N    . THR A 1 12 ? -4.187  -7.922  -3.501  1.00 0.43 ? 121 THR A N    1 
ATOM 167  C CA   . THR A 1 12 ? -5.245  -7.122  -4.185  1.00 0.48 ? 121 THR A CA   1 
ATOM 168  C C    . THR A 1 12 ? -5.572  -5.869  -3.368  1.00 0.46 ? 121 THR A C    1 
ATOM 169  O O    . THR A 1 12 ? -5.456  -5.859  -2.157  1.00 0.73 ? 121 THR A O    1 
ATOM 170  C CB   . THR A 1 12 ? -6.457  -8.053  -4.255  1.00 0.55 ? 121 THR A CB   1 
ATOM 171  O OG1  . THR A 1 12 ? -7.394  -7.538  -5.190  1.00 0.94 ? 121 THR A OG1  1 
ATOM 172  C CG2  . THR A 1 12 ? -7.110  -8.156  -2.876  1.00 0.87 ? 121 THR A CG2  1 
ATOM 173  H H    . THR A 1 12 ? -4.205  -8.026  -2.526  1.00 0.62 ? 121 THR A H    1 
ATOM 174  H HA   . THR A 1 12 ? -4.928  -6.852  -5.179  1.00 0.56 ? 121 THR A HA   1 
ATOM 175  H HB   . THR A 1 12 ? -6.138  -9.035  -4.570  1.00 0.82 ? 121 THR A HB   1 
ATOM 176  H HG1  . THR A 1 12 ? -7.226  -7.956  -6.039  1.00 1.35 ? 121 THR A HG1  1 
ATOM 177  H HG21 . THR A 1 12 ? -7.267  -7.164  -2.478  1.00 1.22 ? 121 THR A HG21 1 
ATOM 178  H HG22 . THR A 1 12 ? -8.060  -8.663  -2.964  1.00 1.56 ? 121 THR A HG22 1 
ATOM 179  H HG23 . THR A 1 12 ? -6.465  -8.712  -2.213  1.00 1.43 ? 121 THR A HG23 1 
ATOM 180  N N    . VAL A 1 13 ? -5.974  -4.809  -4.016  1.00 0.40 ? 122 VAL A N    1 
ATOM 181  C CA   . VAL A 1 13 ? -6.300  -3.561  -3.267  1.00 0.37 ? 122 VAL A CA   1 
ATOM 182  C C    . VAL A 1 13 ? -6.965  -3.905  -1.939  1.00 0.37 ? 122 VAL A C    1 
ATOM 183  O O    . VAL A 1 13 ? -6.558  -3.444  -0.893  1.00 0.37 ? 122 VAL A O    1 
ATOM 184  C CB   . VAL A 1 13 ? -7.264  -2.787  -4.164  1.00 0.38 ? 122 VAL A CB   1 
ATOM 185  C CG1  . VAL A 1 13 ? -8.232  -1.982  -3.293  1.00 0.55 ? 122 VAL A CG1  1 
ATOM 186  C CG2  . VAL A 1 13 ? -6.471  -1.833  -5.059  1.00 0.57 ? 122 VAL A CG2  1 
ATOM 187  H H    . VAL A 1 13 ? -6.057  -4.832  -4.991  1.00 0.60 ? 122 VAL A H    1 
ATOM 188  H HA   . VAL A 1 13 ? -5.410  -2.983  -3.098  1.00 0.38 ? 122 VAL A HA   1 
ATOM 189  H HB   . VAL A 1 13 ? -7.822  -3.480  -4.777  1.00 0.54 ? 122 VAL A HB   1 
ATOM 190  H HG11 . VAL A 1 13 ? -7.671  -1.340  -2.626  1.00 1.23 ? 122 VAL A HG11 1 
ATOM 191  H HG12 . VAL A 1 13 ? -8.868  -1.378  -3.923  1.00 1.05 ? 122 VAL A HG12 1 
ATOM 192  H HG13 . VAL A 1 13 ? -8.841  -2.659  -2.711  1.00 1.28 ? 122 VAL A HG13 1 
ATOM 193  H HG21 . VAL A 1 13 ? -5.530  -1.593  -4.584  1.00 1.09 ? 122 VAL A HG21 1 
ATOM 194  H HG22 . VAL A 1 13 ? -6.281  -2.306  -6.011  1.00 1.02 ? 122 VAL A HG22 1 
ATOM 195  H HG23 . VAL A 1 13 ? -7.037  -0.927  -5.213  1.00 1.32 ? 122 VAL A HG23 1 
ATOM 196  N N    . GLU A 1 14 ? -7.979  -4.720  -1.968  1.00 0.39 ? 123 GLU A N    1 
ATOM 197  C CA   . GLU A 1 14 ? -8.654  -5.096  -0.698  1.00 0.42 ? 123 GLU A CA   1 
ATOM 198  C C    . GLU A 1 14 ? -7.588  -5.339  0.364   1.00 0.42 ? 123 GLU A C    1 
ATOM 199  O O    . GLU A 1 14 ? -7.829  -5.234  1.551   1.00 0.44 ? 123 GLU A O    1 
ATOM 200  C CB   . GLU A 1 14 ? -9.408  -6.389  -1.014  1.00 0.48 ? 123 GLU A CB   1 
ATOM 201  C CG   . GLU A 1 14 ? -10.895 -6.207  -0.703  1.00 0.66 ? 123 GLU A CG   1 
ATOM 202  C CD   . GLU A 1 14 ? -11.671 -7.436  -1.179  1.00 1.41 ? 123 GLU A CD   1 
ATOM 203  O OE1  . GLU A 1 14 ? -11.932 -7.525  -2.368  1.00 2.22 ? 123 GLU A OE1  1 
ATOM 204  O OE2  . GLU A 1 14 ? -11.993 -8.268  -0.346  1.00 2.05 ? 123 GLU A OE2  1 
ATOM 205  H H    . GLU A 1 14 ? -8.283  -5.090  -2.818  1.00 0.40 ? 123 GLU A H    1 
ATOM 206  H HA   . GLU A 1 14 ? -9.341  -4.324  -0.385  1.00 0.43 ? 123 GLU A HA   1 
ATOM 207  H HB2  . GLU A 1 14 ? -9.286  -6.629  -2.059  1.00 0.61 ? 123 GLU A HB2  1 
ATOM 208  H HB3  . GLU A 1 14 ? -9.013  -7.191  -0.411  1.00 0.69 ? 123 GLU A HB3  1 
ATOM 209  H HG2  . GLU A 1 14 ? -11.028 -6.087  0.363   1.00 1.33 ? 123 GLU A HG2  1 
ATOM 210  H HG3  . GLU A 1 14 ? -11.266 -5.330  -1.213  1.00 1.23 ? 123 GLU A HG3  1 
ATOM 211  N N    . ASP A 1 15 ? -6.400  -5.653  -0.071  1.00 0.41 ? 124 ASP A N    1 
ATOM 212  C CA   . ASP A 1 15 ? -5.287  -5.902  0.887   1.00 0.44 ? 124 ASP A CA   1 
ATOM 213  C C    . ASP A 1 15 ? -4.772  -4.577  1.451   1.00 0.39 ? 124 ASP A C    1 
ATOM 214  O O    . ASP A 1 15 ? -4.767  -4.361  2.646   1.00 0.41 ? 124 ASP A O    1 
ATOM 215  C CB   . ASP A 1 15 ? -4.202  -6.588  0.056   1.00 0.48 ? 124 ASP A CB   1 
ATOM 216  C CG   . ASP A 1 15 ? -4.505  -8.085  -0.043  1.00 1.48 ? 124 ASP A CG   1 
ATOM 217  O OD1  . ASP A 1 15 ? -5.279  -8.567  0.766   1.00 2.18 ? 124 ASP A OD1  1 
ATOM 218  O OD2  . ASP A 1 15 ? -3.957  -8.722  -0.928  1.00 2.08 ? 124 ASP A OD2  1 
ATOM 219  H H    . ASP A 1 15 ? -6.239  -5.718  -1.038  1.00 0.41 ? 124 ASP A H    1 
ATOM 220  H HA   . ASP A 1 15 ? -5.610  -6.555  1.682   1.00 0.48 ? 124 ASP A HA   1 
ATOM 221  H HB2  . ASP A 1 15 ? -4.184  -6.157  -0.935  1.00 0.82 ? 124 ASP A HB2  1 
ATOM 222  H HB3  . ASP A 1 15 ? -3.243  -6.447  0.529   1.00 0.99 ? 124 ASP A HB3  1 
ATOM 223  N N    . VAL A 1 16 ? -4.340  -3.686  0.598   1.00 0.38 ? 125 VAL A N    1 
ATOM 224  C CA   . VAL A 1 16 ? -3.830  -2.375  1.093   1.00 0.38 ? 125 VAL A CA   1 
ATOM 225  C C    . VAL A 1 16 ? -4.976  -1.567  1.696   1.00 0.33 ? 125 VAL A C    1 
ATOM 226  O O    . VAL A 1 16 ? -4.874  -1.036  2.783   1.00 0.36 ? 125 VAL A O    1 
ATOM 227  C CB   . VAL A 1 16 ? -3.267  -1.669  -0.141  1.00 0.46 ? 125 VAL A CB   1 
ATOM 228  C CG1  . VAL A 1 16 ? -3.624  -0.182  -0.084  1.00 0.71 ? 125 VAL A CG1  1 
ATOM 229  C CG2  . VAL A 1 16 ? -1.744  -1.821  -0.163  1.00 0.95 ? 125 VAL A CG2  1 
ATOM 230  H H    . VAL A 1 16 ? -4.355  -3.879  -0.363  1.00 0.41 ? 125 VAL A H    1 
ATOM 231  H HA   . VAL A 1 16 ? -3.052  -2.524  1.820   1.00 0.40 ? 125 VAL A HA   1 
ATOM 232  H HB   . VAL A 1 16 ? -3.690  -2.108  -1.033  1.00 0.91 ? 125 VAL A HB   1 
ATOM 233  H HG11 . VAL A 1 16 ? -4.690  -0.073  0.044   1.00 1.34 ? 125 VAL A HG11 1 
ATOM 234  H HG12 . VAL A 1 16 ? -3.113  0.278   0.748   1.00 1.31 ? 125 VAL A HG12 1 
ATOM 235  H HG13 . VAL A 1 16 ? -3.320  0.296   -1.003  1.00 1.32 ? 125 VAL A HG13 1 
ATOM 236  H HG21 . VAL A 1 16 ? -1.326  -1.384  0.733   1.00 1.53 ? 125 VAL A HG21 1 
ATOM 237  H HG22 . VAL A 1 16 ? -1.486  -2.869  -0.206  1.00 1.21 ? 125 VAL A HG22 1 
ATOM 238  H HG23 . VAL A 1 16 ? -1.344  -1.316  -1.030  1.00 1.48 ? 125 VAL A HG23 1 
ATOM 239  N N    . LYS A 1 17 ? -6.071  -1.480  0.999   1.00 0.31 ? 126 LYS A N    1 
ATOM 240  C CA   . LYS A 1 17 ? -7.234  -0.714  1.531   1.00 0.33 ? 126 LYS A CA   1 
ATOM 241  C C    . LYS A 1 17 ? -7.534  -1.161  2.960   1.00 0.33 ? 126 LYS A C    1 
ATOM 242  O O    . LYS A 1 17 ? -7.576  -0.364  3.876   1.00 0.36 ? 126 LYS A O    1 
ATOM 243  C CB   . LYS A 1 17 ? -8.398  -1.055  0.602   1.00 0.34 ? 126 LYS A CB   1 
ATOM 244  C CG   . LYS A 1 17 ? -9.719  -0.831  1.337   1.00 0.39 ? 126 LYS A CG   1 
ATOM 245  C CD   . LYS A 1 17 ? -10.880 -1.244  0.429   1.00 0.76 ? 126 LYS A CD   1 
ATOM 246  C CE   . LYS A 1 17 ? -12.206 -0.835  1.076   1.00 1.34 ? 126 LYS A CE   1 
ATOM 247  N NZ   . LYS A 1 17 ? -13.250 -1.220  0.087   1.00 1.96 ? 126 LYS A NZ   1 
ATOM 248  H H    . LYS A 1 17 ? -6.130  -1.923  0.128   1.00 0.33 ? 126 LYS A H    1 
ATOM 249  H HA   . LYS A 1 17 ? -7.034  0.342   1.501   1.00 0.35 ? 126 LYS A HA   1 
ATOM 250  H HB2  . LYS A 1 17 ? -8.359  -0.420  -0.272  1.00 0.36 ? 126 LYS A HB2  1 
ATOM 251  H HB3  . LYS A 1 17 ? -8.326  -2.089  0.299   1.00 0.36 ? 126 LYS A HB3  1 
ATOM 252  H HG2  . LYS A 1 17 ? -9.734  -1.428  2.239   1.00 0.66 ? 126 LYS A HG2  1 
ATOM 253  H HG3  . LYS A 1 17 ? -9.817  0.212   1.593   1.00 0.65 ? 126 LYS A HG3  1 
ATOM 254  H HD2  . LYS A 1 17 ? -10.779 -0.754  -0.528  1.00 1.31 ? 126 LYS A HD2  1 
ATOM 255  H HD3  . LYS A 1 17 ? -10.866 -2.314  0.290   1.00 1.37 ? 126 LYS A HD3  1 
ATOM 256  H HE2  . LYS A 1 17 ? -12.350 -1.367  2.006   1.00 1.85 ? 126 LYS A HE2  1 
ATOM 257  H HE3  . LYS A 1 17 ? -12.231 0.230   1.242   1.00 1.91 ? 126 LYS A HE3  1 
ATOM 258  H HZ1  . LYS A 1 17 ? -12.796 -1.588  -0.773  1.00 2.49 ? 126 LYS A HZ1  1 
ATOM 259  H HZ2  . LYS A 1 17 ? -13.862 -1.955  0.498   1.00 2.31 ? 126 LYS A HZ2  1 
ATOM 260  H HZ3  . LYS A 1 17 ? -13.824 -0.388  -0.155  1.00 2.29 ? 126 LYS A HZ3  1 
ATOM 261  N N    . HIS A 1 18 ? -7.734  -2.431  3.159   1.00 0.35 ? 127 HIS A N    1 
ATOM 262  C CA   . HIS A 1 18 ? -8.019  -2.931  4.534   1.00 0.40 ? 127 HIS A CA   1 
ATOM 263  C C    . HIS A 1 18 ? -6.794  -2.717  5.423   1.00 0.36 ? 127 HIS A C    1 
ATOM 264  O O    . HIS A 1 18 ? -6.898  -2.573  6.625   1.00 0.44 ? 127 HIS A O    1 
ATOM 265  C CB   . HIS A 1 18 ? -8.300  -4.423  4.366   1.00 0.47 ? 127 HIS A CB   1 
ATOM 266  C CG   . HIS A 1 18 ? -7.015  -5.193  4.502   1.00 0.46 ? 127 HIS A CG   1 
ATOM 267  N ND1  . HIS A 1 18 ? -6.325  -5.267  5.702   1.00 1.27 ? 127 HIS A ND1  1 
ATOM 268  C CD2  . HIS A 1 18 ? -6.282  -5.924  3.601   1.00 1.11 ? 127 HIS A CD2  1 
ATOM 269  C CE1  . HIS A 1 18 ? -5.229  -6.020  5.493   1.00 0.96 ? 127 HIS A CE1  1 
ATOM 270  N NE2  . HIS A 1 18 ? -5.154  -6.445  4.229   1.00 0.71 ? 127 HIS A NE2  1 
ATOM 271  H H    . HIS A 1 18 ? -7.687  -3.058  2.407   1.00 0.37 ? 127 HIS A H    1 
ATOM 272  H HA   . HIS A 1 18 ? -8.882  -2.434  4.948   1.00 0.45 ? 127 HIS A HA   1 
ATOM 273  H HB2  . HIS A 1 18 ? -8.997  -4.747  5.123   1.00 0.53 ? 127 HIS A HB2  1 
ATOM 274  H HB3  . HIS A 1 18 ? -8.722  -4.601  3.388   1.00 0.49 ? 127 HIS A HB3  1 
ATOM 275  H HD1  . HIS A 1 18 ? -6.587  -4.848  6.548   1.00 2.14 ? 127 HIS A HD1  1 
ATOM 276  H HD2  . HIS A 1 18 ? -6.541  -6.074  2.564   1.00 2.09 ? 127 HIS A HD2  1 
ATOM 277  H HE1  . HIS A 1 18 ? -4.497  -6.249  6.253   1.00 1.61 ? 127 HIS A HE1  1 
ATOM 278  N N    . TYR A 1 19 ? -5.631  -2.698  4.833   1.00 0.31 ? 128 TYR A N    1 
ATOM 279  C CA   . TYR A 1 19 ? -4.389  -2.498  5.634   1.00 0.33 ? 128 TYR A CA   1 
ATOM 280  C C    . TYR A 1 19 ? -4.319  -1.062  6.159   1.00 0.29 ? 128 TYR A C    1 
ATOM 281  O O    . TYR A 1 19 ? -4.454  -0.817  7.341   1.00 0.34 ? 128 TYR A O    1 
ATOM 282  C CB   . TYR A 1 19 ? -3.242  -2.770  4.662   1.00 0.39 ? 128 TYR A CB   1 
ATOM 283  C CG   . TYR A 1 19 ? -1.992  -3.102  5.441   1.00 0.68 ? 128 TYR A CG   1 
ATOM 284  C CD1  . TYR A 1 19 ? -1.940  -4.265  6.220   1.00 1.50 ? 128 TYR A CD1  1 
ATOM 285  C CD2  . TYR A 1 19 ? -0.886  -2.247  5.385   1.00 1.50 ? 128 TYR A CD2  1 
ATOM 286  C CE1  . TYR A 1 19 ? -0.780  -4.572  6.943   1.00 1.80 ? 128 TYR A CE1  1 
ATOM 287  C CE2  . TYR A 1 19 ? 0.274   -2.554  6.107   1.00 1.82 ? 128 TYR A CE2  1 
ATOM 288  C CZ   . TYR A 1 19 ? 0.326   -3.716  6.886   1.00 1.59 ? 128 TYR A CZ   1 
ATOM 289  O OH   . TYR A 1 19 ? 1.470   -4.018  7.597   1.00 2.06 ? 128 TYR A OH   1 
ATOM 290  H H    . TYR A 1 19 ? -5.573  -2.819  3.862   1.00 0.31 ? 128 TYR A H    1 
ATOM 291  H HA   . TYR A 1 19 ? -4.352  -3.200  6.452   1.00 0.36 ? 128 TYR A HA   1 
ATOM 292  H HB2  . TYR A 1 19 ? -3.500  -3.600  4.023   1.00 0.48 ? 128 TYR A HB2  1 
ATOM 293  H HB3  . TYR A 1 19 ? -3.065  -1.891  4.059   1.00 0.60 ? 128 TYR A HB3  1 
ATOM 294  H HD1  . TYR A 1 19 ? -2.794  -4.925  6.264   1.00 2.25 ? 128 TYR A HD1  1 
ATOM 295  H HD2  . TYR A 1 19 ? -0.926  -1.351  4.784   1.00 2.24 ? 128 TYR A HD2  1 
ATOM 296  H HE1  . TYR A 1 19 ? -0.740  -5.469  7.544   1.00 2.60 ? 128 TYR A HE1  1 
ATOM 297  H HE2  . TYR A 1 19 ? 1.127   -1.895  6.064   1.00 2.65 ? 128 TYR A HE2  1 
ATOM 298  H HH   . TYR A 1 19 ? 1.204   -4.406  8.435   1.00 2.19 ? 128 TYR A HH   1 
ATOM 299  N N    . PHE A 1 20 ? -4.102  -0.108  5.293   1.00 0.27 ? 129 PHE A N    1 
ATOM 300  C CA   . PHE A 1 20 ? -4.018  1.305   5.758   1.00 0.25 ? 129 PHE A CA   1 
ATOM 301  C C    . PHE A 1 20 ? -5.373  1.782   6.271   1.00 0.22 ? 129 PHE A C    1 
ATOM 302  O O    . PHE A 1 20 ? -5.462  2.770   6.972   1.00 0.22 ? 129 PHE A O    1 
ATOM 303  C CB   . PHE A 1 20 ? -3.590  2.118   4.538   1.00 0.25 ? 129 PHE A CB   1 
ATOM 304  C CG   . PHE A 1 20 ? -2.269  1.601   4.021   1.00 0.27 ? 129 PHE A CG   1 
ATOM 305  C CD1  . PHE A 1 20 ? -1.179  1.472   4.889   1.00 1.22 ? 129 PHE A CD1  1 
ATOM 306  C CD2  . PHE A 1 20 ? -2.135  1.253   2.672   1.00 1.26 ? 129 PHE A CD2  1 
ATOM 307  C CE1  . PHE A 1 20 ? 0.047   0.996   4.406   1.00 1.23 ? 129 PHE A CE1  1 
ATOM 308  C CE2  . PHE A 1 20 ? -0.910  0.778   2.190   1.00 1.29 ? 129 PHE A CE2  1 
ATOM 309  C CZ   . PHE A 1 20 ? 0.181   0.649   3.056   1.00 0.40 ? 129 PHE A CZ   1 
ATOM 310  H H    . PHE A 1 20 ? -3.992  -0.322  4.343   1.00 0.31 ? 129 PHE A H    1 
ATOM 311  H HA   . PHE A 1 20 ? -3.280  1.397   6.539   1.00 0.26 ? 129 PHE A HA   1 
ATOM 312  H HB2  . PHE A 1 20 ? -4.340  2.030   3.766   1.00 0.27 ? 129 PHE A HB2  1 
ATOM 313  H HB3  . PHE A 1 20 ? -3.484  3.153   4.822   1.00 0.27 ? 129 PHE A HB3  1 
ATOM 314  H HD1  . PHE A 1 20 ? -1.282  1.740   5.929   1.00 2.14 ? 129 PHE A HD1  1 
ATOM 315  H HD2  . PHE A 1 20 ? -2.976  1.352   2.003   1.00 2.16 ? 129 PHE A HD2  1 
ATOM 316  H HE1  . PHE A 1 20 ? 0.889   0.897   5.075   1.00 2.13 ? 129 PHE A HE1  1 
ATOM 317  H HE2  . PHE A 1 20 ? -0.807  0.510   1.149   1.00 2.21 ? 129 PHE A HE2  1 
ATOM 318  H HZ   . PHE A 1 20 ? 1.126   0.283   2.684   1.00 0.47 ? 129 PHE A HZ   1 
ATOM 319  N N    . GLU A 1 21 ? -6.431  1.092   5.950   1.00 0.22 ? 130 GLU A N    1 
ATOM 320  C CA   . GLU A 1 21 ? -7.753  1.530   6.464   1.00 0.22 ? 130 GLU A CA   1 
ATOM 321  C C    . GLU A 1 21 ? -7.659  1.607   7.978   1.00 0.26 ? 130 GLU A C    1 
ATOM 322  O O    . GLU A 1 21 ? -8.169  2.511   8.609   1.00 0.30 ? 130 GLU A O    1 
ATOM 323  C CB   . GLU A 1 21 ? -8.738  0.443   6.046   1.00 0.27 ? 130 GLU A CB   1 
ATOM 324  C CG   . GLU A 1 21 ? -10.165 0.914   6.327   1.00 1.22 ? 130 GLU A CG   1 
ATOM 325  C CD   . GLU A 1 21 ? -11.148 -0.217  6.017   1.00 1.62 ? 130 GLU A CD   1 
ATOM 326  O OE1  . GLU A 1 21 ? -10.749 -1.155  5.348   1.00 2.08 ? 130 GLU A OE1  1 
ATOM 327  O OE2  . GLU A 1 21 ? -12.283 -0.127  6.455   1.00 2.24 ? 130 GLU A OE2  1 
ATOM 328  H H    . GLU A 1 21 ? -6.355  0.290   5.392   1.00 0.23 ? 130 GLU A H    1 
ATOM 329  H HA   . GLU A 1 21 ? -8.029  2.484   6.049   1.00 0.20 ? 130 GLU A HA   1 
ATOM 330  H HB2  . GLU A 1 21 ? -8.623  0.238   4.992   1.00 1.01 ? 130 GLU A HB2  1 
ATOM 331  H HB3  . GLU A 1 21 ? -8.539  -0.453  6.617   1.00 0.93 ? 130 GLU A HB3  1 
ATOM 332  H HG2  . GLU A 1 21 ? -10.251 1.192   7.367   1.00 1.72 ? 130 GLU A HG2  1 
ATOM 333  H HG3  . GLU A 1 21 ? -10.392 1.766   5.705   1.00 1.92 ? 130 GLU A HG3  1 
ATOM 334  N N    . GLN A 1 22 ? -6.969  0.669   8.557   1.00 0.29 ? 131 GLN A N    1 
ATOM 335  C CA   . GLN A 1 22 ? -6.790  0.684   10.026  1.00 0.36 ? 131 GLN A CA   1 
ATOM 336  C C    . GLN A 1 22 ? -5.739  1.738   10.350  1.00 0.34 ? 131 GLN A C    1 
ATOM 337  O O    . GLN A 1 22 ? -5.566  2.154   11.478  1.00 0.40 ? 131 GLN A O    1 
ATOM 338  C CB   . GLN A 1 22 ? -6.293  -0.716  10.390  1.00 0.41 ? 131 GLN A CB   1 
ATOM 339  C CG   . GLN A 1 22 ? -4.886  -0.920  9.824   1.00 0.63 ? 131 GLN A CG   1 
ATOM 340  C CD   . GLN A 1 22 ? -4.402  -2.334  10.154  1.00 0.78 ? 131 GLN A CD   1 
ATOM 341  O OE1  . GLN A 1 22 ? -4.082  -2.631  11.288  1.00 1.44 ? 131 GLN A OE1  1 
ATOM 342  N NE2  . GLN A 1 22 ? -4.334  -3.226  9.203   1.00 1.13 ? 131 GLN A NE2  1 
ATOM 343  H H    . GLN A 1 22 ? -6.546  -0.030  8.016   1.00 0.29 ? 131 GLN A H    1 
ATOM 344  H HA   . GLN A 1 22 ? -7.721  0.899   10.516  1.00 0.40 ? 131 GLN A HA   1 
ATOM 345  H HB2  . GLN A 1 22 ? -6.269  -0.821  11.466  1.00 0.57 ? 131 GLN A HB2  1 
ATOM 346  H HB3  . GLN A 1 22 ? -6.959  -1.456  9.971   1.00 0.54 ? 131 GLN A HB3  1 
ATOM 347  H HG2  . GLN A 1 22 ? -4.907  -0.787  8.752   1.00 0.97 ? 131 GLN A HG2  1 
ATOM 348  H HG3  . GLN A 1 22 ? -4.212  -0.200  10.263  1.00 1.00 ? 131 GLN A HG3  1 
ATOM 349  H HE21 . GLN A 1 22 ? -4.589  -2.986  8.288   1.00 1.60 ? 131 GLN A HE21 1 
ATOM 350  H HE22 . GLN A 1 22 ? -4.025  -4.134  9.403   1.00 1.33 ? 131 GLN A HE22 1 
ATOM 351  N N    . PHE A 1 23 ? -5.045  2.173   9.336   1.00 0.30 ? 132 PHE A N    1 
ATOM 352  C CA   . PHE A 1 23 ? -3.995  3.211   9.518   1.00 0.31 ? 132 PHE A CA   1 
ATOM 353  C C    . PHE A 1 23 ? -4.586  4.597   9.257   1.00 0.33 ? 132 PHE A C    1 
ATOM 354  O O    . PHE A 1 23 ? -4.189  5.576   9.855   1.00 0.38 ? 132 PHE A O    1 
ATOM 355  C CB   . PHE A 1 23 ? -2.931  2.884   8.468   1.00 0.29 ? 132 PHE A CB   1 
ATOM 356  C CG   . PHE A 1 23 ? -2.023  1.797   8.990   1.00 0.35 ? 132 PHE A CG   1 
ATOM 357  C CD1  . PHE A 1 23 ? -2.385  0.453   8.845   1.00 1.16 ? 132 PHE A CD1  1 
ATOM 358  C CD2  . PHE A 1 23 ? -0.819  2.135   9.619   1.00 1.33 ? 132 PHE A CD2  1 
ATOM 359  C CE1  . PHE A 1 23 ? -1.543  -0.555  9.332   1.00 1.16 ? 132 PHE A CE1  1 
ATOM 360  C CE2  . PHE A 1 23 ? 0.022   1.128   10.105  1.00 1.39 ? 132 PHE A CE2  1 
ATOM 361  C CZ   . PHE A 1 23 ? -0.339  -0.217  9.961   1.00 0.54 ? 132 PHE A CZ   1 
ATOM 362  H H    . PHE A 1 23 ? -5.223  1.812   8.442   1.00 0.27 ? 132 PHE A H    1 
ATOM 363  H HA   . PHE A 1 23 ? -3.573  3.157   10.507  1.00 0.36 ? 132 PHE A HA   1 
ATOM 364  H HB2  . PHE A 1 23 ? -3.411  2.549   7.558   1.00 0.28 ? 132 PHE A HB2  1 
ATOM 365  H HB3  . PHE A 1 23 ? -2.348  3.770   8.260   1.00 0.31 ? 132 PHE A HB3  1 
ATOM 366  H HD1  . PHE A 1 23 ? -3.314  0.192   8.360   1.00 2.05 ? 132 PHE A HD1  1 
ATOM 367  H HD2  . PHE A 1 23 ? -0.541  3.172   9.731   1.00 2.20 ? 132 PHE A HD2  1 
ATOM 368  H HE1  . PHE A 1 23 ? -1.822  -1.592  9.220   1.00 2.03 ? 132 PHE A HE1  1 
ATOM 369  H HE2  . PHE A 1 23 ? 0.951   1.388   10.590  1.00 2.29 ? 132 PHE A HE2  1 
ATOM 370  H HZ   . PHE A 1 23 ? 0.311   -0.994  10.337  1.00 0.62 ? 132 PHE A HZ   1 
ATOM 371  N N    . GLY A 1 24 ? -5.532  4.684   8.362   1.00 0.33 ? 133 GLY A N    1 
ATOM 372  C CA   . GLY A 1 24 ? -6.146  6.005   8.058   1.00 0.39 ? 133 GLY A CA   1 
ATOM 373  C C    . GLY A 1 24 ? -7.461  5.797   7.305   1.00 0.47 ? 133 GLY A C    1 
ATOM 374  O O    . GLY A 1 24 ? -7.534  5.045   6.355   1.00 1.23 ? 133 GLY A O    1 
ATOM 375  H H    . GLY A 1 24 ? -5.838  3.879   7.889   1.00 0.32 ? 133 GLY A H    1 
ATOM 376  H HA2  . GLY A 1 24 ? -6.336  6.535   8.980   1.00 0.41 ? 133 GLY A HA2  1 
ATOM 377  H HA3  . GLY A 1 24 ? -5.473  6.582   7.441   1.00 0.42 ? 133 GLY A HA3  1 
ATOM 378  N N    . LYS A 1 25 ? -8.500  6.463   7.723   1.00 0.54 ? 134 LYS A N    1 
ATOM 379  C CA   . LYS A 1 25 ? -9.812  6.314   7.036   1.00 0.49 ? 134 LYS A CA   1 
ATOM 380  C C    . LYS A 1 25 ? -9.632  5.646   5.670   1.00 0.39 ? 134 LYS A C    1 
ATOM 381  O O    . LYS A 1 25 ? -10.501 4.942   5.193   1.00 0.52 ? 134 LYS A O    1 
ATOM 382  C CB   . LYS A 1 25 ? -10.320 7.744   6.862   1.00 0.56 ? 134 LYS A CB   1 
ATOM 383  C CG   . LYS A 1 25 ? -10.397 8.081   5.372   1.00 1.09 ? 134 LYS A CG   1 
ATOM 384  C CD   . LYS A 1 25 ? -11.014 9.470   5.193   1.00 1.99 ? 134 LYS A CD   1 
ATOM 385  C CE   . LYS A 1 25 ? -12.473 9.446   5.658   1.00 2.39 ? 134 LYS A CE   1 
ATOM 386  N NZ   . LYS A 1 25 ? -12.403 9.512   7.144   1.00 3.07 ? 134 LYS A NZ   1 
ATOM 387  H H    . LYS A 1 25 ? -8.416  7.066   8.491   1.00 1.15 ? 134 LYS A H    1 
ATOM 388  H HA   . LYS A 1 25 ? -10.498 5.751   7.646   1.00 0.52 ? 134 LYS A HA   1 
ATOM 389  H HB2  . LYS A 1 25 ? -11.300 7.836   7.306   1.00 1.05 ? 134 LYS A HB2  1 
ATOM 390  H HB3  . LYS A 1 25 ? -9.638  8.425   7.347   1.00 1.06 ? 134 LYS A HB3  1 
ATOM 391  H HG2  . LYS A 1 25 ? -9.402  8.072   4.950   1.00 1.59 ? 134 LYS A HG2  1 
ATOM 392  H HG3  . LYS A 1 25 ? -11.009 7.349   4.868   1.00 1.39 ? 134 LYS A HG3  1 
ATOM 393  H HD2  . LYS A 1 25 ? -10.460 10.189  5.779   1.00 2.65 ? 134 LYS A HD2  1 
ATOM 394  H HD3  . LYS A 1 25 ? -10.976 9.749   4.151   1.00 2.42 ? 134 LYS A HD3  1 
ATOM 395  H HE2  . LYS A 1 25 ? -13.005 10.300  5.264   1.00 2.65 ? 134 LYS A HE2  1 
ATOM 396  H HE3  . LYS A 1 25 ? -12.951 8.528   5.351   1.00 2.69 ? 134 LYS A HE3  1 
ATOM 397  H HZ1  . LYS A 1 25 ? -11.484 9.905   7.431   1.00 3.44 ? 134 LYS A HZ1  1 
ATOM 398  H HZ2  . LYS A 1 25 ? -13.168 10.122  7.500   1.00 3.33 ? 134 LYS A HZ2  1 
ATOM 399  H HZ3  . LYS A 1 25 ? -12.508 8.557   7.540   1.00 3.44 ? 134 LYS A HZ3  1 
ATOM 400  N N    . VAL A 1 26 ? -8.520  5.874   5.031   1.00 0.26 ? 135 VAL A N    1 
ATOM 401  C CA   . VAL A 1 26 ? -8.298  5.265   3.685   1.00 0.19 ? 135 VAL A CA   1 
ATOM 402  C C    . VAL A 1 26 ? -9.603  5.188   2.897   1.00 0.21 ? 135 VAL A C    1 
ATOM 403  O O    . VAL A 1 26 ? -10.096 4.118   2.596   1.00 0.24 ? 135 VAL A O    1 
ATOM 404  C CB   . VAL A 1 26 ? -7.760  3.859   3.930   1.00 0.18 ? 135 VAL A CB   1 
ATOM 405  C CG1  . VAL A 1 26 ? -8.344  2.940   2.861   1.00 0.22 ? 135 VAL A CG1  1 
ATOM 406  C CG2  . VAL A 1 26 ? -6.236  3.849   3.818   1.00 0.18 ? 135 VAL A CG2  1 
ATOM 407  H H    . VAL A 1 26 ? -7.840  6.458   5.428   1.00 0.31 ? 135 VAL A H    1 
ATOM 408  H HA   . VAL A 1 26 ? -7.569  5.840   3.136   1.00 0.19 ? 135 VAL A HA   1 
ATOM 409  H HB   . VAL A 1 26 ? -8.079  3.507   4.900   1.00 0.22 ? 135 VAL A HB   1 
ATOM 410  H HG11 . VAL A 1 26 ? -8.999  3.514   2.219   1.00 1.00 ? 135 VAL A HG11 1 
ATOM 411  H HG12 . VAL A 1 26 ? -7.544  2.515   2.273   1.00 0.93 ? 135 VAL A HG12 1 
ATOM 412  H HG13 . VAL A 1 26 ? -8.908  2.148   3.333   1.00 1.01 ? 135 VAL A HG13 1 
ATOM 413  H HG21 . VAL A 1 26 ? -5.881  4.857   3.649   1.00 1.07 ? 135 VAL A HG21 1 
ATOM 414  H HG22 . VAL A 1 26 ? -5.807  3.463   4.729   1.00 1.03 ? 135 VAL A HG22 1 
ATOM 415  H HG23 . VAL A 1 26 ? -5.943  3.220   2.984   1.00 0.99 ? 135 VAL A HG23 1 
ATOM 416  N N    . ASP A 1 27 ? -10.156 6.306   2.537   1.00 0.22 ? 136 ASP A N    1 
ATOM 417  C CA   . ASP A 1 27 ? -11.413 6.284   1.743   1.00 0.26 ? 136 ASP A CA   1 
ATOM 418  C C    . ASP A 1 27 ? -11.138 5.580   0.419   1.00 0.25 ? 136 ASP A C    1 
ATOM 419  O O    . ASP A 1 27 ? -12.012 4.996   -0.189  1.00 0.28 ? 136 ASP A O    1 
ATOM 420  C CB   . ASP A 1 27 ? -11.760 7.748   1.502   1.00 0.30 ? 136 ASP A CB   1 
ATOM 421  C CG   . ASP A 1 27 ? -13.131 8.055   2.104   1.00 0.67 ? 136 ASP A CG   1 
ATOM 422  O OD1  . ASP A 1 27 ? -13.277 7.899   3.305   1.00 1.48 ? 136 ASP A OD1  1 
ATOM 423  O OD2  . ASP A 1 27 ? -14.014 8.438   1.354   1.00 1.33 ? 136 ASP A OD2  1 
ATOM 424  H H    . ASP A 1 27 ? -9.736  7.155   2.771   1.00 0.24 ? 136 ASP A H    1 
ATOM 425  H HA   . ASP A 1 27 ? -12.204 5.791   2.287   1.00 0.28 ? 136 ASP A HA   1 
ATOM 426  H HB2  . ASP A 1 27 ? -11.012 8.375   1.964   1.00 0.54 ? 136 ASP A HB2  1 
ATOM 427  H HB3  . ASP A 1 27 ? -11.783 7.938   0.439   1.00 0.66 ? 136 ASP A HB3  1 
ATOM 428  N N    . ASP A 1 28 ? -9.913  5.634   -0.021  1.00 0.23 ? 137 ASP A N    1 
ATOM 429  C CA   . ASP A 1 28 ? -9.544  4.971   -1.296  1.00 0.25 ? 137 ASP A CA   1 
ATOM 430  C C    . ASP A 1 28 ? -8.228  4.210   -1.121  1.00 0.19 ? 137 ASP A C    1 
ATOM 431  O O    . ASP A 1 28 ? -7.283  4.704   -0.533  1.00 0.18 ? 137 ASP A O    1 
ATOM 432  C CB   . ASP A 1 28 ? -9.377  6.104   -2.307  1.00 0.31 ? 137 ASP A CB   1 
ATOM 433  C CG   . ASP A 1 28 ? -10.735 6.754   -2.577  1.00 0.56 ? 137 ASP A CG   1 
ATOM 434  O OD1  . ASP A 1 28 ? -11.526 6.834   -1.651  1.00 1.14 ? 137 ASP A OD1  1 
ATOM 435  O OD2  . ASP A 1 28 ? -10.962 7.160   -3.705  1.00 1.34 ? 137 ASP A OD2  1 
ATOM 436  H H    . ASP A 1 28 ? -9.229  6.108   0.497   1.00 0.22 ? 137 ASP A H    1 
ATOM 437  H HA   . ASP A 1 28 ? -10.330 4.306   -1.613  1.00 0.28 ? 137 ASP A HA   1 
ATOM 438  H HB2  . ASP A 1 28 ? -8.696  6.842   -1.909  1.00 0.36 ? 137 ASP A HB2  1 
ATOM 439  H HB3  . ASP A 1 28 ? -8.980  5.705   -3.228  1.00 0.36 ? 137 ASP A HB3  1 
ATOM 440  N N    . ALA A 1 29 ? -8.159  3.015   -1.631  1.00 0.21 ? 138 ALA A N    1 
ATOM 441  C CA   . ALA A 1 29 ? -6.909  2.215   -1.505  1.00 0.18 ? 138 ALA A CA   1 
ATOM 442  C C    . ALA A 1 29 ? -6.702  1.408   -2.785  1.00 0.18 ? 138 ALA A C    1 
ATOM 443  O O    . ALA A 1 29 ? -7.127  0.276   -2.902  1.00 0.23 ? 138 ALA A O    1 
ATOM 444  C CB   . ALA A 1 29 ? -7.135  1.299   -0.300  1.00 0.20 ? 138 ALA A CB   1 
ATOM 445  H H    . ALA A 1 29 ? -8.931  2.645   -2.104  1.00 0.26 ? 138 ALA A H    1 
ATOM 446  H HA   . ALA A 1 29 ? -6.065  2.860   -1.330  1.00 0.18 ? 138 ALA A HA   1 
ATOM 447  H HB1  . ALA A 1 29 ? -8.195  1.164   -0.143  1.00 1.02 ? 138 ALA A HB1  1 
ATOM 448  H HB2  . ALA A 1 29 ? -6.673  0.339   -0.486  1.00 1.01 ? 138 ALA A HB2  1 
ATOM 449  H HB3  . ALA A 1 29 ? -6.694  1.747   0.584   1.00 1.08 ? 138 ALA A HB3  1 
ATOM 450  N N    . MET A 1 30 ? -6.069  2.003   -3.753  1.00 0.20 ? 139 MET A N    1 
ATOM 451  C CA   . MET A 1 30 ? -5.845  1.305   -5.052  1.00 0.23 ? 139 MET A CA   1 
ATOM 452  C C    . MET A 1 30 ? -4.532  0.516   -5.041  1.00 0.24 ? 139 MET A C    1 
ATOM 453  O O    . MET A 1 30 ? -3.713  0.656   -4.155  1.00 0.23 ? 139 MET A O    1 
ATOM 454  C CB   . MET A 1 30 ? -5.781  2.429   -6.086  1.00 0.28 ? 139 MET A CB   1 
ATOM 455  C CG   . MET A 1 30 ? -4.598  2.194   -7.027  1.00 1.10 ? 139 MET A CG   1 
ATOM 456  S SD   . MET A 1 30 ? -5.174  2.253   -8.743  1.00 1.64 ? 139 MET A SD   1 
ATOM 457  C CE   . MET A 1 30 ? -6.231  3.712   -8.579  1.00 2.09 ? 139 MET A CE   1 
ATOM 458  H H    . MET A 1 30 ? -5.757  2.924   -3.632  1.00 0.25 ? 139 MET A H    1 
ATOM 459  H HA   . MET A 1 30 ? -6.674  0.653   -5.275  1.00 0.29 ? 139 MET A HA   1 
ATOM 460  H HB2  . MET A 1 30 ? -6.697  2.447   -6.656  1.00 0.97 ? 139 MET A HB2  1 
ATOM 461  H HB3  . MET A 1 30 ? -5.651  3.374   -5.579  1.00 1.06 ? 139 MET A HB3  1 
ATOM 462  H HG2  . MET A 1 30 ? -3.855  2.961   -6.870  1.00 1.73 ? 139 MET A HG2  1 
ATOM 463  H HG3  . MET A 1 30 ? -4.164  1.226   -6.826  1.00 1.61 ? 139 MET A HG3  1 
ATOM 464  H HE1  . MET A 1 30 ? -5.669  4.515   -8.122  1.00 2.45 ? 139 MET A HE1  1 
ATOM 465  H HE2  . MET A 1 30 ? -6.569  4.025   -9.555  1.00 2.46 ? 139 MET A HE2  1 
ATOM 466  H HE3  . MET A 1 30 ? -7.087  3.469   -7.964  1.00 2.66 ? 139 MET A HE3  1 
ATOM 467  N N    . LEU A 1 31 ? -4.335  -0.310  -6.033  1.00 0.29 ? 140 LEU A N    1 
ATOM 468  C CA   . LEU A 1 31 ? -3.083  -1.116  -6.112  1.00 0.34 ? 140 LEU A CA   1 
ATOM 469  C C    . LEU A 1 31 ? -2.727  -1.372  -7.579  1.00 0.37 ? 140 LEU A C    1 
ATOM 470  O O    . LEU A 1 31 ? -3.587  -1.619  -8.400  1.00 0.42 ? 140 LEU A O    1 
ATOM 471  C CB   . LEU A 1 31 ? -3.408  -2.428  -5.402  1.00 0.43 ? 140 LEU A CB   1 
ATOM 472  C CG   . LEU A 1 31 ? -2.672  -2.475  -4.063  1.00 0.78 ? 140 LEU A CG   1 
ATOM 473  C CD1  . LEU A 1 31 ? -3.439  -3.372  -3.089  1.00 1.19 ? 140 LEU A CD1  1 
ATOM 474  C CD2  . LEU A 1 31 ? -1.266  -3.039  -4.277  1.00 1.51 ? 140 LEU A CD2  1 
ATOM 475  H H    . LEU A 1 31 ? -5.013  -0.397  -6.735  1.00 0.33 ? 140 LEU A H    1 
ATOM 476  H HA   . LEU A 1 31 ? -2.274  -0.610  -5.608  1.00 0.32 ? 140 LEU A HA   1 
ATOM 477  H HB2  . LEU A 1 31 ? -4.474  -2.492  -5.233  1.00 0.73 ? 140 LEU A HB2  1 
ATOM 478  H HB3  . LEU A 1 31 ? -3.091  -3.259  -6.014  1.00 0.87 ? 140 LEU A HB3  1 
ATOM 479  H HG   . LEU A 1 31 ? -2.605  -1.477  -3.655  1.00 1.68 ? 140 LEU A HG   1 
ATOM 480  H HD11 . LEU A 1 31 ? -4.051  -4.066  -3.645  1.00 1.93 ? 140 LEU A HD11 1 
ATOM 481  H HD12 . LEU A 1 31 ? -2.738  -3.919  -2.477  1.00 1.63 ? 140 LEU A HD12 1 
ATOM 482  H HD13 . LEU A 1 31 ? -4.069  -2.762  -2.458  1.00 1.58 ? 140 LEU A HD13 1 
ATOM 483  H HD21 . LEU A 1 31 ? -1.283  -3.754  -5.086  1.00 2.09 ? 140 LEU A HD21 1 
ATOM 484  H HD22 . LEU A 1 31 ? -0.589  -2.233  -4.523  1.00 2.08 ? 140 LEU A HD22 1 
ATOM 485  H HD23 . LEU A 1 31 ? -0.931  -3.524  -3.372  1.00 1.97 ? 140 LEU A HD23 1 
ATOM 486  N N    . MET A 1 32 ? -1.472  -1.302  -7.919  1.00 0.48 ? 141 MET A N    1 
ATOM 487  C CA   . MET A 1 32 ? -1.075  -1.528  -9.336  1.00 0.56 ? 141 MET A CA   1 
ATOM 488  C C    . MET A 1 32 ? -0.158  -2.746  -9.456  1.00 0.63 ? 141 MET A C    1 
ATOM 489  O O    . MET A 1 32 ? 1.003   -2.699  -9.097  1.00 0.78 ? 141 MET A O    1 
ATOM 490  C CB   . MET A 1 32 ? -0.324  -0.262  -9.746  1.00 0.56 ? 141 MET A CB   1 
ATOM 491  C CG   . MET A 1 32 ? -1.325  0.864   -10.009 1.00 0.81 ? 141 MET A CG   1 
ATOM 492  S SD   . MET A 1 32 ? -2.230  0.525   -11.539 1.00 1.22 ? 141 MET A SD   1 
ATOM 493  C CE   . MET A 1 32 ? -3.298  1.986   -11.499 1.00 1.52 ? 141 MET A CE   1 
ATOM 494  H H    . MET A 1 32 ? -0.791  -1.091  -7.247  1.00 0.58 ? 141 MET A H    1 
ATOM 495  H HA   . MET A 1 32 ? -1.948  -1.653  -9.957  1.00 0.60 ? 141 MET A HA   1 
ATOM 496  H HB2  . MET A 1 32 ? 0.350   0.030   -8.953  1.00 0.74 ? 141 MET A HB2  1 
ATOM 497  H HB3  . MET A 1 32 ? 0.242   -0.455  -10.647 1.00 0.75 ? 141 MET A HB3  1 
ATOM 498  H HG2  . MET A 1 32 ? -2.020  0.925   -9.185  1.00 1.11 ? 141 MET A HG2  1 
ATOM 499  H HG3  . MET A 1 32 ? -0.796  1.801   -10.104 1.00 1.05 ? 141 MET A HG3  1 
ATOM 500  H HE1  . MET A 1 32 ? -2.791  2.790   -10.989 1.00 1.93 ? 141 MET A HE1  1 
ATOM 501  H HE2  . MET A 1 32 ? -3.527  2.291   -12.511 1.00 2.14 ? 141 MET A HE2  1 
ATOM 502  H HE3  . MET A 1 32 ? -4.212  1.748   -10.973 1.00 1.99 ? 141 MET A HE3  1 
ATOM 503  N N    . PHE A 1 33 ? -0.663  -3.830  -9.974  1.00 0.66 ? 142 PHE A N    1 
ATOM 504  C CA   . PHE A 1 33 ? 0.188   -5.040  -10.135 1.00 0.76 ? 142 PHE A CA   1 
ATOM 505  C C    . PHE A 1 33 ? 0.872   -4.993  -11.503 1.00 1.03 ? 142 PHE A C    1 
ATOM 506  O O    . PHE A 1 33 ? 0.386   -4.368  -12.424 1.00 1.30 ? 142 PHE A O    1 
ATOM 507  C CB   . PHE A 1 33 ? -0.776  -6.223  -10.051 1.00 0.89 ? 142 PHE A CB   1 
ATOM 508  C CG   . PHE A 1 33 ? -1.605  -6.111  -8.794  1.00 0.82 ? 142 PHE A CG   1 
ATOM 509  C CD1  . PHE A 1 33 ? -2.606  -5.137  -8.698  1.00 1.62 ? 142 PHE A CD1  1 
ATOM 510  C CD2  . PHE A 1 33 ? -1.373  -6.984  -7.724  1.00 1.32 ? 142 PHE A CD2  1 
ATOM 511  C CE1  . PHE A 1 33 ? -3.374  -5.035  -7.532  1.00 1.74 ? 142 PHE A CE1  1 
ATOM 512  C CE2  . PHE A 1 33 ? -2.141  -6.882  -6.558  1.00 1.41 ? 142 PHE A CE2  1 
ATOM 513  C CZ   . PHE A 1 33 ? -3.143  -5.907  -6.462  1.00 1.15 ? 142 PHE A CZ   1 
ATOM 514  H H    . PHE A 1 33 ? -1.597  -3.843  -10.270 1.00 0.74 ? 142 PHE A H    1 
ATOM 515  H HA   . PHE A 1 33 ? 0.920   -5.099  -9.344  1.00 0.74 ? 142 PHE A HA   1 
ATOM 516  H HB2  . PHE A 1 33 ? -1.426  -6.218  -10.914 1.00 1.07 ? 142 PHE A HB2  1 
ATOM 517  H HB3  . PHE A 1 33 ? -0.213  -7.144  -10.030 1.00 1.10 ? 142 PHE A HB3  1 
ATOM 518  H HD1  . PHE A 1 33 ? -2.785  -4.464  -9.523  1.00 2.45 ? 142 PHE A HD1  1 
ATOM 519  H HD2  . PHE A 1 33 ? -0.602  -7.736  -7.798  1.00 2.13 ? 142 PHE A HD2  1 
ATOM 520  H HE1  . PHE A 1 33 ? -4.146  -4.283  -7.458  1.00 2.61 ? 142 PHE A HE1  1 
ATOM 521  H HE2  . PHE A 1 33 ? -1.963  -7.555  -5.732  1.00 2.20 ? 142 PHE A HE2  1 
ATOM 522  H HZ   . PHE A 1 33 ? -3.736  -5.830  -5.563  1.00 1.36 ? 142 PHE A HZ   1 
ATOM 523  N N    . ASP A 1 34 ? 1.997   -5.636  -11.648 1.00 1.16 ? 143 ASP A N    1 
ATOM 524  C CA   . ASP A 1 34 ? 2.697   -5.606  -12.964 1.00 1.48 ? 143 ASP A CA   1 
ATOM 525  C C    . ASP A 1 34 ? 1.770   -6.123  -14.072 1.00 1.60 ? 143 ASP A C    1 
ATOM 526  O O    . ASP A 1 34 ? 0.788   -6.792  -13.813 1.00 2.09 ? 143 ASP A O    1 
ATOM 527  C CB   . ASP A 1 34 ? 3.910   -6.514  -12.784 1.00 2.28 ? 143 ASP A CB   1 
ATOM 528  C CG   . ASP A 1 34 ? 5.145   -5.856  -13.405 1.00 3.11 ? 143 ASP A CG   1 
ATOM 529  O OD1  . ASP A 1 34 ? 4.977   -4.878  -14.115 1.00 3.63 ? 143 ASP A OD1  1 
ATOM 530  O OD2  . ASP A 1 34 ? 6.237   -6.342  -13.160 1.00 3.74 ? 143 ASP A OD2  1 
ATOM 531  H H    . ASP A 1 34 ? 2.382   -6.135  -10.897 1.00 1.17 ? 143 ASP A H    1 
ATOM 532  H HA   . ASP A 1 34 ? 3.022   -4.602  -13.188 1.00 1.97 ? 143 ASP A HA   1 
ATOM 533  H HB2  . ASP A 1 34 ? 4.083   -6.675  -11.729 1.00 2.65 ? 143 ASP A HB2  1 
ATOM 534  H HB3  . ASP A 1 34 ? 3.726   -7.460  -13.267 1.00 2.64 ? 143 ASP A HB3  1 
ATOM 535  N N    . LYS A 1 35 ? 2.067   -5.800  -15.303 1.00 2.17 ? 144 LYS A N    1 
ATOM 536  C CA   . LYS A 1 35 ? 1.200   -6.245  -16.437 1.00 2.91 ? 144 LYS A CA   1 
ATOM 537  C C    . LYS A 1 35 ? 0.819   -7.727  -16.309 1.00 3.43 ? 144 LYS A C    1 
ATOM 538  O O    . LYS A 1 35 ? 0.461   -8.199  -15.249 1.00 4.09 ? 144 LYS A O    1 
ATOM 539  C CB   . LYS A 1 35 ? 2.045   -6.016  -17.691 1.00 3.50 ? 144 LYS A CB   1 
ATOM 540  C CG   . LYS A 1 35 ? 1.134   -5.983  -18.922 1.00 4.09 ? 144 LYS A CG   1 
ATOM 541  C CD   . LYS A 1 35 ? 1.156   -4.583  -19.541 1.00 4.72 ? 144 LYS A CD   1 
ATOM 542  C CE   . LYS A 1 35 ? 0.882   -4.684  -21.043 1.00 5.46 ? 144 LYS A CE   1 
ATOM 543  N NZ   . LYS A 1 35 ? 0.226   -3.395  -21.402 1.00 5.88 ? 144 LYS A NZ   1 
ATOM 544  H H    . LYS A 1 35 ? 2.856   -5.248  -15.482 1.00 2.52 ? 144 LYS A H    1 
ATOM 545  H HA   . LYS A 1 35 ? 0.311   -5.637  -16.484 1.00 3.18 ? 144 LYS A HA   1 
ATOM 546  H HB2  . LYS A 1 35 ? 2.567   -5.074  -17.604 1.00 3.69 ? 144 LYS A HB2  1 
ATOM 547  H HB3  . LYS A 1 35 ? 2.761   -6.816  -17.796 1.00 3.88 ? 144 LYS A HB3  1 
ATOM 548  H HG2  . LYS A 1 35 ? 1.485   -6.702  -19.647 1.00 4.33 ? 144 LYS A HG2  1 
ATOM 549  H HG3  . LYS A 1 35 ? 0.125   -6.228  -18.630 1.00 4.32 ? 144 LYS A HG3  1 
ATOM 550  H HD2  . LYS A 1 35 ? 0.396   -3.972  -19.075 1.00 4.85 ? 144 LYS A HD2  1 
ATOM 551  H HD3  . LYS A 1 35 ? 2.126   -4.134  -19.384 1.00 4.93 ? 144 LYS A HD3  1 
ATOM 552  H HE2  . LYS A 1 35 ? 1.809   -4.801  -21.586 1.00 5.79 ? 144 LYS A HE2  1 
ATOM 553  H HE3  . LYS A 1 35 ? 0.215   -5.507  -21.249 1.00 5.69 ? 144 LYS A HE3  1 
ATOM 554  H HZ1  . LYS A 1 35 ? 0.573   -2.643  -20.774 1.00 5.90 ? 144 LYS A HZ1  1 
ATOM 555  H HZ2  . LYS A 1 35 ? 0.453   -3.152  -22.386 1.00 6.25 ? 144 LYS A HZ2  1 
ATOM 556  H HZ3  . LYS A 1 35 ? -0.805  -3.489  -21.296 1.00 6.12 ? 144 LYS A HZ3  1 
ATOM 557  N N    . THR A 1 36 ? 0.883   -8.455  -17.394 1.00 3.60 ? 145 THR A N    1 
ATOM 558  C CA   . THR A 1 36 ? 0.513   -9.901  -17.364 1.00 4.43 ? 145 THR A CA   1 
ATOM 559  C C    . THR A 1 36 ? 1.128   -10.587 -16.146 1.00 4.36 ? 145 THR A C    1 
ATOM 560  O O    . THR A 1 36 ? 0.554   -10.612 -15.076 1.00 5.04 ? 145 THR A O    1 
ATOM 561  C CB   . THR A 1 36 ? 1.098   -10.475 -18.655 1.00 5.17 ? 145 THR A CB   1 
ATOM 562  O OG1  . THR A 1 36 ? 1.190   -9.445  -19.629 1.00 5.28 ? 145 THR A OG1  1 
ATOM 563  C CG2  . THR A 1 36 ? 0.197   -11.595 -19.178 1.00 5.95 ? 145 THR A CG2  1 
ATOM 564  H H    . THR A 1 36 ? 1.167   -8.049  -18.236 1.00 3.50 ? 145 THR A H    1 
ATOM 565  H HA   . THR A 1 36 ? -0.560  -10.017 -17.362 1.00 4.85 ? 145 THR A HA   1 
ATOM 566  H HB   . THR A 1 36 ? 2.082   -10.873 -18.458 1.00 5.40 ? 145 THR A HB   1 
ATOM 567  H HG1  . THR A 1 36 ? 2.050   -9.029  -19.539 1.00 5.51 ? 145 THR A HG1  1 
ATOM 568  H HG21 . THR A 1 36 ? -0.811  -11.226 -19.286 1.00 6.05 ? 145 THR A HG21 1 
ATOM 569  H HG22 . THR A 1 36 ? 0.562   -11.932 -20.138 1.00 6.31 ? 145 THR A HG22 1 
ATOM 570  H HG23 . THR A 1 36 ? 0.208   -12.420 -18.481 1.00 6.36 ? 145 THR A HG23 1 
ATOM 571  N N    . THR A 1 37 ? 2.294   -11.143 -16.304 1.00 3.94 ? 146 THR A N    1 
ATOM 572  C CA   . THR A 1 37 ? 2.952   -11.831 -15.157 1.00 4.25 ? 146 THR A CA   1 
ATOM 573  C C    . THR A 1 37 ? 3.802   -10.825 -14.382 1.00 3.61 ? 146 THR A C    1 
ATOM 574  O O    . THR A 1 37 ? 4.600   -11.185 -13.540 1.00 4.15 ? 146 THR A O    1 
ATOM 575  C CB   . THR A 1 37 ? 3.835   -12.908 -15.788 1.00 5.39 ? 146 THR A CB   1 
ATOM 576  O OG1  . THR A 1 37 ? 4.613   -12.330 -16.826 1.00 5.75 ? 146 THR A OG1  1 
ATOM 577  C CG2  . THR A 1 37 ? 2.955   -14.020 -16.364 1.00 6.14 ? 146 THR A CG2  1 
ATOM 578  H H    . THR A 1 37 ? 2.736   -11.105 -17.178 1.00 3.72 ? 146 THR A H    1 
ATOM 579  H HA   . THR A 1 37 ? 2.215   -12.283 -14.512 1.00 4.56 ? 146 THR A HA   1 
ATOM 580  H HB   . THR A 1 37 ? 4.488   -13.324 -15.037 1.00 5.78 ? 146 THR A HB   1 
ATOM 581  H HG1  . THR A 1 37 ? 4.499   -11.377 -16.787 1.00 6.11 ? 146 THR A HG1  1 
ATOM 582  H HG21 . THR A 1 37 ? 2.198   -14.289 -15.643 1.00 6.42 ? 146 THR A HG21 1 
ATOM 583  H HG22 . THR A 1 37 ? 2.483   -13.673 -17.272 1.00 6.67 ? 146 THR A HG22 1 
ATOM 584  H HG23 . THR A 1 37 ? 3.565   -14.884 -16.584 1.00 6.19 ? 146 THR A HG23 1 
ATOM 585  N N    . ASN A 1 38 ? 3.626   -9.564  -14.662 1.00 2.98 ? 147 ASN A N    1 
ATOM 586  C CA   . ASN A 1 38 ? 4.410   -8.523  -13.950 1.00 3.14 ? 147 ASN A CA   1 
ATOM 587  C C    . ASN A 1 38 ? 4.065   -8.549  -12.460 1.00 2.83 ? 147 ASN A C    1 
ATOM 588  O O    . ASN A 1 38 ? 3.700   -7.553  -11.871 1.00 3.61 ? 147 ASN A O    1 
ATOM 589  C CB   . ASN A 1 38 ? 3.977   -7.203  -14.595 1.00 3.48 ? 147 ASN A CB   1 
ATOM 590  C CG   . ASN A 1 38 ? 4.770   -6.981  -15.883 1.00 3.98 ? 147 ASN A CG   1 
ATOM 591  O OD1  . ASN A 1 38 ? 5.899   -6.533  -15.849 1.00 4.33 ? 147 ASN A OD1  1 
ATOM 592  N ND2  . ASN A 1 38 ? 4.222   -7.279  -17.029 1.00 4.52 ? 147 ASN A ND2  1 
ATOM 593  H H    . ASN A 1 38 ? 2.973   -9.302  -15.342 1.00 2.90 ? 147 ASN A H    1 
ATOM 594  H HA   . ASN A 1 38 ? 5.466   -8.678  -14.098 1.00 3.87 ? 147 ASN A HA   1 
ATOM 595  H HB2  . ASN A 1 38 ? 2.922   -7.242  -14.823 1.00 3.67 ? 147 ASN A HB2  1 
ATOM 596  H HB3  . ASN A 1 38 ? 4.166   -6.389  -13.916 1.00 3.85 ? 147 ASN A HB3  1 
ATOM 597  H HD21 . ASN A 1 38 ? 3.311   -7.641  -17.055 1.00 4.61 ? 147 ASN A HD21 1 
ATOM 598  H HD22 . ASN A 1 38 ? 4.719   -7.141  -17.861 1.00 5.07 ? 147 ASN A HD22 1 
ATOM 599  N N    . ARG A 1 39 ? 4.176   -9.689  -11.846 1.00 2.13 ? 148 ARG A N    1 
ATOM 600  C CA   . ARG A 1 39 ? 3.857   -9.790  -10.395 1.00 2.29 ? 148 ARG A CA   1 
ATOM 601  C C    . ARG A 1 39 ? 5.117   -9.515  -9.569  1.00 2.30 ? 148 ARG A C    1 
ATOM 602  O O    . ARG A 1 39 ? 5.060   -9.335  -8.368  1.00 2.93 ? 148 ARG A O    1 
ATOM 603  C CB   . ARG A 1 39 ? 3.390   -11.233 -10.194 1.00 2.61 ? 148 ARG A CB   1 
ATOM 604  C CG   . ARG A 1 39 ? 2.559   -11.680 -11.399 1.00 2.70 ? 148 ARG A CG   1 
ATOM 605  C CD   . ARG A 1 39 ? 2.999   -13.079 -11.835 1.00 3.65 ? 148 ARG A CD   1 
ATOM 606  N NE   . ARG A 1 39 ? 4.249   -12.864 -12.615 1.00 4.25 ? 148 ARG A NE   1 
ATOM 607  C CZ   . ARG A 1 39 ? 5.316   -12.402 -12.021 1.00 5.18 ? 148 ARG A CZ   1 
ATOM 608  N NH1  . ARG A 1 39 ? 5.738   -12.957 -10.916 1.00 5.80 ? 148 ARG A NH1  1 
ATOM 609  N NH2  . ARG A 1 39 ? 5.960   -11.387 -12.530 1.00 5.80 ? 148 ARG A NH2  1 
ATOM 610  H H    . ARG A 1 39 ? 4.466   -10.482 -12.341 1.00 1.97 ? 148 ARG A H    1 
ATOM 611  H HA   . ARG A 1 39 ? 3.070   -9.103  -10.130 1.00 2.95 ? 148 ARG A HA   1 
ATOM 612  H HB2  . ARG A 1 39 ? 4.251   -11.878 -10.091 1.00 2.90 ? 148 ARG A HB2  1 
ATOM 613  H HB3  . ARG A 1 39 ? 2.786   -11.293 -9.301  1.00 3.24 ? 148 ARG A HB3  1 
ATOM 614  H HG2  . ARG A 1 39 ? 1.513   -11.700 -11.127 1.00 2.88 ? 148 ARG A HG2  1 
ATOM 615  H HG3  . ARG A 1 39 ? 2.706   -10.988 -12.215 1.00 2.63 ? 148 ARG A HG3  1 
ATOM 616  H HD2  . ARG A 1 39 ? 3.194   -13.698 -10.969 1.00 4.08 ? 148 ARG A HD2  1 
ATOM 617  H HD3  . ARG A 1 39 ? 2.247   -13.534 -12.461 1.00 3.98 ? 148 ARG A HD3  1 
ATOM 618  H HE   . ARG A 1 39 ? 4.272   -13.068 -13.572 1.00 4.23 ? 148 ARG A HE   1 
ATOM 619  H HH11 . ARG A 1 39 ? 5.243   -13.734 -10.528 1.00 5.66 ? 148 ARG A HH11 1 
ATOM 620  H HH12 . ARG A 1 39 ? 6.554   -12.604 -10.460 1.00 6.59 ? 148 ARG A HH12 1 
ATOM 621  H HH21 . ARG A 1 39 ? 5.637   -10.963 -13.376 1.00 5.66 ? 148 ARG A HH21 1 
ATOM 622  H HH22 . ARG A 1 39 ? 6.778   -11.034 -12.075 1.00 6.60 ? 148 ARG A HH22 1 
ATOM 623  N N    . HIS A 1 40 ? 6.254   -9.488  -10.210 1.00 2.30 ? 149 HIS A N    1 
ATOM 624  C CA   . HIS A 1 40 ? 7.529   -9.235  -9.477  1.00 2.82 ? 149 HIS A CA   1 
ATOM 625  C C    . HIS A 1 40 ? 7.432   -7.961  -8.636  1.00 2.48 ? 149 HIS A C    1 
ATOM 626  O O    . HIS A 1 40 ? 8.041   -7.848  -7.592  1.00 2.97 ? 149 HIS A O    1 
ATOM 627  C CB   . HIS A 1 40 ? 8.585   -9.071  -10.570 1.00 3.62 ? 149 HIS A CB   1 
ATOM 628  C CG   . HIS A 1 40 ? 9.569   -10.204 -10.493 1.00 4.25 ? 149 HIS A CG   1 
ATOM 629  N ND1  . HIS A 1 40 ? 10.770  -10.186 -11.184 1.00 4.96 ? 149 HIS A ND1  1 
ATOM 630  C CD2  . HIS A 1 40 ? 9.546   -11.395 -9.812  1.00 4.67 ? 149 HIS A CD2  1 
ATOM 631  C CE1  . HIS A 1 40 ? 11.415  -11.334 -10.907 1.00 5.56 ? 149 HIS A CE1  1 
ATOM 632  N NE2  . HIS A 1 40 ? 10.713  -12.108 -10.076 1.00 5.44 ? 149 HIS A NE2  1 
ATOM 633  H H    . HIS A 1 40 ? 6.271   -9.641  -11.177 1.00 2.46 ? 149 HIS A H    1 
ATOM 634  H HA   . HIS A 1 40 ? 7.776   -10.076 -8.853  1.00 3.25 ? 149 HIS A HA   1 
ATOM 635  H HB2  . HIS A 1 40 ? 8.106   -9.075  -11.538 1.00 3.76 ? 149 HIS A HB2  1 
ATOM 636  H HB3  . HIS A 1 40 ? 9.105   -8.134  -10.430 1.00 3.98 ? 149 HIS A HB3  1 
ATOM 637  H HD1  . HIS A 1 40 ? 11.091  -9.467  -11.769 1.00 5.19 ? 149 HIS A HD1  1 
ATOM 638  H HD2  . HIS A 1 40 ? 8.744   -11.730 -9.170  1.00 4.67 ? 149 HIS A HD2  1 
ATOM 639  H HE1  . HIS A 1 40 ? 12.382  -11.597 -11.309 1.00 6.26 ? 149 HIS A HE1  1 
ATOM 640  N N    . ARG A 1 41 ? 6.678   -6.997  -9.082  1.00 2.11 ? 150 ARG A N    1 
ATOM 641  C CA   . ARG A 1 41 ? 6.555   -5.732  -8.302  1.00 2.00 ? 150 ARG A CA   1 
ATOM 642  C C    . ARG A 1 41 ? 5.103   -5.250  -8.293  1.00 1.54 ? 150 ARG A C    1 
ATOM 643  O O    . ARG A 1 41 ? 4.176   -6.036  -8.321  1.00 2.18 ? 150 ARG A O    1 
ATOM 644  C CB   . ARG A 1 41 ? 7.447   -4.728  -9.031  1.00 2.31 ? 150 ARG A CB   1 
ATOM 645  C CG   . ARG A 1 41 ? 8.901   -4.929  -8.600  1.00 3.01 ? 150 ARG A CG   1 
ATOM 646  C CD   . ARG A 1 41 ? 9.763   -5.233  -9.827  1.00 3.51 ? 150 ARG A CD   1 
ATOM 647  N NE   . ARG A 1 41 ? 11.126  -5.482  -9.287  1.00 4.10 ? 150 ARG A NE   1 
ATOM 648  C CZ   . ARG A 1 41 ? 12.032  -4.545  -9.345  1.00 4.60 ? 150 ARG A CZ   1 
ATOM 649  N NH1  . ARG A 1 41 ? 12.007  -3.671  -10.314 1.00 5.08 ? 150 ARG A NH1  1 
ATOM 650  N NH2  . ARG A 1 41 ? 12.962  -4.480  -8.432  1.00 5.00 ? 150 ARG A NH2  1 
ATOM 651  H H    . ARG A 1 41 ? 6.196   -7.103  -9.929  1.00 2.33 ? 150 ARG A H    1 
ATOM 652  H HA   . ARG A 1 41 ? 6.911   -5.876  -7.295  1.00 2.41 ? 150 ARG A HA   1 
ATOM 653  H HB2  . ARG A 1 41 ? 7.363   -4.879  -10.097 1.00 2.43 ? 150 ARG A HB2  1 
ATOM 654  H HB3  . ARG A 1 41 ? 7.135   -3.725  -8.783  1.00 2.62 ? 150 ARG A HB3  1 
ATOM 655  H HG2  . ARG A 1 41 ? 9.260   -4.030  -8.121  1.00 3.44 ? 150 ARG A HG2  1 
ATOM 656  H HG3  . ARG A 1 41 ? 8.961   -5.755  -7.907  1.00 3.33 ? 150 ARG A HG3  1 
ATOM 657  H HD2  . ARG A 1 41 ? 9.391   -6.111  -10.339 1.00 3.69 ? 150 ARG A HD2  1 
ATOM 658  H HD3  . ARG A 1 41 ? 9.779   -4.386  -10.496 1.00 3.83 ? 150 ARG A HD3  1 
ATOM 659  H HE   . ARG A 1 41 ? 11.344  -6.350  -8.886  1.00 4.39 ? 150 ARG A HE   1 
ATOM 660  H HH11 . ARG A 1 41 ? 11.293  -3.720  -11.013 1.00 5.13 ? 150 ARG A HH11 1 
ATOM 661  H HH12 . ARG A 1 41 ? 12.703  -2.954  -10.359 1.00 5.62 ? 150 ARG A HH12 1 
ATOM 662  H HH21 . ARG A 1 41 ? 12.980  -5.148  -7.688  1.00 5.00 ? 150 ARG A HH21 1 
ATOM 663  H HH22 . ARG A 1 41 ? 13.657  -3.763  -8.476  1.00 5.52 ? 150 ARG A HH22 1 
ATOM 664  N N    . GLY A 1 42 ? 4.899   -3.962  -8.253  1.00 1.12 ? 151 GLY A N    1 
ATOM 665  C CA   . GLY A 1 42 ? 3.509   -3.428  -8.240  1.00 0.85 ? 151 GLY A CA   1 
ATOM 666  C C    . GLY A 1 42 ? 3.416   -2.266  -7.249  1.00 0.68 ? 151 GLY A C    1 
ATOM 667  O O    . GLY A 1 42 ? 3.800   -2.380  -6.103  1.00 0.64 ? 151 GLY A O    1 
ATOM 668  H H    . GLY A 1 42 ? 5.662   -3.346  -8.230  1.00 1.64 ? 151 GLY A H    1 
ATOM 669  H HA2  . GLY A 1 42 ? 3.248   -3.083  -9.230  1.00 0.98 ? 151 GLY A HA2  1 
ATOM 670  H HA3  . GLY A 1 42 ? 2.828   -4.208  -7.938  1.00 1.10 ? 151 GLY A HA3  1 
ATOM 671  N N    . PHE A 1 43 ? 2.897   -1.148  -7.683  1.00 0.60 ? 152 PHE A N    1 
ATOM 672  C CA   . PHE A 1 43 ? 2.765   0.024   -6.769  1.00 0.48 ? 152 PHE A CA   1 
ATOM 673  C C    . PHE A 1 43 ? 1.290   0.393   -6.629  1.00 0.40 ? 152 PHE A C    1 
ATOM 674  O O    . PHE A 1 43 ? 0.567   0.449   -7.600  1.00 0.44 ? 152 PHE A O    1 
ATOM 675  C CB   . PHE A 1 43 ? 3.530   1.155   -7.449  1.00 0.55 ? 152 PHE A CB   1 
ATOM 676  C CG   . PHE A 1 43 ? 3.032   1.312   -8.865  1.00 0.61 ? 152 PHE A CG   1 
ATOM 677  C CD1  . PHE A 1 43 ? 1.779   1.888   -9.105  1.00 1.35 ? 152 PHE A CD1  1 
ATOM 678  C CD2  . PHE A 1 43 ? 3.820   0.879   -9.940  1.00 1.39 ? 152 PHE A CD2  1 
ATOM 679  C CE1  . PHE A 1 43 ? 1.313   2.031   -10.417 1.00 1.43 ? 152 PHE A CE1  1 
ATOM 680  C CE2  . PHE A 1 43 ? 3.354   1.022   -11.252 1.00 1.46 ? 152 PHE A CE2  1 
ATOM 681  C CZ   . PHE A 1 43 ? 2.100   1.599   -11.490 1.00 0.87 ? 152 PHE A CZ   1 
ATOM 682  H H    . PHE A 1 43 ? 2.585   -1.081  -8.609  1.00 0.66 ? 152 PHE A H    1 
ATOM 683  H HA   . PHE A 1 43 ? 3.198   -0.194  -5.805  1.00 0.48 ? 152 PHE A HA   1 
ATOM 684  H HB2  . PHE A 1 43 ? 3.366   2.072   -6.903  1.00 0.55 ? 152 PHE A HB2  1 
ATOM 685  H HB3  . PHE A 1 43 ? 4.585   0.924   -7.461  1.00 0.65 ? 152 PHE A HB3  1 
ATOM 686  H HD1  . PHE A 1 43 ? 1.171   2.222   -8.277  1.00 2.20 ? 152 PHE A HD1  1 
ATOM 687  H HD2  . PHE A 1 43 ? 4.786   0.434   -9.755  1.00 2.25 ? 152 PHE A HD2  1 
ATOM 688  H HE1  . PHE A 1 43 ? 0.347   2.475   -10.600 1.00 2.28 ? 152 PHE A HE1  1 
ATOM 689  H HE2  . PHE A 1 43 ? 3.962   0.689   -12.080 1.00 2.32 ? 152 PHE A HE2  1 
ATOM 690  H HZ   . PHE A 1 43 ? 1.741   1.710   -12.503 1.00 1.00 ? 152 PHE A HZ   1 
ATOM 691  N N    . GLY A 1 44 ? 0.836   0.638   -5.434  1.00 0.33 ? 153 GLY A N    1 
ATOM 692  C CA   . GLY A 1 44 ? -0.603  0.985   -5.248  1.00 0.30 ? 153 GLY A CA   1 
ATOM 693  C C    . GLY A 1 44 ? -0.752  2.452   -4.844  1.00 0.27 ? 153 GLY A C    1 
ATOM 694  O O    . GLY A 1 44 ? 0.209   3.125   -4.527  1.00 0.34 ? 153 GLY A O    1 
ATOM 695  H H    . GLY A 1 44 ? 1.436   0.587   -4.663  1.00 0.37 ? 153 GLY A H    1 
ATOM 696  H HA2  . GLY A 1 44 ? -1.132  0.814   -6.175  1.00 0.31 ? 153 GLY A HA2  1 
ATOM 697  H HA3  . GLY A 1 44 ? -1.023  0.360   -4.475  1.00 0.33 ? 153 GLY A HA3  1 
ATOM 698  N N    . PHE A 1 45 ? -1.961  2.946   -4.847  1.00 0.23 ? 154 PHE A N    1 
ATOM 699  C CA   . PHE A 1 45 ? -2.196  4.365   -4.458  1.00 0.24 ? 154 PHE A CA   1 
ATOM 700  C C    . PHE A 1 45 ? -3.355  4.444   -3.464  1.00 0.20 ? 154 PHE A C    1 
ATOM 701  O O    . PHE A 1 45 ? -4.509  4.371   -3.836  1.00 0.22 ? 154 PHE A O    1 
ATOM 702  C CB   . PHE A 1 45 ? -2.566  5.082   -5.756  1.00 0.30 ? 154 PHE A CB   1 
ATOM 703  C CG   . PHE A 1 45 ? -1.321  5.348   -6.565  1.00 0.40 ? 154 PHE A CG   1 
ATOM 704  C CD1  . PHE A 1 45 ? -0.325  6.190   -6.058  1.00 1.38 ? 154 PHE A CD1  1 
ATOM 705  C CD2  . PHE A 1 45 ? -1.166  4.757   -7.823  1.00 1.22 ? 154 PHE A CD2  1 
ATOM 706  C CE1  . PHE A 1 45 ? 0.827   6.442   -6.812  1.00 1.55 ? 154 PHE A CE1  1 
ATOM 707  C CE2  . PHE A 1 45 ? -0.014  5.007   -8.577  1.00 1.28 ? 154 PHE A CE2  1 
ATOM 708  C CZ   . PHE A 1 45 ? 0.983   5.850   -8.071  1.00 0.88 ? 154 PHE A CZ   1 
ATOM 709  H H    . PHE A 1 45 ? -2.719  2.379   -5.101  1.00 0.24 ? 154 PHE A H    1 
ATOM 710  H HA   . PHE A 1 45 ? -1.303  4.796   -4.035  1.00 0.28 ? 154 PHE A HA   1 
ATOM 711  H HB2  . PHE A 1 45 ? -3.242  4.463   -6.328  1.00 0.37 ? 154 PHE A HB2  1 
ATOM 712  H HB3  . PHE A 1 45 ? -3.050  6.020   -5.523  1.00 0.44 ? 154 PHE A HB3  1 
ATOM 713  H HD1  . PHE A 1 45 ? -0.446  6.646   -5.086  1.00 2.23 ? 154 PHE A HD1  1 
ATOM 714  H HD2  . PHE A 1 45 ? -1.935  4.105   -8.213  1.00 2.11 ? 154 PHE A HD2  1 
ATOM 715  H HE1  . PHE A 1 45 ? 1.597   7.092   -6.422  1.00 2.46 ? 154 PHE A HE1  1 
ATOM 716  H HE2  . PHE A 1 45 ? 0.106   4.550   -9.548  1.00 2.12 ? 154 PHE A HE2  1 
ATOM 717  H HZ   . PHE A 1 45 ? 1.872   6.046   -8.653  1.00 1.09 ? 154 PHE A HZ   1 
ATOM 718  N N    . VAL A 1 46 ? -3.061  4.600   -2.205  1.00 0.20 ? 155 VAL A N    1 
ATOM 719  C CA   . VAL A 1 46 ? -4.153  4.688   -1.197  1.00 0.18 ? 155 VAL A CA   1 
ATOM 720  C C    . VAL A 1 46 ? -4.344  6.139   -0.774  1.00 0.18 ? 155 VAL A C    1 
ATOM 721  O O    . VAL A 1 46 ? -3.810  7.044   -1.382  1.00 0.21 ? 155 VAL A O    1 
ATOM 722  C CB   . VAL A 1 46 ? -3.681  3.841   -0.017  1.00 0.22 ? 155 VAL A CB   1 
ATOM 723  C CG1  . VAL A 1 46 ? -4.896  3.341   0.763   1.00 0.24 ? 155 VAL A CG1  1 
ATOM 724  C CG2  . VAL A 1 46 ? -2.883  2.644   -0.535  1.00 0.25 ? 155 VAL A CG2  1 
ATOM 725  H H    . VAL A 1 46 ? -2.122  4.664   -1.922  1.00 0.24 ? 155 VAL A H    1 
ATOM 726  H HA   . VAL A 1 46 ? -5.070  4.289   -1.596  1.00 0.17 ? 155 VAL A HA   1 
ATOM 727  H HB   . VAL A 1 46 ? -3.059  4.442   0.631   1.00 0.24 ? 155 VAL A HB   1 
ATOM 728  H HG11 . VAL A 1 46 ? -5.693  3.109   0.072   1.00 1.02 ? 155 VAL A HG11 1 
ATOM 729  H HG12 . VAL A 1 46 ? -4.628  2.453   1.316   1.00 1.08 ? 155 VAL A HG12 1 
ATOM 730  H HG13 . VAL A 1 46 ? -5.226  4.108   1.448   1.00 1.01 ? 155 VAL A HG13 1 
ATOM 731  H HG21 . VAL A 1 46 ? -2.129  2.986   -1.228  1.00 1.09 ? 155 VAL A HG21 1 
ATOM 732  H HG22 . VAL A 1 46 ? -2.409  2.143   0.296   1.00 1.05 ? 155 VAL A HG22 1 
ATOM 733  H HG23 . VAL A 1 46 ? -3.550  1.958   -1.037  1.00 1.00 ? 155 VAL A HG23 1 
ATOM 734  N N    . THR A 1 47 ? -5.100  6.378   0.258   1.00 0.17 ? 156 THR A N    1 
ATOM 735  C CA   . THR A 1 47 ? -5.298  7.786   0.692   1.00 0.19 ? 156 THR A CA   1 
ATOM 736  C C    . THR A 1 47 ? -6.133  7.867   1.972   1.00 0.19 ? 156 THR A C    1 
ATOM 737  O O    . THR A 1 47 ? -7.302  7.537   1.988   1.00 0.20 ? 156 THR A O    1 
ATOM 738  C CB   . THR A 1 47 ? -6.028  8.457   -0.470  1.00 0.21 ? 156 THR A CB   1 
ATOM 739  O OG1  . THR A 1 47 ? -5.175  8.487   -1.607  1.00 0.25 ? 156 THR A OG1  1 
ATOM 740  C CG2  . THR A 1 47 ? -6.408  9.885   -0.077  1.00 0.28 ? 156 THR A CG2  1 
ATOM 741  H H    . THR A 1 47 ? -5.532  5.639   0.740   1.00 0.17 ? 156 THR A H    1 
ATOM 742  H HA   . THR A 1 47 ? -4.343  8.263   0.842   1.00 0.20 ? 156 THR A HA   1 
ATOM 743  H HB   . THR A 1 47 ? -6.923  7.902   -0.705  1.00 0.21 ? 156 THR A HB   1 
ATOM 744  H HG1  . THR A 1 47 ? -5.698  8.248   -2.377  1.00 0.65 ? 156 THR A HG1  1 
ATOM 745  H HG21 . THR A 1 47 ? -5.515  10.442  0.164   1.00 1.04 ? 156 THR A HG21 1 
ATOM 746  H HG22 . THR A 1 47 ? -6.919  10.361  -0.901  1.00 1.01 ? 156 THR A HG22 1 
ATOM 747  H HG23 . THR A 1 47 ? -7.059  9.859   0.784   1.00 1.06 ? 156 THR A HG23 1 
ATOM 748  N N    . PHE A 1 48 ? -5.538  8.332   3.035   1.00 0.22 ? 157 PHE A N    1 
ATOM 749  C CA   . PHE A 1 48 ? -6.289  8.473   4.316   1.00 0.25 ? 157 PHE A CA   1 
ATOM 750  C C    . PHE A 1 48 ? -6.011  9.851   4.923   1.00 0.28 ? 157 PHE A C    1 
ATOM 751  O O    . PHE A 1 48 ? -4.917  10.133  5.372   1.00 0.34 ? 157 PHE A O    1 
ATOM 752  C CB   . PHE A 1 48 ? -5.771  7.363   5.237   1.00 0.28 ? 157 PHE A CB   1 
ATOM 753  C CG   . PHE A 1 48 ? -4.377  6.940   4.830   1.00 0.26 ? 157 PHE A CG   1 
ATOM 754  C CD1  . PHE A 1 48 ? -4.193  6.096   3.729   1.00 1.23 ? 157 PHE A CD1  1 
ATOM 755  C CD2  . PHE A 1 48 ? -3.269  7.381   5.566   1.00 1.20 ? 157 PHE A CD2  1 
ATOM 756  C CE1  . PHE A 1 48 ? -2.903  5.695   3.362   1.00 1.23 ? 157 PHE A CE1  1 
ATOM 757  C CE2  . PHE A 1 48 ? -1.979  6.978   5.199   1.00 1.20 ? 157 PHE A CE2  1 
ATOM 758  C CZ   . PHE A 1 48 ? -1.796  6.136   4.097   1.00 0.26 ? 157 PHE A CZ   1 
ATOM 759  H H    . PHE A 1 48 ? -4.598  8.610   2.986   1.00 0.23 ? 157 PHE A H    1 
ATOM 760  H HA   . PHE A 1 48 ? -7.347  8.345   4.144   1.00 0.25 ? 157 PHE A HA   1 
ATOM 761  H HB2  . PHE A 1 48 ? -5.751  7.725   6.254   1.00 0.32 ? 157 PHE A HB2  1 
ATOM 762  H HB3  . PHE A 1 48 ? -6.434  6.512   5.174   1.00 0.30 ? 157 PHE A HB3  1 
ATOM 763  H HD1  . PHE A 1 48 ? -5.047  5.756   3.163   1.00 2.14 ? 157 PHE A HD1  1 
ATOM 764  H HD2  . PHE A 1 48 ? -3.410  8.032   6.416   1.00 2.11 ? 157 PHE A HD2  1 
ATOM 765  H HE1  . PHE A 1 48 ? -2.762  5.044   2.513   1.00 2.13 ? 157 PHE A HE1  1 
ATOM 766  H HE2  . PHE A 1 48 ? -1.125  7.318   5.767   1.00 2.10 ? 157 PHE A HE2  1 
ATOM 767  H HZ   . PHE A 1 48 ? -0.801  5.825   3.814   1.00 0.27 ? 157 PHE A HZ   1 
ATOM 768  N N    . GLU A 1 49 ? -6.990  10.717  4.936   1.00 0.34 ? 158 GLU A N    1 
ATOM 769  C CA   . GLU A 1 49 ? -6.774  12.079  5.508   1.00 0.40 ? 158 GLU A CA   1 
ATOM 770  C C    . GLU A 1 49 ? -5.894  11.993  6.757   1.00 0.38 ? 158 GLU A C    1 
ATOM 771  O O    . GLU A 1 49 ? -5.317  12.971  7.191   1.00 0.62 ? 158 GLU A O    1 
ATOM 772  C CB   . GLU A 1 49 ? -8.172  12.585  5.868   1.00 0.48 ? 158 GLU A CB   1 
ATOM 773  C CG   . GLU A 1 49 ? -8.531  13.774  4.974   1.00 1.25 ? 158 GLU A CG   1 
ATOM 774  C CD   . GLU A 1 49 ? -9.541  14.669  5.695   1.00 1.87 ? 158 GLU A CD   1 
ATOM 775  O OE1  . GLU A 1 49 ? -9.361  14.896  6.880   1.00 2.47 ? 158 GLU A OE1  1 
ATOM 776  O OE2  . GLU A 1 49 ? -10.478 15.111  5.050   1.00 2.50 ? 158 GLU A OE2  1 
ATOM 777  H H    . GLU A 1 49 ? -7.864  10.474  4.566   1.00 0.40 ? 158 GLU A H    1 
ATOM 778  H HA   . GLU A 1 49 ? -6.324  12.729  4.774   1.00 0.42 ? 158 GLU A HA   1 
ATOM 779  H HB2  . GLU A 1 49 ? -8.891  11.794  5.721   1.00 1.00 ? 158 GLU A HB2  1 
ATOM 780  H HB3  . GLU A 1 49 ? -8.187  12.898  6.901   1.00 0.88 ? 158 GLU A HB3  1 
ATOM 781  H HG2  . GLU A 1 49 ? -7.638  14.343  4.755   1.00 1.85 ? 158 GLU A HG2  1 
ATOM 782  H HG3  . GLU A 1 49 ? -8.966  13.415  4.054   1.00 1.83 ? 158 GLU A HG3  1 
ATOM 783  N N    . SER A 1 50 ? -5.780  10.828  7.332   1.00 0.36 ? 159 SER A N    1 
ATOM 784  C CA   . SER A 1 50 ? -4.932  10.675  8.548   1.00 0.38 ? 159 SER A CA   1 
ATOM 785  C C    . SER A 1 50 ? -3.450  10.770  8.170   1.00 0.32 ? 159 SER A C    1 
ATOM 786  O O    . SER A 1 50 ? -2.733  9.787   8.174   1.00 0.30 ? 159 SER A O    1 
ATOM 787  C CB   . SER A 1 50 ? -5.259  9.281   9.083   1.00 0.42 ? 159 SER A CB   1 
ATOM 788  O OG   . SER A 1 50 ? -6.492  9.325   9.788   1.00 1.03 ? 159 SER A OG   1 
ATOM 789  H H    . SER A 1 50 ? -6.249  10.051  6.962   1.00 0.52 ? 159 SER A H    1 
ATOM 790  H HA   . SER A 1 50 ? -5.183  11.422  9.283   1.00 0.46 ? 159 SER A HA   1 
ATOM 791  H HB2  . SER A 1 50 ? -5.345  8.589   8.262   1.00 0.75 ? 159 SER A HB2  1 
ATOM 792  H HB3  . SER A 1 50 ? -4.466  8.955   9.743   1.00 0.76 ? 159 SER A HB3  1 
ATOM 793  H HG   . SER A 1 50 ? -6.679  8.443   10.115  1.00 1.53 ? 159 SER A HG   1 
ATOM 794  N N    . GLU A 1 51 ? -2.983  11.946  7.850   1.00 0.39 ? 160 GLU A N    1 
ATOM 795  C CA   . GLU A 1 51 ? -1.547  12.095  7.480   1.00 0.38 ? 160 GLU A CA   1 
ATOM 796  C C    . GLU A 1 51 ? -0.678  11.534  8.598   1.00 0.33 ? 160 GLU A C    1 
ATOM 797  O O    . GLU A 1 51 ? 0.311   10.868  8.360   1.00 0.30 ? 160 GLU A O    1 
ATOM 798  C CB   . GLU A 1 51 ? -1.322  13.598  7.331   1.00 0.51 ? 160 GLU A CB   1 
ATOM 799  C CG   . GLU A 1 51 ? -0.044  13.841  6.526   1.00 0.57 ? 160 GLU A CG   1 
ATOM 800  C CD   . GLU A 1 51 ? 0.945   14.653  7.366   1.00 1.19 ? 160 GLU A CD   1 
ATOM 801  O OE1  . GLU A 1 51 ? 0.884   15.870  7.307   1.00 1.74 ? 160 GLU A OE1  1 
ATOM 802  O OE2  . GLU A 1 51 ? 1.747   14.044  8.054   1.00 2.03 ? 160 GLU A OE2  1 
ATOM 803  H H    . GLU A 1 51 ? -3.571  12.728  7.858   1.00 0.48 ? 160 GLU A H    1 
ATOM 804  H HA   . GLU A 1 51 ? -1.341  11.593  6.550   1.00 0.38 ? 160 GLU A HA   1 
ATOM 805  H HB2  . GLU A 1 51 ? -2.164  14.039  6.817   1.00 0.60 ? 160 GLU A HB2  1 
ATOM 806  H HB3  . GLU A 1 51 ? -1.221  14.044  8.309   1.00 0.53 ? 160 GLU A HB3  1 
ATOM 807  H HG2  . GLU A 1 51 ? 0.402   12.892  6.262   1.00 1.07 ? 160 GLU A HG2  1 
ATOM 808  H HG3  . GLU A 1 51 ? -0.283  14.390  5.628   1.00 0.98 ? 160 GLU A HG3  1 
ATOM 809  N N    . ASP A 1 52 ? -1.049  11.792  9.818   1.00 0.39 ? 161 ASP A N    1 
ATOM 810  C CA   . ASP A 1 52 ? -0.250  11.265  10.959  1.00 0.46 ? 161 ASP A CA   1 
ATOM 811  C C    . ASP A 1 52 ? 0.243   9.865   10.614  1.00 0.42 ? 161 ASP A C    1 
ATOM 812  O O    . ASP A 1 52 ? 1.422   9.574   10.669  1.00 0.44 ? 161 ASP A O    1 
ATOM 813  C CB   . ASP A 1 52 ? -1.215  11.221  12.145  1.00 0.55 ? 161 ASP A CB   1 
ATOM 814  C CG   . ASP A 1 52 ? -0.597  11.963  13.331  1.00 1.11 ? 161 ASP A CG   1 
ATOM 815  O OD1  . ASP A 1 52 ? 0.229   11.372  14.008  1.00 1.87 ? 161 ASP A OD1  1 
ATOM 816  O OD2  . ASP A 1 52 ? -0.958  13.109  13.541  1.00 1.67 ? 161 ASP A OD2  1 
ATOM 817  H H    . ASP A 1 52 ? -1.856  12.326  9.979   1.00 0.43 ? 161 ASP A H    1 
ATOM 818  H HA   . ASP A 1 52 ? 0.578   11.915  11.173  1.00 0.52 ? 161 ASP A HA   1 
ATOM 819  H HB2  . ASP A 1 52 ? -2.147  11.694  11.869  1.00 0.77 ? 161 ASP A HB2  1 
ATOM 820  H HB3  . ASP A 1 52 ? -1.400  10.194  12.423  1.00 0.96 ? 161 ASP A HB3  1 
ATOM 821  N N    . ILE A 1 53 ? -0.655  9.002   10.240  1.00 0.45 ? 162 ILE A N    1 
ATOM 822  C CA   . ILE A 1 53 ? -0.254  7.626   9.866   1.00 0.52 ? 162 ILE A CA   1 
ATOM 823  C C    . ILE A 1 53 ? 0.628   7.680   8.623   1.00 0.44 ? 162 ILE A C    1 
ATOM 824  O O    . ILE A 1 53 ? 1.663   7.050   8.556   1.00 0.49 ? 162 ILE A O    1 
ATOM 825  C CB   . ILE A 1 53 ? -1.570  6.910   9.575   1.00 0.63 ? 162 ILE A CB   1 
ATOM 826  C CG1  . ILE A 1 53 ? -1.331  5.407   9.583   1.00 0.92 ? 162 ILE A CG1  1 
ATOM 827  C CG2  . ILE A 1 53 ? -2.092  7.336   8.202   1.00 0.59 ? 162 ILE A CG2  1 
ATOM 828  C CD1  . ILE A 1 53 ? -1.704  4.838   10.953  1.00 1.19 ? 162 ILE A CD1  1 
ATOM 829  H H    . ILE A 1 53 ? -1.594  9.263   10.190  1.00 0.50 ? 162 ILE A H    1 
ATOM 830  H HA   . ILE A 1 53 ? 0.265   7.146   10.676  1.00 0.61 ? 162 ILE A HA   1 
ATOM 831  H HB   . ILE A 1 53 ? -2.296  7.166   10.333  1.00 1.05 ? 162 ILE A HB   1 
ATOM 832  H HG12 . ILE A 1 53 ? -1.939  4.945   8.820   1.00 1.29 ? 162 ILE A HG12 1 
ATOM 833  H HG13 . ILE A 1 53 ? -0.290  5.213   9.384   1.00 1.39 ? 162 ILE A HG13 1 
ATOM 834  H HG21 . ILE A 1 53 ? -1.261  7.614   7.572   1.00 1.16 ? 162 ILE A HG21 1 
ATOM 835  H HG22 . ILE A 1 53 ? -2.627  6.513   7.751   1.00 1.24 ? 162 ILE A HG22 1 
ATOM 836  H HG23 . ILE A 1 53 ? -2.757  8.180   8.315   1.00 1.23 ? 162 ILE A HG23 1 
ATOM 837  H HD11 . ILE A 1 53 ? -1.614  5.612   11.700  1.00 1.77 ? 162 ILE A HD11 1 
ATOM 838  H HD12 . ILE A 1 53 ? -2.721  4.477   10.928  1.00 1.59 ? 162 ILE A HD12 1 
ATOM 839  H HD13 . ILE A 1 53 ? -1.038  4.023   11.198  1.00 1.60 ? 162 ILE A HD13 1 
ATOM 840  N N    . VAL A 1 54 ? 0.237   8.445   7.644   1.00 0.37 ? 163 VAL A N    1 
ATOM 841  C CA   . VAL A 1 54 ? 1.074   8.553   6.419   1.00 0.36 ? 163 VAL A CA   1 
ATOM 842  C C    . VAL A 1 54 ? 2.442   9.120   6.800   1.00 0.31 ? 163 VAL A C    1 
ATOM 843  O O    . VAL A 1 54 ? 3.443   8.843   6.170   1.00 0.38 ? 163 VAL A O    1 
ATOM 844  C CB   . VAL A 1 54 ? 0.325   9.514   5.490   1.00 0.39 ? 163 VAL A CB   1 
ATOM 845  C CG1  . VAL A 1 54 ? 0.625   9.152   4.031   1.00 0.46 ? 163 VAL A CG1  1 
ATOM 846  C CG2  . VAL A 1 54 ? -1.180  9.397   5.742   1.00 0.46 ? 163 VAL A CG2  1 
ATOM 847  H H    . VAL A 1 54 ? -0.595  8.957   7.725   1.00 0.38 ? 163 VAL A H    1 
ATOM 848  H HA   . VAL A 1 54 ? 1.182   7.587   5.948   1.00 0.42 ? 163 VAL A HA   1 
ATOM 849  H HB   . VAL A 1 54 ? 0.647   10.528  5.683   1.00 0.35 ? 163 VAL A HB   1 
ATOM 850  H HG11 . VAL A 1 54 ? 0.445   8.099   3.878   1.00 1.01 ? 163 VAL A HG11 1 
ATOM 851  H HG12 . VAL A 1 54 ? -0.017  9.726   3.379   1.00 1.22 ? 163 VAL A HG12 1 
ATOM 852  H HG13 . VAL A 1 54 ? 1.657   9.376   3.808   1.00 1.11 ? 163 VAL A HG13 1 
ATOM 853  H HG21 . VAL A 1 54 ? -1.415  8.392   6.060   1.00 1.07 ? 163 VAL A HG21 1 
ATOM 854  H HG22 . VAL A 1 54 ? -1.472  10.095  6.512   1.00 0.97 ? 163 VAL A HG22 1 
ATOM 855  H HG23 . VAL A 1 54 ? -1.716  9.622   4.832   1.00 1.04 ? 163 VAL A HG23 1 
ATOM 856  N N    . GLU A 1 55 ? 2.489   9.908   7.845   1.00 0.29 ? 164 GLU A N    1 
ATOM 857  C CA   . GLU A 1 55 ? 3.786   10.492  8.288   1.00 0.29 ? 164 GLU A CA   1 
ATOM 858  C C    . GLU A 1 55 ? 4.771   9.376   8.641   1.00 0.33 ? 164 GLU A C    1 
ATOM 859  O O    . GLU A 1 55 ? 5.897   9.359   8.183   1.00 0.38 ? 164 GLU A O    1 
ATOM 860  C CB   . GLU A 1 55 ? 3.444   11.319  9.528   1.00 0.35 ? 164 GLU A CB   1 
ATOM 861  C CG   . GLU A 1 55 ? 4.183   12.658  9.472   1.00 0.70 ? 164 GLU A CG   1 
ATOM 862  C CD   . GLU A 1 55 ? 4.792   12.963  10.842  1.00 1.16 ? 164 GLU A CD   1 
ATOM 863  O OE1  . GLU A 1 55 ? 5.909   12.535  11.080  1.00 1.78 ? 164 GLU A OE1  1 
ATOM 864  O OE2  . GLU A 1 55 ? 4.131   13.620  11.629  1.00 1.80 ? 164 GLU A OE2  1 
ATOM 865  H H    . GLU A 1 55 ? 1.668   10.108  8.344   1.00 0.34 ? 164 GLU A H    1 
ATOM 866  H HA   . GLU A 1 55 ? 4.196   11.126  7.523   1.00 0.31 ? 164 GLU A HA   1 
ATOM 867  H HB2  . GLU A 1 55 ? 2.379   11.497  9.558   1.00 0.51 ? 164 GLU A HB2  1 
ATOM 868  H HB3  . GLU A 1 55 ? 3.744   10.781  10.414  1.00 0.57 ? 164 GLU A HB3  1 
ATOM 869  H HG2  . GLU A 1 55 ? 4.968   12.604  8.732   1.00 1.11 ? 164 GLU A HG2  1 
ATOM 870  H HG3  . GLU A 1 55 ? 3.489   13.440  9.206   1.00 1.04 ? 164 GLU A HG3  1 
ATOM 871  N N    . LYS A 1 56 ? 4.352   8.442   9.446   1.00 0.42 ? 165 LYS A N    1 
ATOM 872  C CA   . LYS A 1 56 ? 5.262   7.323   9.823   1.00 0.52 ? 165 LYS A CA   1 
ATOM 873  C C    . LYS A 1 56 ? 5.131   6.189   8.810   1.00 0.51 ? 165 LYS A C    1 
ATOM 874  O O    . LYS A 1 56 ? 6.053   5.882   8.082   1.00 0.52 ? 165 LYS A O    1 
ATOM 875  C CB   . LYS A 1 56 ? 4.791   6.871   11.208  1.00 0.72 ? 165 LYS A CB   1 
ATOM 876  C CG   . LYS A 1 56 ? 5.205   5.417   11.444  1.00 1.10 ? 165 LYS A CG   1 
ATOM 877  C CD   . LYS A 1 56 ? 4.655   4.943   12.791  1.00 1.41 ? 165 LYS A CD   1 
ATOM 878  C CE   . LYS A 1 56 ? 5.501   3.777   13.309  1.00 2.15 ? 165 LYS A CE   1 
ATOM 879  N NZ   . LYS A 1 56 ? 5.608   4.001   14.778  1.00 2.61 ? 165 LYS A NZ   1 
ATOM 880  H H    . LYS A 1 56 ? 3.438   8.475   9.798   1.00 0.48 ? 165 LYS A H    1 
ATOM 881  H HA   . LYS A 1 56 ? 6.280   7.663   9.871   1.00 0.55 ? 165 LYS A HA   1 
ATOM 882  H HB2  . LYS A 1 56 ? 5.240   7.500   11.961  1.00 1.30 ? 165 LYS A HB2  1 
ATOM 883  H HB3  . LYS A 1 56 ? 3.716   6.951   11.266  1.00 1.12 ? 165 LYS A HB3  1 
ATOM 884  H HG2  . LYS A 1 56 ? 4.808   4.796   10.653  1.00 1.54 ? 165 LYS A HG2  1 
ATOM 885  H HG3  . LYS A 1 56 ? 6.282   5.345   11.451  1.00 1.74 ? 165 LYS A HG3  1 
ATOM 886  H HD2  . LYS A 1 56 ? 4.691   5.757   13.501  1.00 1.86 ? 165 LYS A HD2  1 
ATOM 887  H HD3  . LYS A 1 56 ? 3.633   4.616   12.668  1.00 1.61 ? 165 LYS A HD3  1 
ATOM 888  H HE2  . LYS A 1 56 ? 5.008   2.836   13.105  1.00 2.65 ? 165 LYS A HE2  1 
ATOM 889  H HE3  . LYS A 1 56 ? 6.482   3.794   12.860  1.00 2.57 ? 165 LYS A HE3  1 
ATOM 890  H HZ1  . LYS A 1 56 ? 5.582   5.021   14.976  1.00 3.05 ? 165 LYS A HZ1  1 
ATOM 891  H HZ2  . LYS A 1 56 ? 4.813   3.536   15.260  1.00 2.84 ? 165 LYS A HZ2  1 
ATOM 892  H HZ3  . LYS A 1 56 ? 6.506   3.604   15.125  1.00 2.92 ? 165 LYS A HZ3  1 
ATOM 893  N N    . VAL A 1 57 ? 3.987   5.573   8.751   1.00 0.56 ? 166 VAL A N    1 
ATOM 894  C CA   . VAL A 1 57 ? 3.792   4.466   7.775   1.00 0.64 ? 166 VAL A CA   1 
ATOM 895  C C    . VAL A 1 57 ? 4.438   4.836   6.437   1.00 0.61 ? 166 VAL A C    1 
ATOM 896  O O    . VAL A 1 57 ? 4.787   3.982   5.647   1.00 0.73 ? 166 VAL A O    1 
ATOM 897  C CB   . VAL A 1 57 ? 2.275   4.335   7.623   1.00 0.71 ? 166 VAL A CB   1 
ATOM 898  C CG1  . VAL A 1 57 ? 1.759   5.416   6.673   1.00 0.83 ? 166 VAL A CG1  1 
ATOM 899  C CG2  . VAL A 1 57 ? 1.937   2.954   7.053   1.00 1.15 ? 166 VAL A CG2  1 
ATOM 900  H H    . VAL A 1 57 ? 3.255   5.843   9.344   1.00 0.59 ? 166 VAL A H    1 
ATOM 901  H HA   . VAL A 1 57 ? 4.208   3.546   8.156   1.00 0.73 ? 166 VAL A HA   1 
ATOM 902  H HB   . VAL A 1 57 ? 1.806   4.451   8.589   1.00 1.35 ? 166 VAL A HB   1 
ATOM 903  H HG11 . VAL A 1 57 ? 2.066   6.388   7.030   1.00 1.46 ? 166 VAL A HG11 1 
ATOM 904  H HG12 . VAL A 1 57 ? 2.164   5.252   5.686   1.00 1.40 ? 166 VAL A HG12 1 
ATOM 905  H HG13 . VAL A 1 57 ? 0.681   5.374   6.630   1.00 1.28 ? 166 VAL A HG13 1 
ATOM 906  H HG21 . VAL A 1 57 ? 2.610   2.727   6.238   1.00 1.68 ? 166 VAL A HG21 1 
ATOM 907  H HG22 . VAL A 1 57 ? 2.044   2.209   7.828   1.00 1.62 ? 166 VAL A HG22 1 
ATOM 908  H HG23 . VAL A 1 57 ? 0.920   2.954   6.691   1.00 1.73 ? 166 VAL A HG23 1 
ATOM 909  N N    . CYS A 1 58 ? 4.601   6.107   6.177   1.00 0.51 ? 167 CYS A N    1 
ATOM 910  C CA   . CYS A 1 58 ? 5.224   6.532   4.892   1.00 0.59 ? 167 CYS A CA   1 
ATOM 911  C C    . CYS A 1 58 ? 6.749   6.413   4.978   1.00 0.60 ? 167 CYS A C    1 
ATOM 912  O O    . CYS A 1 58 ? 7.414   6.133   4.000   1.00 0.72 ? 167 CYS A O    1 
ATOM 913  C CB   . CYS A 1 58 ? 4.810   7.994   4.714   1.00 0.64 ? 167 CYS A CB   1 
ATOM 914  S SG   . CYS A 1 58 ? 6.142   8.905   3.895   1.00 1.88 ? 167 CYS A SG   1 
ATOM 915  H H    . CYS A 1 58 ? 4.312   6.782   6.829   1.00 0.43 ? 167 CYS A H    1 
ATOM 916  H HA   . CYS A 1 58 ? 4.845   5.940   4.075   1.00 0.72 ? 167 CYS A HA   1 
ATOM 917  H HB2  . CYS A 1 58 ? 3.915   8.043   4.111   1.00 0.76 ? 167 CYS A HB2  1 
ATOM 918  H HB3  . CYS A 1 58 ? 4.617   8.432   5.681   1.00 1.32 ? 167 CYS A HB3  1 
ATOM 919  H HG   . CYS A 1 58 ? 6.037   9.836   4.104   1.00 2.43 ? 167 CYS A HG   1 
ATOM 920  N N    . GLU A 1 59 ? 7.307   6.622   6.138   1.00 0.56 ? 168 GLU A N    1 
ATOM 921  C CA   . GLU A 1 59 ? 8.789   6.517   6.281   1.00 0.62 ? 168 GLU A CA   1 
ATOM 922  C C    . GLU A 1 59 ? 9.220   5.050   6.230   1.00 0.85 ? 168 GLU A C    1 
ATOM 923  O O    . GLU A 1 59 ? 9.077   4.386   5.223   1.00 1.29 ? 168 GLU A O    1 
ATOM 924  C CB   . GLU A 1 59 ? 9.105   7.121   7.649   1.00 0.70 ? 168 GLU A CB   1 
ATOM 925  C CG   . GLU A 1 59 ? 10.397  7.937   7.561   1.00 1.29 ? 168 GLU A CG   1 
ATOM 926  C CD   . GLU A 1 59 ? 10.861  8.315   8.969   1.00 1.69 ? 168 GLU A CD   1 
ATOM 927  O OE1  . GLU A 1 59 ? 10.589  7.554   9.884   1.00 2.20 ? 168 GLU A OE1  1 
ATOM 928  O OE2  . GLU A 1 59 ? 11.480  9.357   9.108   1.00 2.33 ? 168 GLU A OE2  1 
ATOM 929  H H    . GLU A 1 59 ? 6.754   6.846   6.916   1.00 0.55 ? 168 GLU A H    1 
ATOM 930  H HA   . GLU A 1 59 ? 9.283   7.082   5.505   1.00 0.76 ? 168 GLU A HA   1 
ATOM 931  H HB2  . GLU A 1 59 ? 8.291   7.764   7.957   1.00 0.95 ? 168 GLU A HB2  1 
ATOM 932  H HB3  . GLU A 1 59 ? 9.230   6.330   8.372   1.00 1.11 ? 168 GLU A HB3  1 
ATOM 933  H HG2  . GLU A 1 59 ? 11.161  7.348   7.075   1.00 1.99 ? 168 GLU A HG2  1 
ATOM 934  H HG3  . GLU A 1 59 ? 10.217  8.836   6.990   1.00 1.70 ? 168 GLU A HG3  1 
ATOM 935  N N    . ILE A 1 60 ? 9.747   4.537   7.308   1.00 1.59 ? 169 ILE A N    1 
ATOM 936  C CA   . ILE A 1 60 ? 10.185  3.113   7.313   1.00 1.91 ? 169 ILE A CA   1 
ATOM 937  C C    . ILE A 1 60 ? 10.314  2.605   5.874   1.00 1.31 ? 169 ILE A C    1 
ATOM 938  O O    . ILE A 1 60 ? 10.588  3.363   4.964   1.00 2.10 ? 169 ILE A O    1 
ATOM 939  C CB   . ILE A 1 60 ? 9.078   2.364   8.057   1.00 3.21 ? 169 ILE A CB   1 
ATOM 940  C CG1  . ILE A 1 60 ? 9.317   2.467   9.565   1.00 4.08 ? 169 ILE A CG1  1 
ATOM 941  C CG2  . ILE A 1 60 ? 9.085   0.893   7.642   1.00 3.91 ? 169 ILE A CG2  1 
ATOM 942  C CD1  . ILE A 1 60 ? 8.141   3.193   10.222  1.00 5.05 ? 169 ILE A CD1  1 
ATOM 943  H H    . ILE A 1 60 ? 9.855   5.088   8.112   1.00 2.20 ? 169 ILE A H    1 
ATOM 944  H HA   . ILE A 1 60 ? 11.121  3.007   7.838   1.00 2.24 ? 169 ILE A HA   1 
ATOM 945  H HB   . ILE A 1 60 ? 8.121   2.802   7.812   1.00 3.54 ? 169 ILE A HB   1 
ATOM 946  H HG12 . ILE A 1 60 ? 9.408   1.475   9.984   1.00 4.53 ? 169 ILE A HG12 1 
ATOM 947  H HG13 . ILE A 1 60 ? 10.227  3.020   9.749   1.00 4.02 ? 169 ILE A HG13 1 
ATOM 948  H HG21 . ILE A 1 60 ? 10.099  0.522   7.642   1.00 4.13 ? 169 ILE A HG21 1 
ATOM 949  H HG22 . ILE A 1 60 ? 8.493   0.319   8.339   1.00 4.36 ? 169 ILE A HG22 1 
ATOM 950  H HG23 . ILE A 1 60 ? 8.667   0.796   6.650   1.00 4.22 ? 169 ILE A HG23 1 
ATOM 951  H HD11 . ILE A 1 60 ? 7.216   2.724   9.921   1.00 5.35 ? 169 ILE A HD11 1 
ATOM 952  H HD12 . ILE A 1 60 ? 8.239   3.140   11.296  1.00 5.49 ? 169 ILE A HD12 1 
ATOM 953  H HD13 . ILE A 1 60 ? 8.138   4.228   9.911   1.00 5.37 ? 169 ILE A HD13 1 
ATOM 954  N N    . HIS A 1 61 ? 10.118  1.333   5.656   1.00 0.91 ? 170 HIS A N    1 
ATOM 955  C CA   . HIS A 1 61 ? 10.230  0.795   4.269   1.00 1.40 ? 170 HIS A CA   1 
ATOM 956  C C    . HIS A 1 61 ? 9.741   -0.655  4.213   1.00 1.24 ? 170 HIS A C    1 
ATOM 957  O O    . HIS A 1 61 ? 9.095   -1.064  3.269   1.00 2.05 ? 170 HIS A O    1 
ATOM 958  C CB   . HIS A 1 61 ? 11.720  0.870   3.935   1.00 2.31 ? 170 HIS A CB   1 
ATOM 959  C CG   . HIS A 1 61 ? 12.498  1.219   5.173   1.00 3.12 ? 170 HIS A CG   1 
ATOM 960  N ND1  . HIS A 1 61 ? 12.616  2.521   5.631   1.00 3.90 ? 170 HIS A ND1  1 
ATOM 961  C CD2  . HIS A 1 61 ? 13.205  0.445   6.059   1.00 3.80 ? 170 HIS A CD2  1 
ATOM 962  C CE1  . HIS A 1 61 ? 13.369  2.492   6.746   1.00 4.73 ? 170 HIS A CE1  1 
ATOM 963  N NE2  . HIS A 1 61 ? 13.754  1.251   7.051   1.00 4.74 ? 170 HIS A NE2  1 
ATOM 964  H H    . HIS A 1 61 ? 9.896   0.735   6.398   1.00 1.40 ? 170 HIS A H    1 
ATOM 965  H HA   . HIS A 1 61 ? 9.668   1.407   3.582   1.00 2.05 ? 170 HIS A HA   1 
ATOM 966  H HB2  . HIS A 1 61 ? 12.052  -0.086  3.558   1.00 2.48 ? 170 HIS A HB2  1 
ATOM 967  H HB3  . HIS A 1 61 ? 11.883  1.629   3.183   1.00 2.85 ? 170 HIS A HB3  1 
ATOM 968  H HD1  . HIS A 1 61 ? 12.223  3.318   5.218   1.00 4.11 ? 170 HIS A HD1  1 
ATOM 969  H HD2  . HIS A 1 61 ? 13.319  -0.628  5.995   1.00 3.94 ? 170 HIS A HD2  1 
ATOM 970  H HE1  . HIS A 1 61 ? 13.631  3.367   7.323   1.00 5.53 ? 170 HIS A HE1  1 
ATOM 971  N N    . PHE A 1 62 ? 10.045  -1.436  5.212   1.00 1.07 ? 171 PHE A N    1 
ATOM 972  C CA   . PHE A 1 62 ? 9.596   -2.858  5.205   1.00 1.09 ? 171 PHE A CA   1 
ATOM 973  C C    . PHE A 1 62 ? 8.185   -2.973  5.787   1.00 0.84 ? 171 PHE A C    1 
ATOM 974  O O    . PHE A 1 62 ? 8.004   -3.193  6.968   1.00 0.96 ? 171 PHE A O    1 
ATOM 975  C CB   . PHE A 1 62 ? 10.605  -3.598  6.083   1.00 1.47 ? 171 PHE A CB   1 
ATOM 976  C CG   . PHE A 1 62 ? 10.715  -5.032  5.622   1.00 1.24 ? 171 PHE A CG   1 
ATOM 977  C CD1  . PHE A 1 62 ? 11.541  -5.358  4.540   1.00 1.54 ? 171 PHE A CD1  1 
ATOM 978  C CD2  . PHE A 1 62 ? 9.990   -6.034  6.277   1.00 1.76 ? 171 PHE A CD2  1 
ATOM 979  C CE1  . PHE A 1 62 ? 11.642  -6.688  4.113   1.00 1.52 ? 171 PHE A CE1  1 
ATOM 980  C CE2  . PHE A 1 62 ? 10.091  -7.364  5.850   1.00 1.78 ? 171 PHE A CE2  1 
ATOM 981  C CZ   . PHE A 1 62 ? 10.918  -7.690  4.768   1.00 1.24 ? 171 PHE A CZ   1 
ATOM 982  H H    . PHE A 1 62 ? 10.569  -1.090  5.964   1.00 1.64 ? 171 PHE A H    1 
ATOM 983  H HA   . PHE A 1 62 ? 9.621   -3.253  4.203   1.00 1.38 ? 171 PHE A HA   1 
ATOM 984  H HB2  . PHE A 1 62 ? 11.570  -3.119  6.004   1.00 1.90 ? 171 PHE A HB2  1 
ATOM 985  H HB3  . PHE A 1 62 ? 10.275  -3.575  7.111   1.00 1.82 ? 171 PHE A HB3  1 
ATOM 986  H HD1  . PHE A 1 62 ? 12.101  -4.585  4.034   1.00 2.26 ? 171 PHE A HD1  1 
ATOM 987  H HD2  . PHE A 1 62 ? 9.353   -5.783  7.111   1.00 2.49 ? 171 PHE A HD2  1 
ATOM 988  H HE1  . PHE A 1 62 ? 12.279  -6.940  3.278   1.00 2.20 ? 171 PHE A HE1  1 
ATOM 989  H HE2  . PHE A 1 62 ? 9.532   -8.137  6.355   1.00 2.55 ? 171 PHE A HE2  1 
ATOM 990  H HZ   . PHE A 1 62 ? 10.996  -8.716  4.439   1.00 1.39 ? 171 PHE A HZ   1 
ATOM 991  N N    . HIS A 1 63 ? 7.184   -2.828  4.961   1.00 0.79 ? 172 HIS A N    1 
ATOM 992  C CA   . HIS A 1 63 ? 5.782   -2.932  5.459   1.00 0.70 ? 172 HIS A CA   1 
ATOM 993  C C    . HIS A 1 63 ? 5.300   -4.381  5.371   1.00 0.79 ? 172 HIS A C    1 
ATOM 994  O O    . HIS A 1 63 ? 5.900   -5.207  4.713   1.00 1.77 ? 172 HIS A O    1 
ATOM 995  C CB   . HIS A 1 63 ? 4.961   -2.041  4.526   1.00 0.88 ? 172 HIS A CB   1 
ATOM 996  C CG   . HIS A 1 63 ? 4.335   -0.924  5.316   1.00 0.65 ? 172 HIS A CG   1 
ATOM 997  N ND1  . HIS A 1 63 ? 4.950   -0.364  6.424   1.00 0.91 ? 172 HIS A ND1  1 
ATOM 998  C CD2  . HIS A 1 63 ? 3.146   -0.252  5.168   1.00 0.91 ? 172 HIS A CD2  1 
ATOM 999  C CE1  . HIS A 1 63 ? 4.140   0.601   6.895   1.00 0.70 ? 172 HIS A CE1  1 
ATOM 1000 N NE2  . HIS A 1 63 ? 3.026   0.711   6.166   1.00 0.88 ? 172 HIS A NE2  1 
ATOM 1001 H H    . HIS A 1 63 ? 7.354   -2.653  4.013   1.00 1.02 ? 172 HIS A H    1 
ATOM 1002 H HA   . HIS A 1 63 ? 5.713   -2.570  6.473   1.00 0.66 ? 172 HIS A HA   1 
ATOM 1003 H HB2  . HIS A 1 63 ? 5.607   -1.626  3.766   1.00 1.07 ? 172 HIS A HB2  1 
ATOM 1004 H HB3  . HIS A 1 63 ? 4.186   -2.629  4.059   1.00 1.16 ? 172 HIS A HB3  1 
ATOM 1005 H HD1  . HIS A 1 63 ? 5.818   -0.626  6.799   1.00 1.42 ? 172 HIS A HD1  1 
ATOM 1006 H HD2  . HIS A 1 63 ? 2.417   -0.442  4.396   1.00 1.41 ? 172 HIS A HD2  1 
ATOM 1007 H HE1  . HIS A 1 63 ? 4.362   1.212   7.757   1.00 0.90 ? 172 HIS A HE1  1 
ATOM 1008 N N    . GLU A 1 64 ? 4.216   -4.694  6.025   1.00 0.68 ? 173 GLU A N    1 
ATOM 1009 C CA   . GLU A 1 64 ? 3.693   -6.088  5.974   1.00 0.69 ? 173 GLU A CA   1 
ATOM 1010 C C    . GLU A 1 64 ? 2.346   -6.113  5.250   1.00 0.73 ? 173 GLU A C    1 
ATOM 1011 O O    . GLU A 1 64 ? 1.311   -5.850  5.831   1.00 0.92 ? 173 GLU A O    1 
ATOM 1012 C CB   . GLU A 1 64 ? 3.528   -6.506  7.435   1.00 0.82 ? 173 GLU A CB   1 
ATOM 1013 C CG   . GLU A 1 64 ? 4.003   -7.950  7.610   1.00 1.29 ? 173 GLU A CG   1 
ATOM 1014 C CD   . GLU A 1 64 ? 4.427   -8.175  9.063   1.00 1.69 ? 173 GLU A CD   1 
ATOM 1015 O OE1  . GLU A 1 64 ? 5.499   -7.718  9.425   1.00 2.19 ? 173 GLU A OE1  1 
ATOM 1016 O OE2  . GLU A 1 64 ? 3.671   -8.798  9.791   1.00 2.29 ? 173 GLU A OE2  1 
ATOM 1017 H H    . GLU A 1 64 ? 3.744   -4.012  6.547   1.00 1.42 ? 173 GLU A H    1 
ATOM 1018 H HA   . GLU A 1 64 ? 4.399   -6.738  5.481   1.00 0.70 ? 173 GLU A HA   1 
ATOM 1019 H HB2  . GLU A 1 64 ? 4.116   -5.853  8.064   1.00 1.11 ? 173 GLU A HB2  1 
ATOM 1020 H HB3  . GLU A 1 64 ? 2.488   -6.436  7.714   1.00 1.12 ? 173 GLU A HB3  1 
ATOM 1021 H HG2  . GLU A 1 64 ? 3.199   -8.627  7.359   1.00 1.79 ? 173 GLU A HG2  1 
ATOM 1022 H HG3  . GLU A 1 64 ? 4.845   -8.133  6.959   1.00 1.77 ? 173 GLU A HG3  1 
ATOM 1023 N N    . ILE A 1 65 ? 2.352   -6.429  3.986   1.00 0.64 ? 174 ILE A N    1 
ATOM 1024 C CA   . ILE A 1 65 ? 1.075   -6.473  3.224   1.00 0.74 ? 174 ILE A CA   1 
ATOM 1025 C C    . ILE A 1 65 ? 0.654   -7.928  3.005   1.00 0.77 ? 174 ILE A C    1 
ATOM 1026 O O    . ILE A 1 65 ? 1.230   -8.636  2.203   1.00 1.00 ? 174 ILE A O    1 
ATOM 1027 C CB   . ILE A 1 65 ? 1.387   -5.791  1.891   1.00 0.82 ? 174 ILE A CB   1 
ATOM 1028 C CG1  . ILE A 1 65 ? 0.123   -5.119  1.348   1.00 1.26 ? 174 ILE A CG1  1 
ATOM 1029 C CG2  . ILE A 1 65 ? 1.880   -6.834  0.887   1.00 1.34 ? 174 ILE A CG2  1 
ATOM 1030 C CD1  . ILE A 1 65 ? 0.470   -3.725  0.820   1.00 1.51 ? 174 ILE A CD1  1 
ATOM 1031 H H    . ILE A 1 65 ? 3.198   -6.639  3.537   1.00 0.59 ? 174 ILE A H    1 
ATOM 1032 H HA   . ILE A 1 65 ? 0.303   -5.930  3.747   1.00 0.85 ? 174 ILE A HA   1 
ATOM 1033 H HB   . ILE A 1 65 ? 2.156   -5.046  2.041   1.00 1.01 ? 174 ILE A HB   1 
ATOM 1034 H HG12 . ILE A 1 65 ? -0.286  -5.718  0.547   1.00 1.80 ? 174 ILE A HG12 1 
ATOM 1035 H HG13 . ILE A 1 65 ? -0.607  -5.031  2.139   1.00 1.62 ? 174 ILE A HG13 1 
ATOM 1036 H HG21 . ILE A 1 65 ? 1.284   -7.729  0.976   1.00 1.93 ? 174 ILE A HG21 1 
ATOM 1037 H HG22 . ILE A 1 65 ? 1.790   -6.439  -0.114  1.00 1.93 ? 174 ILE A HG22 1 
ATOM 1038 H HG23 . ILE A 1 65 ? 2.914   -7.068  1.090   1.00 1.52 ? 174 ILE A HG23 1 
ATOM 1039 H HD11 . ILE A 1 65 ? 1.376   -3.375  1.294   1.00 1.81 ? 174 ILE A HD11 1 
ATOM 1040 H HD12 . ILE A 1 65 ? 0.617   -3.771  -0.248  1.00 2.02 ? 174 ILE A HD12 1 
ATOM 1041 H HD13 . ILE A 1 65 ? -0.339  -3.044  1.043   1.00 1.97 ? 174 ILE A HD13 1 
ATOM 1042 N N    . ASN A 1 66 ? -0.342  -8.381  3.719   1.00 0.85 ? 175 ASN A N    1 
ATOM 1043 C CA   . ASN A 1 66 ? -0.798  -9.791  3.554   1.00 0.92 ? 175 ASN A CA   1 
ATOM 1044 C C    . ASN A 1 66 ? 0.360   -10.755 3.813   1.00 0.82 ? 175 ASN A C    1 
ATOM 1045 O O    . ASN A 1 66 ? 0.200   -11.785 4.438   1.00 0.99 ? 175 ASN A O    1 
ATOM 1046 C CB   . ASN A 1 66 ? -1.259  -9.886  2.100   1.00 0.95 ? 175 ASN A CB   1 
ATOM 1047 C CG   . ASN A 1 66 ? -2.787  -9.835  2.044   1.00 1.13 ? 175 ASN A CG   1 
ATOM 1048 O OD1  . ASN A 1 66 ? -3.454  -10.752 2.480   1.00 2.02 ? 175 ASN A OD1  1 
ATOM 1049 N ND2  . ASN A 1 66 ? -3.374  -8.792  1.522   1.00 0.90 ? 175 ASN A ND2  1 
ATOM 1050 H H    . ASN A 1 66 ? -0.789  -7.793  4.364   1.00 1.04 ? 175 ASN A H    1 
ATOM 1051 H HA   . ASN A 1 66 ? -1.618  -10.001 4.217   1.00 1.12 ? 175 ASN A HA   1 
ATOM 1052 H HB2  . ASN A 1 66 ? -0.849  -9.057  1.541   1.00 1.14 ? 175 ASN A HB2  1 
ATOM 1053 H HB3  . ASN A 1 66 ? -0.915  -10.815 1.674   1.00 1.17 ? 175 ASN A HB3  1 
ATOM 1054 H HD21 . ASN A 1 66 ? -2.837  -8.052  1.172   1.00 1.06 ? 175 ASN A HD21 1 
ATOM 1055 H HD22 . ASN A 1 66 ? -4.352  -8.750  1.481   1.00 1.23 ? 175 ASN A HD22 1 
ATOM 1056 N N    . ASN A 1 67 ? 1.524   -10.427 3.337   1.00 0.64 ? 176 ASN A N    1 
ATOM 1057 C CA   . ASN A 1 67 ? 2.699   -11.318 3.552   1.00 0.69 ? 176 ASN A CA   1 
ATOM 1058 C C    . ASN A 1 67 ? 3.907   -10.783 2.781   1.00 0.61 ? 176 ASN A C    1 
ATOM 1059 O O    . ASN A 1 67 ? 4.714   -11.532 2.267   1.00 0.83 ? 176 ASN A O    1 
ATOM 1060 C CB   . ASN A 1 67 ? 2.266   -12.684 3.015   1.00 0.77 ? 176 ASN A CB   1 
ATOM 1061 C CG   . ASN A 1 67 ? 1.730   -12.537 1.589   1.00 0.69 ? 176 ASN A CG   1 
ATOM 1062 O OD1  . ASN A 1 67 ? 1.159   -13.461 1.045   1.00 1.36 ? 176 ASN A OD1  1 
ATOM 1063 N ND2  . ASN A 1 67 ? 1.891   -11.408 0.957   1.00 0.77 ? 176 ASN A ND2  1 
ATOM 1064 H H    . ASN A 1 67 ? 1.628   -9.592  2.837   1.00 0.57 ? 176 ASN A H    1 
ATOM 1065 H HA   . ASN A 1 67 ? 2.926   -11.392 4.603   1.00 0.83 ? 176 ASN A HA   1 
ATOM 1066 H HB2  . ASN A 1 67 ? 3.112   -13.355 3.014   1.00 0.95 ? 176 ASN A HB2  1 
ATOM 1067 H HB3  . ASN A 1 67 ? 1.489   -13.088 3.648   1.00 0.97 ? 176 ASN A HB3  1 
ATOM 1068 H HD21 . ASN A 1 67 ? 2.351   -10.662 1.395   1.00 1.38 ? 176 ASN A HD21 1 
ATOM 1069 H HD22 . ASN A 1 67 ? 1.552   -11.305 0.044   1.00 0.68 ? 176 ASN A HD22 1 
ATOM 1070 N N    . LYS A 1 68 ? 4.033   -9.487  2.696   1.00 0.46 ? 177 LYS A N    1 
ATOM 1071 C CA   . LYS A 1 68 ? 5.185   -8.891  1.962   1.00 0.47 ? 177 LYS A CA   1 
ATOM 1072 C C    . LYS A 1 68 ? 5.741   -7.684  2.726   1.00 0.42 ? 177 LYS A C    1 
ATOM 1073 O O    . LYS A 1 68 ? 5.004   -6.916  3.313   1.00 0.74 ? 177 LYS A O    1 
ATOM 1074 C CB   . LYS A 1 68 ? 4.608   -8.448  0.620   1.00 0.60 ? 177 LYS A CB   1 
ATOM 1075 C CG   . LYS A 1 68 ? 5.482   -8.994  -0.506  1.00 0.59 ? 177 LYS A CG   1 
ATOM 1076 C CD   . LYS A 1 68 ? 5.778   -10.469 -0.241  1.00 1.38 ? 177 LYS A CD   1 
ATOM 1077 C CE   . LYS A 1 68 ? 5.871   -11.218 -1.574  1.00 1.95 ? 177 LYS A CE   1 
ATOM 1078 N NZ   . LYS A 1 68 ? 7.240   -11.800 -1.595  1.00 2.37 ? 177 LYS A NZ   1 
ATOM 1079 H H    . LYS A 1 68 ? 3.369   -8.904  3.116   1.00 0.53 ? 177 LYS A H    1 
ATOM 1080 H HA   . LYS A 1 68 ? 5.957   -9.628  1.808   1.00 0.57 ? 177 LYS A HA   1 
ATOM 1081 H HB2  . LYS A 1 68 ? 3.602   -8.830  0.517   1.00 0.87 ? 177 LYS A HB2  1 
ATOM 1082 H HB3  . LYS A 1 68 ? 4.592   -7.369  0.572   1.00 0.71 ? 177 LYS A HB3  1 
ATOM 1083 H HG2  . LYS A 1 68 ? 4.962   -8.892  -1.448  1.00 1.27 ? 177 LYS A HG2  1 
ATOM 1084 H HG3  . LYS A 1 68 ? 6.410   -8.443  -0.542  1.00 0.82 ? 177 LYS A HG3  1 
ATOM 1085 H HD2  . LYS A 1 68 ? 6.715   -10.558 0.291   1.00 1.73 ? 177 LYS A HD2  1 
ATOM 1086 H HD3  . LYS A 1 68 ? 4.982   -10.894 0.355   1.00 1.83 ? 177 LYS A HD3  1 
ATOM 1087 H HE2  . LYS A 1 68 ? 5.126   -12.000 -1.616  1.00 2.30 ? 177 LYS A HE2  1 
ATOM 1088 H HE3  . LYS A 1 68 ? 5.748   -10.533 -2.398  1.00 2.26 ? 177 LYS A HE3  1 
ATOM 1089 H HZ1  . LYS A 1 68 ? 7.832   -11.322 -0.886  1.00 2.77 ? 177 LYS A HZ1  1 
ATOM 1090 H HZ2  . LYS A 1 68 ? 7.188   -12.816 -1.377  1.00 2.49 ? 177 LYS A HZ2  1 
ATOM 1091 H HZ3  . LYS A 1 68 ? 7.659   -11.668 -2.537  1.00 2.84 ? 177 LYS A HZ3  1 
ATOM 1092 N N    . MET A 1 69 ? 7.033   -7.506  2.713   1.00 0.56 ? 178 MET A N    1 
ATOM 1093 C CA   . MET A 1 69 ? 7.630   -6.341  3.430   1.00 0.51 ? 178 MET A CA   1 
ATOM 1094 C C    . MET A 1 69 ? 7.470   -5.076  2.585   1.00 0.61 ? 178 MET A C    1 
ATOM 1095 O O    . MET A 1 69 ? 8.032   -4.040  2.881   1.00 1.18 ? 178 MET A O    1 
ATOM 1096 C CB   . MET A 1 69 ? 9.109   -6.692  3.595   1.00 0.61 ? 178 MET A CB   1 
ATOM 1097 C CG   . MET A 1 69 ? 9.683   -7.136  2.248   1.00 1.20 ? 178 MET A CG   1 
ATOM 1098 S SD   . MET A 1 69 ? 9.155   -8.832  1.900   1.00 1.90 ? 178 MET A SD   1 
ATOM 1099 C CE   . MET A 1 69 ? 10.805  -9.565  1.789   1.00 2.77 ? 178 MET A CE   1 
ATOM 1100 H H    . MET A 1 69 ? 7.609   -8.132  2.227   1.00 0.92 ? 178 MET A H    1 
ATOM 1101 H HA   . MET A 1 69 ? 7.169   -6.213  4.396   1.00 0.47 ? 178 MET A HA   1 
ATOM 1102 H HB2  . MET A 1 69 ? 9.647   -5.823  3.947   1.00 1.10 ? 178 MET A HB2  1 
ATOM 1103 H HB3  . MET A 1 69 ? 9.212   -7.494  4.310   1.00 0.95 ? 178 MET A HB3  1 
ATOM 1104 H HG2  . MET A 1 69 ? 9.322   -6.479  1.470   1.00 1.86 ? 178 MET A HG2  1 
ATOM 1105 H HG3  . MET A 1 69 ? 10.761  -7.094  2.283   1.00 1.80 ? 178 MET A HG3  1 
ATOM 1106 H HE1  . MET A 1 69 ? 11.478  -9.038  2.450   1.00 3.12 ? 178 MET A HE1  1 
ATOM 1107 H HE2  . MET A 1 69 ? 10.759  -10.603 2.077   1.00 3.25 ? 178 MET A HE2  1 
ATOM 1108 H HE3  . MET A 1 69 ? 11.162  -9.493  0.770   1.00 3.16 ? 178 MET A HE3  1 
ATOM 1109 N N    . VAL A 1 70 ? 6.706   -5.159  1.531   1.00 0.56 ? 179 VAL A N    1 
ATOM 1110 C CA   . VAL A 1 70 ? 6.499   -3.972  0.654   1.00 0.58 ? 179 VAL A CA   1 
ATOM 1111 C C    . VAL A 1 70 ? 6.896   -2.686  1.385   1.00 0.56 ? 179 VAL A C    1 
ATOM 1112 O O    . VAL A 1 70 ? 7.044   -2.665  2.590   1.00 0.84 ? 179 VAL A O    1 
ATOM 1113 C CB   . VAL A 1 70 ? 5.003   -3.970  0.344   1.00 0.60 ? 179 VAL A CB   1 
ATOM 1114 C CG1  . VAL A 1 70 ? 4.645   -5.223  -0.459  1.00 0.80 ? 179 VAL A CG1  1 
ATOM 1115 C CG2  . VAL A 1 70 ? 4.212   -3.962  1.654   1.00 0.80 ? 179 VAL A CG2  1 
ATOM 1116 H H    . VAL A 1 70 ? 6.266   -6.008  1.314   1.00 0.94 ? 179 VAL A H    1 
ATOM 1117 H HA   . VAL A 1 70 ? 7.063   -4.075  -0.259  1.00 0.70 ? 179 VAL A HA   1 
ATOM 1118 H HB   . VAL A 1 70 ? 4.756   -3.090  -0.233  1.00 0.80 ? 179 VAL A HB   1 
ATOM 1119 H HG11 . VAL A 1 70 ? 5.527   -5.596  -0.959  1.00 1.49 ? 179 VAL A HG11 1 
ATOM 1120 H HG12 . VAL A 1 70 ? 4.261   -5.981  0.207   1.00 1.25 ? 179 VAL A HG12 1 
ATOM 1121 H HG13 . VAL A 1 70 ? 3.893   -4.976  -1.195  1.00 1.23 ? 179 VAL A HG13 1 
ATOM 1122 H HG21 . VAL A 1 70 ? 4.734   -3.361  2.385   1.00 1.26 ? 179 VAL A HG21 1 
ATOM 1123 H HG22 . VAL A 1 70 ? 3.231   -3.547  1.481   1.00 1.35 ? 179 VAL A HG22 1 
ATOM 1124 H HG23 . VAL A 1 70 ? 4.115   -4.973  2.024   1.00 1.32 ? 179 VAL A HG23 1 
ATOM 1125 N N    . GLU A 1 71 ? 7.068   -1.614  0.660   1.00 0.44 ? 180 GLU A N    1 
ATOM 1126 C CA   . GLU A 1 71 ? 7.453   -0.326  1.307   1.00 0.44 ? 180 GLU A CA   1 
ATOM 1127 C C    . GLU A 1 71 ? 6.298   0.676   1.213   1.00 0.38 ? 180 GLU A C    1 
ATOM 1128 O O    . GLU A 1 71 ? 5.519   0.650   0.283   1.00 0.41 ? 180 GLU A O    1 
ATOM 1129 C CB   . GLU A 1 71 ? 8.658   0.174   0.510   1.00 0.54 ? 180 GLU A CB   1 
ATOM 1130 C CG   . GLU A 1 71 ? 9.013   1.592   0.961   1.00 0.60 ? 180 GLU A CG   1 
ATOM 1131 C CD   . GLU A 1 71 ? 10.292  2.049   0.259   1.00 1.09 ? 180 GLU A CD   1 
ATOM 1132 O OE1  . GLU A 1 71 ? 11.309  1.399   0.441   1.00 1.65 ? 180 GLU A OE1  1 
ATOM 1133 O OE2  . GLU A 1 71 ? 10.235  3.040   -0.450  1.00 1.68 ? 180 GLU A OE2  1 
ATOM 1134 H H    . GLU A 1 71 ? 6.943   -1.655  -0.311  1.00 0.57 ? 180 GLU A H    1 
ATOM 1135 H HA   . GLU A 1 71 ? 7.732   -0.488  2.336   1.00 0.51 ? 180 GLU A HA   1 
ATOM 1136 H HB2  . GLU A 1 71 ? 9.500   -0.482  0.680   1.00 0.69 ? 180 GLU A HB2  1 
ATOM 1137 H HB3  . GLU A 1 71 ? 8.416   0.183   -0.543  1.00 0.61 ? 180 GLU A HB3  1 
ATOM 1138 H HG2  . GLU A 1 71 ? 8.204   2.261   0.708   1.00 0.80 ? 180 GLU A HG2  1 
ATOM 1139 H HG3  . GLU A 1 71 ? 9.168   1.601   2.029   1.00 0.84 ? 180 GLU A HG3  1 
ATOM 1140 N N    . CYS A 1 72 ? 6.182   1.557   2.169   1.00 0.39 ? 181 CYS A N    1 
ATOM 1141 C CA   . CYS A 1 72 ? 5.074   2.555   2.128   1.00 0.40 ? 181 CYS A CA   1 
ATOM 1142 C C    . CYS A 1 72 ? 5.629   3.981   2.199   1.00 0.45 ? 181 CYS A C    1 
ATOM 1143 O O    . CYS A 1 72 ? 6.610   4.244   2.866   1.00 0.80 ? 181 CYS A O    1 
ATOM 1144 C CB   . CYS A 1 72 ? 4.225   2.256   3.363   1.00 0.67 ? 181 CYS A CB   1 
ATOM 1145 S SG   . CYS A 1 72 ? 2.502   2.004   2.868   1.00 1.88 ? 181 CYS A SG   1 
ATOM 1146 H H    . CYS A 1 72 ? 6.819   1.563   2.912   1.00 0.47 ? 181 CYS A H    1 
ATOM 1147 H HA   . CYS A 1 72 ? 4.482   2.425   1.235   1.00 0.41 ? 181 CYS A HA   1 
ATOM 1148 H HB2  . CYS A 1 72 ? 4.595   1.365   3.848   1.00 1.25 ? 181 CYS A HB2  1 
ATOM 1149 H HB3  . CYS A 1 72 ? 4.283   3.089   4.048   1.00 1.06 ? 181 CYS A HB3  1 
ATOM 1150 H HG   . CYS A 1 72 ? 1.941   2.424   3.523   1.00 2.22 ? 181 CYS A HG   1 
ATOM 1151 N N    . LYS A 1 73 ? 4.999   4.902   1.524   1.00 0.43 ? 182 LYS A N    1 
ATOM 1152 C CA   . LYS A 1 73 ? 5.472   6.315   1.558   1.00 0.58 ? 182 LYS A CA   1 
ATOM 1153 C C    . LYS A 1 73 ? 4.279   7.260   1.411   1.00 0.53 ? 182 LYS A C    1 
ATOM 1154 O O    . LYS A 1 73 ? 3.400   7.043   0.600   1.00 0.75 ? 182 LYS A O    1 
ATOM 1155 C CB   . LYS A 1 73 ? 6.417   6.460   0.364   1.00 0.75 ? 182 LYS A CB   1 
ATOM 1156 C CG   . LYS A 1 73 ? 7.755   5.781   0.673   1.00 0.95 ? 182 LYS A CG   1 
ATOM 1157 C CD   . LYS A 1 73 ? 8.875   6.470   -0.113  1.00 1.38 ? 182 LYS A CD   1 
ATOM 1158 C CE   . LYS A 1 73 ? 9.624   5.432   -0.954  1.00 1.94 ? 182 LYS A CE   1 
ATOM 1159 N NZ   . LYS A 1 73 ? 10.743  6.186   -1.590  1.00 2.35 ? 182 LYS A NZ   1 
ATOM 1160 H H    . LYS A 1 73 ? 4.204   4.666   1.001   1.00 0.60 ? 182 LYS A H    1 
ATOM 1161 H HA   . LYS A 1 73 ? 6.002   6.515   2.476   1.00 0.73 ? 182 LYS A HA   1 
ATOM 1162 H HB2  . LYS A 1 73 ? 5.970   6.000   -0.506  1.00 0.77 ? 182 LYS A HB2  1 
ATOM 1163 H HB3  . LYS A 1 73 ? 6.585   7.509   0.169   1.00 0.94 ? 182 LYS A HB3  1 
ATOM 1164 H HG2  . LYS A 1 73 ? 7.958   5.854   1.732   1.00 1.35 ? 182 LYS A HG2  1 
ATOM 1165 H HG3  . LYS A 1 73 ? 7.705   4.740   0.387   1.00 0.97 ? 182 LYS A HG3  1 
ATOM 1166 H HD2  . LYS A 1 73 ? 8.449   7.221   -0.761  1.00 1.86 ? 182 LYS A HD2  1 
ATOM 1167 H HD3  . LYS A 1 73 ? 9.563   6.936   0.576   1.00 1.88 ? 182 LYS A HD3  1 
ATOM 1168 H HE2  . LYS A 1 73 ? 10.010  4.644   -0.323  1.00 2.27 ? 182 LYS A HE2  1 
ATOM 1169 H HE3  . LYS A 1 73 ? 8.976   5.025   -1.715  1.00 2.55 ? 182 LYS A HE3  1 
ATOM 1170 H HZ1  . LYS A 1 73 ? 10.799  7.139   -1.179  1.00 2.68 ? 182 LYS A HZ1  1 
ATOM 1171 H HZ2  . LYS A 1 73 ? 11.639  5.682   -1.424  1.00 2.80 ? 182 LYS A HZ2  1 
ATOM 1172 H HZ3  . LYS A 1 73 ? 10.573  6.262   -2.613  1.00 2.56 ? 182 LYS A HZ3  1 
ATOM 1173 N N    . LYS A 1 74 ? 4.236   8.306   2.188   1.00 0.64 ? 183 LYS A N    1 
ATOM 1174 C CA   . LYS A 1 74 ? 3.090   9.257   2.086   1.00 0.62 ? 183 LYS A CA   1 
ATOM 1175 C C    . LYS A 1 74 ? 3.098   9.946   0.721   1.00 0.53 ? 183 LYS A C    1 
ATOM 1176 O O    . LYS A 1 74 ? 3.581   11.052  0.573   1.00 0.71 ? 183 LYS A O    1 
ATOM 1177 C CB   . LYS A 1 74 ? 3.311   10.278  3.202   1.00 0.99 ? 183 LYS A CB   1 
ATOM 1178 C CG   . LYS A 1 74 ? 3.638   11.638  2.585   1.00 1.60 ? 183 LYS A CG   1 
ATOM 1179 C CD   . LYS A 1 74 ? 4.991   11.565  1.874   1.00 2.31 ? 183 LYS A CD   1 
ATOM 1180 C CE   . LYS A 1 74 ? 6.062   12.225  2.746   1.00 3.00 ? 183 LYS A CE   1 
ATOM 1181 N NZ   . LYS A 1 74 ? 7.321   12.111  1.960   1.00 3.69 ? 183 LYS A NZ   1 
ATOM 1182 H H    . LYS A 1 74 ? 4.952   8.466   2.835   1.00 0.91 ? 183 LYS A H    1 
ATOM 1183 H HA   . LYS A 1 74 ? 2.155   8.740   2.239   1.00 0.63 ? 183 LYS A HA   1 
ATOM 1184 H HB2  . LYS A 1 74 ? 2.414   10.359  3.800   1.00 1.59 ? 183 LYS A HB2  1 
ATOM 1185 H HB3  . LYS A 1 74 ? 4.133   9.959   3.826   1.00 1.53 ? 183 LYS A HB3  1 
ATOM 1186 H HG2  . LYS A 1 74 ? 2.870   11.902  1.873   1.00 2.12 ? 183 LYS A HG2  1 
ATOM 1187 H HG3  . LYS A 1 74 ? 3.681   12.386  3.363   1.00 2.13 ? 183 LYS A HG3  1 
ATOM 1188 H HD2  . LYS A 1 74 ? 5.251   10.531  1.702   1.00 2.66 ? 183 LYS A HD2  1 
ATOM 1189 H HD3  . LYS A 1 74 ? 4.929   12.083  0.929   1.00 2.68 ? 183 LYS A HD3  1 
ATOM 1190 H HE2  . LYS A 1 74 ? 5.815   13.264  2.919   1.00 3.42 ? 183 LYS A HE2  1 
ATOM 1191 H HE3  . LYS A 1 74 ? 6.162   11.700  3.683   1.00 3.13 ? 183 LYS A HE3  1 
ATOM 1192 H HZ1  . LYS A 1 74 ? 7.448   11.127  1.649   1.00 4.04 ? 183 LYS A HZ1  1 
ATOM 1193 H HZ2  . LYS A 1 74 ? 7.268   12.735  1.129   1.00 4.12 ? 183 LYS A HZ2  1 
ATOM 1194 H HZ3  . LYS A 1 74 ? 8.126   12.391  2.554   1.00 3.91 ? 183 LYS A HZ3  1 
ATOM 1195 N N    . ALA A 1 75 ? 2.566   9.299   -0.275  1.00 0.47 ? 184 ALA A N    1 
ATOM 1196 C CA   . ALA A 1 75 ? 2.542   9.911   -1.634  1.00 0.75 ? 184 ALA A CA   1 
ATOM 1197 C C    . ALA A 1 75 ? 1.771   11.234  -1.608  1.00 0.99 ? 184 ALA A C    1 
ATOM 1198 O O    . ALA A 1 75 ? 0.556   11.257  -1.629  1.00 1.31 ? 184 ALA A O    1 
ATOM 1199 C CB   . ALA A 1 75 ? 1.820   8.893   -2.520  1.00 0.78 ? 184 ALA A CB   1 
ATOM 1200 H H    . ALA A 1 75 ? 2.185   8.409   -0.131  1.00 0.40 ? 184 ALA A H    1 
ATOM 1201 H HA   . ALA A 1 75 ? 3.546   10.066  -1.995  1.00 1.08 ? 184 ALA A HA   1 
ATOM 1202 H HB1  . ALA A 1 75 ? 2.136   7.895   -2.256  1.00 1.26 ? 184 ALA A HB1  1 
ATOM 1203 H HB2  . ALA A 1 75 ? 0.753   8.983   -2.375  1.00 1.38 ? 184 ALA A HB2  1 
ATOM 1204 H HB3  . ALA A 1 75 ? 2.057   9.083   -3.557  1.00 1.33 ? 184 ALA A HB3  1 
# 
